data_3IJF
# 
_entry.id   3IJF 
# 
_audit_conform.dict_name       mmcif_pdbx.dic 
_audit_conform.dict_version    5.378 
_audit_conform.dict_location   http://mmcif.pdb.org/dictionaries/ascii/mmcif_pdbx.dic 
# 
loop_
_database_2.database_id 
_database_2.database_code 
_database_2.pdbx_database_accession 
_database_2.pdbx_DOI 
PDB   3IJF         pdb_00003ijf 10.2210/pdb3ijf/pdb 
RCSB  RCSB054486   ?            ?                   
WWPDB D_1000054486 ?            ?                   
# 
_pdbx_database_related.db_name        PDB 
_pdbx_database_related.db_id          2fr5 
_pdbx_database_related.details        . 
_pdbx_database_related.content_type   unspecified 
# 
_pdbx_database_status.status_code                     REL 
_pdbx_database_status.entry_id                        3IJF 
_pdbx_database_status.recvd_initial_deposition_date   2009-08-04 
_pdbx_database_status.deposit_site                    RCSB 
_pdbx_database_status.process_site                    RCSB 
_pdbx_database_status.status_code_sf                  REL 
_pdbx_database_status.status_code_mr                  ? 
_pdbx_database_status.SG_entry                        ? 
_pdbx_database_status.pdb_format_compatible           Y 
_pdbx_database_status.status_code_cs                  ? 
_pdbx_database_status.status_code_nmr_data            ? 
_pdbx_database_status.methods_development_category    ? 
# 
loop_
_audit_author.name 
_audit_author.pdbx_ordinal 
'De Azevedo Jr., W.F.' 1 
'Basso, L.A.'          2 
'Santos, D.S.'         3 
# 
_citation.id                        primary 
_citation.title                     
'Structural and functional analyses of Mycobacterium tuberculosis Rv3315c-encoded metal-dependent homotetrameric cytidine deaminase.' 
_citation.journal_abbrev            J.Struct.Biol. 
_citation.journal_volume            169 
_citation.page_first                413 
_citation.page_last                 423 
_citation.year                      2010 
_citation.journal_id_ASTM           JSBIEM 
_citation.country                   US 
_citation.journal_id_ISSN           1047-8477 
_citation.journal_id_CSD            0803 
_citation.book_publisher            ? 
_citation.pdbx_database_id_PubMed   20035876 
_citation.pdbx_database_id_DOI      10.1016/j.jsb.2009.12.019 
# 
loop_
_citation_author.citation_id 
_citation_author.name 
_citation_author.ordinal 
_citation_author.identifier_ORCID 
primary 'Sanchez-Quitian, Z.A.' 1 ? 
primary 'Schneider, C.Z.'       2 ? 
primary 'Ducati, R.G.'          3 ? 
primary 'de Azevedo, W.F.'      4 ? 
primary 'Bloch, C.'             5 ? 
primary 'Basso, L.A.'           6 ? 
primary 'Santos, D.S.'          7 ? 
# 
_cell.entry_id           3IJF 
_cell.length_a           63.705 
_cell.length_b           75.338 
_cell.length_c           55.116 
_cell.angle_alpha        90.00 
_cell.angle_beta         90.00 
_cell.angle_gamma        90.00 
_cell.Z_PDB              8 
_cell.pdbx_unique_axis   ? 
_cell.length_a_esd       ? 
_cell.length_b_esd       ? 
_cell.length_c_esd       ? 
_cell.angle_alpha_esd    ? 
_cell.angle_beta_esd     ? 
_cell.angle_gamma_esd    ? 
# 
_symmetry.entry_id                         3IJF 
_symmetry.space_group_name_H-M             'C 2 2 2' 
_symmetry.pdbx_full_space_group_name_H-M   ? 
_symmetry.cell_setting                     ? 
_symmetry.Int_Tables_number                21 
_symmetry.space_group_name_Hall            ? 
# 
loop_
_entity.id 
_entity.type 
_entity.src_method 
_entity.pdbx_description 
_entity.formula_weight 
_entity.pdbx_number_of_molecules 
_entity.pdbx_ec 
_entity.pdbx_mutation 
_entity.pdbx_fragment 
_entity.details 
1 polymer     man 'Cytidine deaminase' 14088.142 1  3.5.4.5 ? ? ? 
2 non-polymer syn 'ZINC ION'           65.409    1  ?       ? ? ? 
3 water       nat water                18.015    89 ?       ? ? ? 
# 
_entity_name_com.entity_id   1 
_entity_name_com.name        'PROBABLE CYTIDINE DEAMINASE CDD (CYTIDINE AMINOHYDROLASE) (CYTIDINE NUCLEOSIDE DEAMINASE)' 
# 
_entity_poly.entity_id                      1 
_entity_poly.type                           'polypeptide(L)' 
_entity_poly.nstd_linkage                   no 
_entity_poly.nstd_monomer                   no 
_entity_poly.pdbx_seq_one_letter_code       
;MPDVDWNMLRGNATQAAAGAYVPYSRFAVGAAALVDDGRVVTGCNVENVSYGLTLCAECAVVCALHSTGGGRLLALACVD
GHGSVLMPCGRCRQVLLEHGGSELLIDHPVRPRRLGDLLPDAFGLDDLPRERR
;
_entity_poly.pdbx_seq_one_letter_code_can   
;MPDVDWNMLRGNATQAAAGAYVPYSRFAVGAAALVDDGRVVTGCNVENVSYGLTLCAECAVVCALHSTGGGRLLALACVD
GHGSVLMPCGRCRQVLLEHGGSELLIDHPVRPRRLGDLLPDAFGLDDLPRERR
;
_entity_poly.pdbx_strand_id                 X 
_entity_poly.pdbx_target_identifier         ? 
# 
loop_
_entity_poly_seq.entity_id 
_entity_poly_seq.num 
_entity_poly_seq.mon_id 
_entity_poly_seq.hetero 
1 1   MET n 
1 2   PRO n 
1 3   ASP n 
1 4   VAL n 
1 5   ASP n 
1 6   TRP n 
1 7   ASN n 
1 8   MET n 
1 9   LEU n 
1 10  ARG n 
1 11  GLY n 
1 12  ASN n 
1 13  ALA n 
1 14  THR n 
1 15  GLN n 
1 16  ALA n 
1 17  ALA n 
1 18  ALA n 
1 19  GLY n 
1 20  ALA n 
1 21  TYR n 
1 22  VAL n 
1 23  PRO n 
1 24  TYR n 
1 25  SER n 
1 26  ARG n 
1 27  PHE n 
1 28  ALA n 
1 29  VAL n 
1 30  GLY n 
1 31  ALA n 
1 32  ALA n 
1 33  ALA n 
1 34  LEU n 
1 35  VAL n 
1 36  ASP n 
1 37  ASP n 
1 38  GLY n 
1 39  ARG n 
1 40  VAL n 
1 41  VAL n 
1 42  THR n 
1 43  GLY n 
1 44  CYS n 
1 45  ASN n 
1 46  VAL n 
1 47  GLU n 
1 48  ASN n 
1 49  VAL n 
1 50  SER n 
1 51  TYR n 
1 52  GLY n 
1 53  LEU n 
1 54  THR n 
1 55  LEU n 
1 56  CYS n 
1 57  ALA n 
1 58  GLU n 
1 59  CYS n 
1 60  ALA n 
1 61  VAL n 
1 62  VAL n 
1 63  CYS n 
1 64  ALA n 
1 65  LEU n 
1 66  HIS n 
1 67  SER n 
1 68  THR n 
1 69  GLY n 
1 70  GLY n 
1 71  GLY n 
1 72  ARG n 
1 73  LEU n 
1 74  LEU n 
1 75  ALA n 
1 76  LEU n 
1 77  ALA n 
1 78  CYS n 
1 79  VAL n 
1 80  ASP n 
1 81  GLY n 
1 82  HIS n 
1 83  GLY n 
1 84  SER n 
1 85  VAL n 
1 86  LEU n 
1 87  MET n 
1 88  PRO n 
1 89  CYS n 
1 90  GLY n 
1 91  ARG n 
1 92  CYS n 
1 93  ARG n 
1 94  GLN n 
1 95  VAL n 
1 96  LEU n 
1 97  LEU n 
1 98  GLU n 
1 99  HIS n 
1 100 GLY n 
1 101 GLY n 
1 102 SER n 
1 103 GLU n 
1 104 LEU n 
1 105 LEU n 
1 106 ILE n 
1 107 ASP n 
1 108 HIS n 
1 109 PRO n 
1 110 VAL n 
1 111 ARG n 
1 112 PRO n 
1 113 ARG n 
1 114 ARG n 
1 115 LEU n 
1 116 GLY n 
1 117 ASP n 
1 118 LEU n 
1 119 LEU n 
1 120 PRO n 
1 121 ASP n 
1 122 ALA n 
1 123 PHE n 
1 124 GLY n 
1 125 LEU n 
1 126 ASP n 
1 127 ASP n 
1 128 LEU n 
1 129 PRO n 
1 130 ARG n 
1 131 GLU n 
1 132 ARG n 
1 133 ARG n 
# 
_entity_src_gen.entity_id                          1 
_entity_src_gen.pdbx_src_id                        1 
_entity_src_gen.pdbx_alt_source_flag               sample 
_entity_src_gen.pdbx_seq_type                      ? 
_entity_src_gen.pdbx_beg_seq_num                   ? 
_entity_src_gen.pdbx_end_seq_num                   ? 
_entity_src_gen.gene_src_common_name               ? 
_entity_src_gen.gene_src_genus                     ? 
_entity_src_gen.pdbx_gene_src_gene                 'cdd, MT3416, Rv3315c' 
_entity_src_gen.gene_src_species                   ? 
_entity_src_gen.gene_src_strain                    H37Rv 
_entity_src_gen.gene_src_tissue                    ? 
_entity_src_gen.gene_src_tissue_fraction           ? 
_entity_src_gen.gene_src_details                   ? 
_entity_src_gen.pdbx_gene_src_fragment             ? 
_entity_src_gen.pdbx_gene_src_scientific_name      'Mycobacterium tuberculosis' 
_entity_src_gen.pdbx_gene_src_ncbi_taxonomy_id     1773 
_entity_src_gen.pdbx_gene_src_variant              ? 
_entity_src_gen.pdbx_gene_src_cell_line            ? 
_entity_src_gen.pdbx_gene_src_atcc                 ? 
_entity_src_gen.pdbx_gene_src_organ                ? 
_entity_src_gen.pdbx_gene_src_organelle            ? 
_entity_src_gen.pdbx_gene_src_cell                 ? 
_entity_src_gen.pdbx_gene_src_cellular_location    ? 
_entity_src_gen.host_org_common_name               ? 
_entity_src_gen.pdbx_host_org_scientific_name      'Escherichia coli BL21(DE3)' 
_entity_src_gen.pdbx_host_org_ncbi_taxonomy_id     469008 
_entity_src_gen.host_org_genus                     ? 
_entity_src_gen.pdbx_host_org_gene                 ? 
_entity_src_gen.pdbx_host_org_organ                ? 
_entity_src_gen.host_org_species                   ? 
_entity_src_gen.pdbx_host_org_tissue               ? 
_entity_src_gen.pdbx_host_org_tissue_fraction      ? 
_entity_src_gen.pdbx_host_org_strain               'BL21(DE3)' 
_entity_src_gen.pdbx_host_org_variant              ? 
_entity_src_gen.pdbx_host_org_cell_line            ? 
_entity_src_gen.pdbx_host_org_atcc                 ? 
_entity_src_gen.pdbx_host_org_culture_collection   ? 
_entity_src_gen.pdbx_host_org_cell                 ? 
_entity_src_gen.pdbx_host_org_organelle            ? 
_entity_src_gen.pdbx_host_org_cellular_location    ? 
_entity_src_gen.pdbx_host_org_vector_type          Plasmid 
_entity_src_gen.pdbx_host_org_vector               ? 
_entity_src_gen.host_org_details                   ? 
_entity_src_gen.expression_system_id               ? 
_entity_src_gen.plasmid_name                       'pET-23a(+)' 
_entity_src_gen.plasmid_details                    ? 
_entity_src_gen.pdbx_description                   ? 
# 
_struct_ref.id                         1 
_struct_ref.db_name                    UNP 
_struct_ref.db_code                    O53367_MYCTU 
_struct_ref.pdbx_db_accession          O53367 
_struct_ref.entity_id                  1 
_struct_ref.pdbx_seq_one_letter_code   
;MPDVDWNMLRGNATQAAAGAYVPYSRFAVGAAALVDDGRVVTGCNVENVSYGLTLCAECAVVCALHSTGGGRLLALACVD
GHGSVLMPCGRCRQVLLEHGGSELLIDHPVRPRRLGDLLPDAFGLDDLPRERR
;
_struct_ref.pdbx_align_begin           1 
_struct_ref.pdbx_db_isoform            ? 
# 
_struct_ref_seq.align_id                      1 
_struct_ref_seq.ref_id                        1 
_struct_ref_seq.pdbx_PDB_id_code              3IJF 
_struct_ref_seq.pdbx_strand_id                X 
_struct_ref_seq.seq_align_beg                 1 
_struct_ref_seq.pdbx_seq_align_beg_ins_code   ? 
_struct_ref_seq.seq_align_end                 133 
_struct_ref_seq.pdbx_seq_align_end_ins_code   ? 
_struct_ref_seq.pdbx_db_accession             O53367 
_struct_ref_seq.db_align_beg                  1 
_struct_ref_seq.pdbx_db_align_beg_ins_code    ? 
_struct_ref_seq.db_align_end                  133 
_struct_ref_seq.pdbx_db_align_end_ins_code    ? 
_struct_ref_seq.pdbx_auth_seq_align_beg       1 
_struct_ref_seq.pdbx_auth_seq_align_end       133 
# 
loop_
_chem_comp.id 
_chem_comp.type 
_chem_comp.mon_nstd_flag 
_chem_comp.name 
_chem_comp.pdbx_synonyms 
_chem_comp.formula 
_chem_comp.formula_weight 
ALA 'L-peptide linking' y ALANINE         ? 'C3 H7 N O2'     89.093  
ARG 'L-peptide linking' y ARGININE        ? 'C6 H15 N4 O2 1' 175.209 
ASN 'L-peptide linking' y ASPARAGINE      ? 'C4 H8 N2 O3'    132.118 
ASP 'L-peptide linking' y 'ASPARTIC ACID' ? 'C4 H7 N O4'     133.103 
CYS 'L-peptide linking' y CYSTEINE        ? 'C3 H7 N O2 S'   121.158 
GLN 'L-peptide linking' y GLUTAMINE       ? 'C5 H10 N2 O3'   146.144 
GLU 'L-peptide linking' y 'GLUTAMIC ACID' ? 'C5 H9 N O4'     147.129 
GLY 'peptide linking'   y GLYCINE         ? 'C2 H5 N O2'     75.067  
HIS 'L-peptide linking' y HISTIDINE       ? 'C6 H10 N3 O2 1' 156.162 
HOH non-polymer         . WATER           ? 'H2 O'           18.015  
ILE 'L-peptide linking' y ISOLEUCINE      ? 'C6 H13 N O2'    131.173 
LEU 'L-peptide linking' y LEUCINE         ? 'C6 H13 N O2'    131.173 
MET 'L-peptide linking' y METHIONINE      ? 'C5 H11 N O2 S'  149.211 
PHE 'L-peptide linking' y PHENYLALANINE   ? 'C9 H11 N O2'    165.189 
PRO 'L-peptide linking' y PROLINE         ? 'C5 H9 N O2'     115.130 
SER 'L-peptide linking' y SERINE          ? 'C3 H7 N O3'     105.093 
THR 'L-peptide linking' y THREONINE       ? 'C4 H9 N O3'     119.119 
TRP 'L-peptide linking' y TRYPTOPHAN      ? 'C11 H12 N2 O2'  204.225 
TYR 'L-peptide linking' y TYROSINE        ? 'C9 H11 N O3'    181.189 
VAL 'L-peptide linking' y VALINE          ? 'C5 H11 N O2'    117.146 
ZN  non-polymer         . 'ZINC ION'      ? 'Zn 2'           65.409  
# 
_exptl.entry_id          3IJF 
_exptl.method            'X-RAY DIFFRACTION' 
_exptl.crystals_number   1 
# 
_exptl_crystal.id                    1 
_exptl_crystal.density_meas          ? 
_exptl_crystal.density_Matthews      2.35 
_exptl_crystal.density_percent_sol   47.59 
_exptl_crystal.description           ? 
_exptl_crystal.F_000                 ? 
_exptl_crystal.preparation           ? 
# 
_exptl_crystal_grow.crystal_id      1 
_exptl_crystal_grow.method          'VAPOR DIFFUSION, HANGING DROP' 
_exptl_crystal_grow.temp            293 
_exptl_crystal_grow.temp_details    ? 
_exptl_crystal_grow.pH              7.5 
_exptl_crystal_grow.pdbx_pH_range   ? 
_exptl_crystal_grow.pdbx_details    '100 mM HEPES and 4.3 M NaCl, pH 7.5, VAPOR DIFFUSION, HANGING DROP, temperature 293K' 
# 
_diffrn.id                     1 
_diffrn.ambient_temp           100 
_diffrn.ambient_temp_details   ? 
_diffrn.crystal_id             1 
# 
_diffrn_detector.diffrn_id              1 
_diffrn_detector.detector               'IMAGE PLATE' 
_diffrn_detector.type                   'MAC Science DIP-3000' 
_diffrn_detector.pdbx_collection_date   2009-02-07 
_diffrn_detector.details                ? 
# 
_diffrn_radiation.diffrn_id                        1 
_diffrn_radiation.wavelength_id                    1 
_diffrn_radiation.pdbx_monochromatic_or_laue_m_l   M 
_diffrn_radiation.monochromator                    GRAPHITE 
_diffrn_radiation.pdbx_diffrn_protocol             'SINGLE WAVELENGTH' 
_diffrn_radiation.pdbx_scattering_type             x-ray 
# 
_diffrn_radiation_wavelength.id           1 
_diffrn_radiation_wavelength.wavelength   1.437 
_diffrn_radiation_wavelength.wt           1.0 
# 
_diffrn_source.diffrn_id                   1 
_diffrn_source.source                      SYNCHROTRON 
_diffrn_source.type                        'LNLS BEAMLINE D03B-MX1' 
_diffrn_source.pdbx_synchrotron_site       LNLS 
_diffrn_source.pdbx_synchrotron_beamline   D03B-MX1 
_diffrn_source.pdbx_wavelength             ? 
_diffrn_source.pdbx_wavelength_list        1.437 
# 
_reflns.entry_id                     3IJF 
_reflns.observed_criterion_sigma_I   2 
_reflns.observed_criterion_sigma_F   2 
_reflns.d_resolution_low             22.27 
_reflns.d_resolution_high            1.99 
_reflns.number_obs                   9374 
_reflns.number_all                   20845 
_reflns.percent_possible_obs         97 
_reflns.pdbx_Rmerge_I_obs            0.086 
_reflns.pdbx_Rsym_value              0.086 
_reflns.pdbx_netI_over_sigmaI        10 
_reflns.B_iso_Wilson_estimate        ? 
_reflns.pdbx_redundancy              2.3 
_reflns.R_free_details               ? 
_reflns.limit_h_max                  ? 
_reflns.limit_h_min                  ? 
_reflns.limit_k_max                  ? 
_reflns.limit_k_min                  ? 
_reflns.limit_l_max                  ? 
_reflns.limit_l_min                  ? 
_reflns.observed_criterion_F_max     ? 
_reflns.observed_criterion_F_min     ? 
_reflns.pdbx_chi_squared             ? 
_reflns.pdbx_scaling_rejects         ? 
_reflns.pdbx_diffrn_id               1 
_reflns.pdbx_ordinal                 1 
# 
_refine.pdbx_refine_id                           'X-RAY DIFFRACTION' 
_refine.entry_id                                 3IJF 
_refine.ls_number_reflns_obs                     8621 
_refine.ls_number_reflns_all                     9374 
_refine.pdbx_ls_sigma_I                          ? 
_refine.pdbx_ls_sigma_F                          . 
_refine.pdbx_data_cutoff_high_absF               ? 
_refine.pdbx_data_cutoff_low_absF                ? 
_refine.pdbx_data_cutoff_high_rms_absF           ? 
_refine.ls_d_res_low                             18.24 
_refine.ls_d_res_high                            1.99 
_refine.ls_percent_reflns_obs                    96.99 
_refine.ls_R_factor_obs                          0.19264 
_refine.ls_R_factor_all                          ? 
_refine.ls_R_factor_R_work                       0.19017 
_refine.ls_R_factor_R_free                       0.24015 
_refine.ls_R_factor_R_free_error                 ? 
_refine.ls_R_factor_R_free_error_details         ? 
_refine.ls_percent_reflns_R_free                 4.8 
_refine.ls_number_reflns_R_free                  433 
_refine.ls_number_parameters                     ? 
_refine.ls_number_restraints                     ? 
_refine.occupancy_min                            ? 
_refine.occupancy_max                            ? 
_refine.correlation_coeff_Fo_to_Fc               0.937 
_refine.correlation_coeff_Fo_to_Fc_free          0.909 
_refine.B_iso_mean                               17.537 
_refine.aniso_B[1][1]                            0.01 
_refine.aniso_B[2][2]                            0.00 
_refine.aniso_B[3][3]                            -0.01 
_refine.aniso_B[1][2]                            0.00 
_refine.aniso_B[1][3]                            0.00 
_refine.aniso_B[2][3]                            0.00 
_refine.solvent_model_details                    MASK 
_refine.solvent_model_param_ksol                 ? 
_refine.solvent_model_param_bsol                 ? 
_refine.pdbx_solvent_vdw_probe_radii             1.20 
_refine.pdbx_solvent_ion_probe_radii             0.80 
_refine.pdbx_solvent_shrinkage_radii             0.80 
_refine.pdbx_ls_cross_valid_method               THROUGHOUT 
_refine.details                                  'HYDROGENS HAVE BEEN ADDED IN THE RIDING POSITIONS' 
_refine.pdbx_starting_model                      2fr5 
_refine.pdbx_method_to_determine_struct          'MOLECULAR REPLACEMENT' 
_refine.pdbx_isotropic_thermal_model             ? 
_refine.pdbx_stereochemistry_target_values       'MAXIMUM LIKELIHOOD' 
_refine.pdbx_stereochem_target_val_spec_case     ? 
_refine.pdbx_R_Free_selection_details            RANDOM 
_refine.pdbx_overall_ESU_R                       0.17 
_refine.pdbx_overall_ESU_R_Free                  0.16 
_refine.overall_SU_ML                            0.11 
_refine.pdbx_overall_phase_error                 ? 
_refine.overall_SU_B                             4.18 
_refine.overall_SU_R_Cruickshank_DPI             ? 
_refine.pdbx_overall_SU_R_free_Cruickshank_DPI   ? 
_refine.pdbx_overall_SU_R_Blow_DPI               ? 
_refine.pdbx_overall_SU_R_free_Blow_DPI          ? 
_refine.ls_redundancy_reflns_obs                 ? 
_refine.B_iso_min                                ? 
_refine.B_iso_max                                ? 
_refine.overall_SU_R_free                        ? 
_refine.ls_wR_factor_R_free                      ? 
_refine.ls_wR_factor_R_work                      ? 
_refine.overall_FOM_free_R_set                   ? 
_refine.overall_FOM_work_R_set                   ? 
_refine.pdbx_diffrn_id                           1 
_refine.pdbx_TLS_residual_ADP_flag               ? 
# 
_refine_hist.pdbx_refine_id                   'X-RAY DIFFRACTION' 
_refine_hist.cycle_id                         LAST 
_refine_hist.pdbx_number_atoms_protein        893 
_refine_hist.pdbx_number_atoms_nucleic_acid   0 
_refine_hist.pdbx_number_atoms_ligand         1 
_refine_hist.number_atoms_solvent             89 
_refine_hist.number_atoms_total               983 
_refine_hist.d_res_high                       1.99 
_refine_hist.d_res_low                        18.24 
# 
loop_
_refine_ls_restr.type 
_refine_ls_restr.dev_ideal 
_refine_ls_restr.dev_ideal_target 
_refine_ls_restr.weight 
_refine_ls_restr.number 
_refine_ls_restr.pdbx_refine_id 
_refine_ls_restr.pdbx_restraint_function 
r_bond_refined_d             0.019  0.02  ? 908  'X-RAY DIFFRACTION' ? 
r_bond_other_d               ?      ?     ? ?    'X-RAY DIFFRACTION' ? 
r_angle_refined_deg          2.161  1.96  ? 1235 'X-RAY DIFFRACTION' ? 
r_angle_other_deg            ?      ?     ? ?    'X-RAY DIFFRACTION' ? 
r_dihedral_angle_1_deg       5.942  5.00  ? 122  'X-RAY DIFFRACTION' ? 
r_dihedral_angle_2_deg       36.680 22.43 ? 37   'X-RAY DIFFRACTION' ? 
r_dihedral_angle_3_deg       20.873 15.00 ? 133  'X-RAY DIFFRACTION' ? 
r_dihedral_angle_4_deg       17.690 15.00 ? 9    'X-RAY DIFFRACTION' ? 
r_chiral_restr               0.191  0.20  ? 143  'X-RAY DIFFRACTION' ? 
r_gen_planes_refined         0.008  0.02  ? 697  'X-RAY DIFFRACTION' ? 
r_gen_planes_other           ?      ?     ? ?    'X-RAY DIFFRACTION' ? 
r_nbd_refined                0.250  0.20  ? 516  'X-RAY DIFFRACTION' ? 
r_nbd_other                  ?      ?     ? ?    'X-RAY DIFFRACTION' ? 
r_nbtor_refined              0.312  0.20  ? 631  'X-RAY DIFFRACTION' ? 
r_nbtor_other                ?      ?     ? ?    'X-RAY DIFFRACTION' ? 
r_xyhbond_nbd_refined        0.171  0.20  ? 75   'X-RAY DIFFRACTION' ? 
r_xyhbond_nbd_other          ?      ?     ? ?    'X-RAY DIFFRACTION' ? 
r_metal_ion_refined          ?      ?     ? ?    'X-RAY DIFFRACTION' ? 
r_metal_ion_other            ?      ?     ? ?    'X-RAY DIFFRACTION' ? 
r_symmetry_vdw_refined       0.239  0.20  ? 77   'X-RAY DIFFRACTION' ? 
r_symmetry_vdw_other         ?      ?     ? ?    'X-RAY DIFFRACTION' ? 
r_symmetry_hbond_refined     0.210  0.20  ? 10   'X-RAY DIFFRACTION' ? 
r_symmetry_hbond_other       ?      ?     ? ?    'X-RAY DIFFRACTION' ? 
r_symmetry_metal_ion_refined ?      ?     ? ?    'X-RAY DIFFRACTION' ? 
r_symmetry_metal_ion_other   ?      ?     ? ?    'X-RAY DIFFRACTION' ? 
r_mcbond_it                  0.974  1.500 ? 613  'X-RAY DIFFRACTION' ? 
r_mcbond_other               ?      ?     ? ?    'X-RAY DIFFRACTION' ? 
r_mcangle_it                 1.658  2.000 ? 952  'X-RAY DIFFRACTION' ? 
r_scbond_it                  2.855  3.000 ? 317  'X-RAY DIFFRACTION' ? 
r_scangle_it                 4.037  4.500 ? 283  'X-RAY DIFFRACTION' ? 
r_rigid_bond_restr           ?      ?     ? ?    'X-RAY DIFFRACTION' ? 
r_sphericity_free            ?      ?     ? ?    'X-RAY DIFFRACTION' ? 
r_sphericity_bonded          ?      ?     ? ?    'X-RAY DIFFRACTION' ? 
# 
_refine_ls_shell.pdbx_refine_id                   'X-RAY DIFFRACTION' 
_refine_ls_shell.pdbx_total_number_of_bins_used   20 
_refine_ls_shell.d_res_high                       1.994 
_refine_ls_shell.d_res_low                        2.046 
_refine_ls_shell.number_reflns_R_work             593 
_refine_ls_shell.R_factor_R_work                  0.246 
_refine_ls_shell.percent_reflns_obs               93.29 
_refine_ls_shell.R_factor_R_free                  0.320 
_refine_ls_shell.R_factor_R_free_error            ? 
_refine_ls_shell.percent_reflns_R_free            ? 
_refine_ls_shell.number_reflns_R_free             33 
_refine_ls_shell.number_reflns_all                ? 
_refine_ls_shell.R_factor_all                     ? 
_refine_ls_shell.redundancy_reflns_obs            ? 
_refine_ls_shell.number_reflns_obs                ? 
# 
_struct.entry_id                  3IJF 
_struct.title                     'Crystal structure of cytidine deaminase from Mycobacterium tuberculosis' 
_struct.pdbx_model_details        ? 
_struct.pdbx_CASP_flag            ? 
_struct.pdbx_model_type_details   ? 
# 
_struct_keywords.entry_id        3IJF 
_struct_keywords.pdbx_keywords   HYDROLASE 
_struct_keywords.text            'Mycobacterium tuberculosis, cytidine deaminase, drug target, Hydrolase' 
# 
loop_
_struct_asym.id 
_struct_asym.pdbx_blank_PDB_chainid_flag 
_struct_asym.pdbx_modified 
_struct_asym.entity_id 
_struct_asym.details 
A N N 1 ? 
B N N 2 ? 
C N N 3 ? 
# 
_struct_biol.id        1 
_struct_biol.details   ? 
# 
loop_
_struct_conf.conf_type_id 
_struct_conf.id 
_struct_conf.pdbx_PDB_helix_id 
_struct_conf.beg_label_comp_id 
_struct_conf.beg_label_asym_id 
_struct_conf.beg_label_seq_id 
_struct_conf.pdbx_beg_PDB_ins_code 
_struct_conf.end_label_comp_id 
_struct_conf.end_label_asym_id 
_struct_conf.end_label_seq_id 
_struct_conf.pdbx_end_PDB_ins_code 
_struct_conf.beg_auth_comp_id 
_struct_conf.beg_auth_asym_id 
_struct_conf.beg_auth_seq_id 
_struct_conf.end_auth_comp_id 
_struct_conf.end_auth_asym_id 
_struct_conf.end_auth_seq_id 
_struct_conf.pdbx_PDB_helix_class 
_struct_conf.details 
_struct_conf.pdbx_PDB_helix_length 
HELX_P HELX_P1 1 ASP A 5   ? ALA A 18  ? ASP X 5   ALA X 18  1 ? 14 
HELX_P HELX_P2 2 SER A 50  ? THR A 54  ? SER X 50  THR X 54  5 ? 5  
HELX_P HELX_P3 3 CYS A 56  ? THR A 68  ? CYS X 56  THR X 68  1 ? 13 
HELX_P HELX_P4 4 CYS A 89  ? GLY A 101 ? CYS X 89  GLY X 101 1 ? 13 
HELX_P HELX_P5 5 LEU A 115 ? LEU A 119 ? LEU X 115 LEU X 119 1 ? 5  
# 
_struct_conf_type.id          HELX_P 
_struct_conf_type.criteria    ? 
_struct_conf_type.reference   ? 
# 
loop_
_struct_conn.id 
_struct_conn.conn_type_id 
_struct_conn.pdbx_leaving_atom_flag 
_struct_conn.pdbx_PDB_id 
_struct_conn.ptnr1_label_asym_id 
_struct_conn.ptnr1_label_comp_id 
_struct_conn.ptnr1_label_seq_id 
_struct_conn.ptnr1_label_atom_id 
_struct_conn.pdbx_ptnr1_label_alt_id 
_struct_conn.pdbx_ptnr1_PDB_ins_code 
_struct_conn.pdbx_ptnr1_standard_comp_id 
_struct_conn.ptnr1_symmetry 
_struct_conn.ptnr2_label_asym_id 
_struct_conn.ptnr2_label_comp_id 
_struct_conn.ptnr2_label_seq_id 
_struct_conn.ptnr2_label_atom_id 
_struct_conn.pdbx_ptnr2_label_alt_id 
_struct_conn.pdbx_ptnr2_PDB_ins_code 
_struct_conn.ptnr1_auth_asym_id 
_struct_conn.ptnr1_auth_comp_id 
_struct_conn.ptnr1_auth_seq_id 
_struct_conn.ptnr2_auth_asym_id 
_struct_conn.ptnr2_auth_comp_id 
_struct_conn.ptnr2_auth_seq_id 
_struct_conn.ptnr2_symmetry 
_struct_conn.pdbx_ptnr3_label_atom_id 
_struct_conn.pdbx_ptnr3_label_seq_id 
_struct_conn.pdbx_ptnr3_label_comp_id 
_struct_conn.pdbx_ptnr3_label_asym_id 
_struct_conn.pdbx_ptnr3_label_alt_id 
_struct_conn.pdbx_ptnr3_PDB_ins_code 
_struct_conn.details 
_struct_conn.pdbx_dist_value 
_struct_conn.pdbx_value_order 
_struct_conn.pdbx_role 
metalc1 metalc ? ? A CYS 56 SG ? ? ? 1_555 B ZN  . ZN ? ? X CYS 56  X ZN  147 1_555 ? ? ? ? ? ? ? 2.311 ? ? 
metalc2 metalc ? ? A CYS 89 SG ? ? ? 1_555 B ZN  . ZN ? ? X CYS 89  X ZN  147 1_555 ? ? ? ? ? ? ? 2.249 ? ? 
metalc3 metalc ? ? A CYS 92 SG ? ? ? 1_555 B ZN  . ZN ? ? X CYS 92  X ZN  147 1_555 ? ? ? ? ? ? ? 2.275 ? ? 
metalc4 metalc ? ? B ZN  .  ZN ? ? ? 1_555 C HOH . O  ? ? X ZN  147 X HOH 160 1_555 ? ? ? ? ? ? ? 2.193 ? ? 
# 
_struct_conn_type.id          metalc 
_struct_conn_type.criteria    ? 
_struct_conn_type.reference   ? 
# 
loop_
_struct_mon_prot_cis.pdbx_id 
_struct_mon_prot_cis.label_comp_id 
_struct_mon_prot_cis.label_seq_id 
_struct_mon_prot_cis.label_asym_id 
_struct_mon_prot_cis.label_alt_id 
_struct_mon_prot_cis.pdbx_PDB_ins_code 
_struct_mon_prot_cis.auth_comp_id 
_struct_mon_prot_cis.auth_seq_id 
_struct_mon_prot_cis.auth_asym_id 
_struct_mon_prot_cis.pdbx_label_comp_id_2 
_struct_mon_prot_cis.pdbx_label_seq_id_2 
_struct_mon_prot_cis.pdbx_label_asym_id_2 
_struct_mon_prot_cis.pdbx_PDB_ins_code_2 
_struct_mon_prot_cis.pdbx_auth_comp_id_2 
_struct_mon_prot_cis.pdbx_auth_seq_id_2 
_struct_mon_prot_cis.pdbx_auth_asym_id_2 
_struct_mon_prot_cis.pdbx_PDB_model_num 
_struct_mon_prot_cis.pdbx_omega_angle 
1 HIS 108 A . ? HIS 108 X PRO 109 A ? PRO 109 X 1 -2.24 
2 PHE 123 A . ? PHE 123 X GLY 124 A ? GLY 124 X 1 -9.69 
# 
_struct_sheet.id               A 
_struct_sheet.type             ? 
_struct_sheet.number_strands   5 
_struct_sheet.details          ? 
# 
loop_
_struct_sheet_order.sheet_id 
_struct_sheet_order.range_id_1 
_struct_sheet_order.range_id_2 
_struct_sheet_order.offset 
_struct_sheet_order.sense 
A 1 2 ? anti-parallel 
A 2 3 ? anti-parallel 
A 3 4 ? parallel      
A 4 5 ? anti-parallel 
# 
loop_
_struct_sheet_range.sheet_id 
_struct_sheet_range.id 
_struct_sheet_range.beg_label_comp_id 
_struct_sheet_range.beg_label_asym_id 
_struct_sheet_range.beg_label_seq_id 
_struct_sheet_range.pdbx_beg_PDB_ins_code 
_struct_sheet_range.end_label_comp_id 
_struct_sheet_range.end_label_asym_id 
_struct_sheet_range.end_label_seq_id 
_struct_sheet_range.pdbx_end_PDB_ins_code 
_struct_sheet_range.beg_auth_comp_id 
_struct_sheet_range.beg_auth_asym_id 
_struct_sheet_range.beg_auth_seq_id 
_struct_sheet_range.end_auth_comp_id 
_struct_sheet_range.end_auth_asym_id 
_struct_sheet_range.end_auth_seq_id 
A 1 VAL A 40  ? CYS A 44  ? VAL X 40  CYS X 44  
A 2 VAL A 29  ? VAL A 35  ? VAL X 29  VAL X 35  
A 3 LEU A 73  ? ASP A 80  ? LEU X 73  ASP X 80  
A 4 LEU A 105 ? ILE A 106 ? LEU X 105 ILE X 106 
A 5 ARG A 113 ? ARG A 114 ? ARG X 113 ARG X 114 
# 
loop_
_pdbx_struct_sheet_hbond.sheet_id 
_pdbx_struct_sheet_hbond.range_id_1 
_pdbx_struct_sheet_hbond.range_id_2 
_pdbx_struct_sheet_hbond.range_1_label_atom_id 
_pdbx_struct_sheet_hbond.range_1_label_comp_id 
_pdbx_struct_sheet_hbond.range_1_label_asym_id 
_pdbx_struct_sheet_hbond.range_1_label_seq_id 
_pdbx_struct_sheet_hbond.range_1_PDB_ins_code 
_pdbx_struct_sheet_hbond.range_1_auth_atom_id 
_pdbx_struct_sheet_hbond.range_1_auth_comp_id 
_pdbx_struct_sheet_hbond.range_1_auth_asym_id 
_pdbx_struct_sheet_hbond.range_1_auth_seq_id 
_pdbx_struct_sheet_hbond.range_2_label_atom_id 
_pdbx_struct_sheet_hbond.range_2_label_comp_id 
_pdbx_struct_sheet_hbond.range_2_label_asym_id 
_pdbx_struct_sheet_hbond.range_2_label_seq_id 
_pdbx_struct_sheet_hbond.range_2_PDB_ins_code 
_pdbx_struct_sheet_hbond.range_2_auth_atom_id 
_pdbx_struct_sheet_hbond.range_2_auth_comp_id 
_pdbx_struct_sheet_hbond.range_2_auth_asym_id 
_pdbx_struct_sheet_hbond.range_2_auth_seq_id 
A 1 2 O VAL A 41  ? O VAL X 41  N ALA A 33  ? N ALA X 33  
A 2 3 N LEU A 34  ? N LEU X 34  O LEU A 74  ? O LEU X 74  
A 3 4 N LEU A 74  ? N LEU X 74  O LEU A 105 ? O LEU X 105 
A 4 5 N ILE A 106 ? N ILE X 106 O ARG A 113 ? O ARG X 113 
# 
_struct_site.id                   AC1 
_struct_site.pdbx_evidence_code   Software 
_struct_site.pdbx_auth_asym_id    X 
_struct_site.pdbx_auth_comp_id    ZN 
_struct_site.pdbx_auth_seq_id     147 
_struct_site.pdbx_auth_ins_code   ? 
_struct_site.pdbx_num_residues    4 
_struct_site.details              'BINDING SITE FOR RESIDUE ZN X 147' 
# 
loop_
_struct_site_gen.id 
_struct_site_gen.site_id 
_struct_site_gen.pdbx_num_res 
_struct_site_gen.label_comp_id 
_struct_site_gen.label_asym_id 
_struct_site_gen.label_seq_id 
_struct_site_gen.pdbx_auth_ins_code 
_struct_site_gen.auth_comp_id 
_struct_site_gen.auth_asym_id 
_struct_site_gen.auth_seq_id 
_struct_site_gen.label_atom_id 
_struct_site_gen.label_alt_id 
_struct_site_gen.symmetry 
_struct_site_gen.details 
1 AC1 4 CYS A 56 ? CYS X 56  . ? 1_555 ? 
2 AC1 4 CYS A 89 ? CYS X 89  . ? 1_555 ? 
3 AC1 4 CYS A 92 ? CYS X 92  . ? 1_555 ? 
4 AC1 4 HOH C .  ? HOH X 160 . ? 1_555 ? 
# 
_atom_sites.entry_id                    3IJF 
_atom_sites.fract_transf_matrix[1][1]   -0.00075030 
_atom_sites.fract_transf_matrix[1][2]   0.00198404 
_atom_sites.fract_transf_matrix[1][3]   -0.01555302 
_atom_sites.fract_transf_matrix[2][1]   0.00474670 
_atom_sites.fract_transf_matrix[2][2]   -0.01226583 
_atom_sites.fract_transf_matrix[2][3]   -0.00179369 
_atom_sites.fract_transf_matrix[3][1]   -0.01692206 
_atom_sites.fract_transf_matrix[3][2]   -0.00654586 
_atom_sites.fract_transf_matrix[3][3]   -0.00001869 
_atom_sites.fract_transf_vector[1]      0.043345 
_atom_sites.fract_transf_vector[2]      0.162060 
_atom_sites.fract_transf_vector[3]      0.309178 
# 
loop_
_atom_type.symbol 
C  
N  
O  
S  
ZN 
# 
loop_
_atom_site.group_PDB 
_atom_site.id 
_atom_site.type_symbol 
_atom_site.label_atom_id 
_atom_site.label_alt_id 
_atom_site.label_comp_id 
_atom_site.label_asym_id 
_atom_site.label_entity_id 
_atom_site.label_seq_id 
_atom_site.pdbx_PDB_ins_code 
_atom_site.Cartn_x 
_atom_site.Cartn_y 
_atom_site.Cartn_z 
_atom_site.occupancy 
_atom_site.B_iso_or_equiv 
_atom_site.pdbx_formal_charge 
_atom_site.auth_seq_id 
_atom_site.auth_comp_id 
_atom_site.auth_asym_id 
_atom_site.auth_atom_id 
_atom_site.pdbx_PDB_model_num 
ATOM   1   N  N   . ASP A 1 3   ? 17.833  -6.883  2.118   1.00 38.05 ? 3   ASP X N   1 
ATOM   2   C  CA  . ASP A 1 3   ? 16.774  -7.169  3.152   1.00 37.90 ? 3   ASP X CA  1 
ATOM   3   C  C   . ASP A 1 3   ? 15.332  -7.134  2.627   1.00 35.93 ? 3   ASP X C   1 
ATOM   4   O  O   . ASP A 1 3   ? 14.534  -8.009  2.983   1.00 36.45 ? 3   ASP X O   1 
ATOM   5   C  CB  . ASP A 1 3   ? 16.908  -6.244  4.377   1.00 38.61 ? 3   ASP X CB  1 
ATOM   6   C  CG  . ASP A 1 3   ? 16.931  -4.779  3.999   1.00 41.88 ? 3   ASP X CG  1 
ATOM   7   O  OD1 . ASP A 1 3   ? 17.014  -3.936  4.932   1.00 44.53 ? 3   ASP X OD1 1 
ATOM   8   O  OD2 . ASP A 1 3   ? 16.882  -4.471  2.770   1.00 44.60 ? 3   ASP X OD2 1 
ATOM   9   N  N   . VAL A 1 4   ? 14.980  -6.112  1.846   1.00 33.21 ? 4   VAL X N   1 
ATOM   10  C  CA  . VAL A 1 4   ? 13.651  -6.073  1.214   1.00 30.17 ? 4   VAL X CA  1 
ATOM   11  C  C   . VAL A 1 4   ? 13.848  -6.273  -0.274  1.00 28.02 ? 4   VAL X C   1 
ATOM   12  O  O   . VAL A 1 4   ? 14.603  -5.543  -0.918  1.00 27.87 ? 4   VAL X O   1 
ATOM   13  C  CB  . VAL A 1 4   ? 12.824  -4.761  1.492   1.00 30.32 ? 4   VAL X CB  1 
ATOM   14  C  CG1 . VAL A 1 4   ? 11.517  -4.778  0.702   1.00 29.14 ? 4   VAL X CG1 1 
ATOM   15  C  CG2 . VAL A 1 4   ? 12.520  -4.595  2.977   1.00 30.83 ? 4   VAL X CG2 1 
ATOM   16  N  N   . ASP A 1 5   ? 13.200  -7.289  -0.804  1.00 25.67 ? 5   ASP X N   1 
ATOM   17  C  CA  . ASP A 1 5   ? 13.263  -7.527  -2.210  1.00 24.69 ? 5   ASP X CA  1 
ATOM   18  C  C   . ASP A 1 5   ? 12.251  -6.599  -2.854  1.00 23.29 ? 5   ASP X C   1 
ATOM   19  O  O   . ASP A 1 5   ? 11.098  -6.962  -2.998  1.00 23.08 ? 5   ASP X O   1 
ATOM   20  C  CB  . ASP A 1 5   ? 12.942  -8.991  -2.524  1.00 24.61 ? 5   ASP X CB  1 
ATOM   21  C  CG  . ASP A 1 5   ? 13.180  -9.342  -3.991  1.00 23.60 ? 5   ASP X CG  1 
ATOM   22  O  OD1 . ASP A 1 5   ? 13.279  -10.557 -4.317  1.00 25.61 ? 5   ASP X OD1 1 
ATOM   23  O  OD2 . ASP A 1 5   ? 13.266  -8.421  -4.829  1.00 22.18 ? 5   ASP X OD2 1 
ATOM   24  N  N   . TRP A 1 6   ? 12.673  -5.394  -3.225  1.00 22.79 ? 6   TRP X N   1 
ATOM   25  C  CA  . TRP A 1 6   ? 11.717  -4.430  -3.778  1.00 23.02 ? 6   TRP X CA  1 
ATOM   26  C  C   . TRP A 1 6   ? 11.179  -4.831  -5.136  1.00 23.56 ? 6   TRP X C   1 
ATOM   27  O  O   . TRP A 1 6   ? 10.043  -4.468  -5.501  1.00 23.04 ? 6   TRP X O   1 
ATOM   28  C  CB  . TRP A 1 6   ? 12.300  -3.033  -3.857  1.00 22.42 ? 6   TRP X CB  1 
ATOM   29  C  CG  . TRP A 1 6   ? 12.439  -2.412  -2.492  1.00 22.74 ? 6   TRP X CG  1 
ATOM   30  C  CD1 . TRP A 1 6   ? 13.595  -2.256  -1.769  1.00 21.62 ? 6   TRP X CD1 1 
ATOM   31  C  CD2 . TRP A 1 6   ? 11.374  -1.908  -1.676  1.00 20.41 ? 6   TRP X CD2 1 
ATOM   32  N  NE1 . TRP A 1 6   ? 13.311  -1.662  -0.562  1.00 21.78 ? 6   TRP X NE1 1 
ATOM   33  C  CE2 . TRP A 1 6   ? 11.956  -1.434  -0.481  1.00 20.30 ? 6   TRP X CE2 1 
ATOM   34  C  CE3 . TRP A 1 6   ? 9.984   -1.795  -1.847  1.00 20.60 ? 6   TRP X CE3 1 
ATOM   35  C  CZ2 . TRP A 1 6   ? 11.192  -0.854  0.549   1.00 20.43 ? 6   TRP X CZ2 1 
ATOM   36  C  CZ3 . TRP A 1 6   ? 9.228   -1.200  -0.833  1.00 20.26 ? 6   TRP X CZ3 1 
ATOM   37  C  CH2 . TRP A 1 6   ? 9.841   -0.734  0.350   1.00 20.54 ? 6   TRP X CH2 1 
ATOM   38  N  N   . ASN A 1 7   ? 11.994  -5.556  -5.899  1.00 23.63 ? 7   ASN X N   1 
ATOM   39  C  CA  . ASN A 1 7   ? 11.552  -5.995  -7.226  1.00 23.79 ? 7   ASN X CA  1 
ATOM   40  C  C   . ASN A 1 7   ? 10.370  -6.957  -7.062  1.00 22.52 ? 7   ASN X C   1 
ATOM   41  O  O   . ASN A 1 7   ? 9.375   -6.886  -7.799  1.00 22.26 ? 7   ASN X O   1 
ATOM   42  C  CB  . ASN A 1 7   ? 12.723  -6.585  -8.030  1.00 24.70 ? 7   ASN X CB  1 
ATOM   43  C  CG  . ASN A 1 7   ? 12.297  -7.094  -9.405  1.00 28.41 ? 7   ASN X CG  1 
ATOM   44  O  OD1 . ASN A 1 7   ? 11.988  -8.284  -9.556  1.00 32.52 ? 7   ASN X OD1 1 
ATOM   45  N  ND2 . ASN A 1 7   ? 12.274  -6.194  -10.422 1.00 31.51 ? 7   ASN X ND2 1 
ATOM   46  N  N   . MET A 1 8   ? 10.475  -7.818  -6.056  1.00 21.71 ? 8   MET X N   1 
ATOM   47  C  CA  . MET A 1 8   ? 9.412   -8.742  -5.679  1.00 21.19 ? 8   MET X CA  1 
ATOM   48  C  C   . MET A 1 8   ? 8.159   -8.012  -5.187  1.00 20.15 ? 8   MET X C   1 
ATOM   49  O  O   . MET A 1 8   ? 7.061   -8.278  -5.666  1.00 20.73 ? 8   MET X O   1 
ATOM   50  C  CB  . MET A 1 8   ? 9.931   -9.745  -4.635  1.00 22.27 ? 8   MET X CB  1 
ATOM   51  C  CG  . MET A 1 8   ? 8.893   -10.668 -4.043  1.00 24.25 ? 8   MET X CG  1 
ATOM   52  S  SD  . MET A 1 8   ? 7.870   -9.895  -2.747  1.00 27.04 ? 8   MET X SD  1 
ATOM   53  C  CE  . MET A 1 8   ? 6.690   -11.197 -2.429  1.00 30.53 ? 8   MET X CE  1 
ATOM   54  N  N   . LEU A 1 9   ? 8.307   -7.105  -4.227  1.00 18.23 ? 9   LEU X N   1 
ATOM   55  C  CA  . LEU A 1 9   ? 7.172   -6.345  -3.722  1.00 16.70 ? 9   LEU X CA  1 
ATOM   56  C  C   . LEU A 1 9   ? 6.461   -5.538  -4.785  1.00 15.95 ? 9   LEU X C   1 
ATOM   57  O  O   . LEU A 1 9   ? 5.224   -5.521  -4.873  1.00 14.89 ? 9   LEU X O   1 
ATOM   58  C  CB  . LEU A 1 9   ? 7.594   -5.406  -2.602  1.00 16.35 ? 9   LEU X CB  1 
ATOM   59  C  CG  . LEU A 1 9   ? 7.467   -5.810  -1.150  1.00 17.74 ? 9   LEU X CG  1 
ATOM   60  C  CD1 . LEU A 1 9   ? 7.526   -4.518  -0.358  1.00 17.45 ? 9   LEU X CD1 1 
ATOM   61  C  CD2 . LEU A 1 9   ? 6.166   -6.591  -0.838  1.00 14.95 ? 9   LEU X CD2 1 
ATOM   62  N  N   . ARG A 1 10  ? 7.246   -4.853  -5.586  1.00 14.93 ? 10  ARG X N   1 
ATOM   63  C  CA  . ARG A 1 10  ? 6.696   -4.060  -6.668  1.00 16.19 ? 10  ARG X CA  1 
ATOM   64  C  C   . ARG A 1 10  ? 5.952   -4.946  -7.650  1.00 15.94 ? 10  ARG X C   1 
ATOM   65  O  O   . ARG A 1 10  ? 4.927   -4.549  -8.192  1.00 17.53 ? 10  ARG X O   1 
ATOM   66  C  CB  . ARG A 1 10  ? 7.790   -3.282  -7.375  1.00 15.72 ? 10  ARG X CB  1 
ATOM   67  C  CG  . ARG A 1 10  ? 7.263   -2.068  -8.110  1.00 19.71 ? 10  ARG X CG  1 
ATOM   68  C  CD  . ARG A 1 10  ? 8.345   -1.382  -8.865  1.00 21.82 ? 10  ARG X CD  1 
ATOM   69  N  NE  . ARG A 1 10  ? 9.255   -0.681  -7.949  1.00 27.32 ? 10  ARG X NE  1 
ATOM   70  C  CZ  . ARG A 1 10  ? 10.192  0.179   -8.349  1.00 29.01 ? 10  ARG X CZ  1 
ATOM   71  N  NH1 . ARG A 1 10  ? 10.373  0.423   -9.657  1.00 26.40 ? 10  ARG X NH1 1 
ATOM   72  N  NH2 . ARG A 1 10  ? 10.950  0.786   -7.449  1.00 29.21 ? 10  ARG X NH2 1 
ATOM   73  N  N   . GLY A 1 11  ? 6.489   -6.140  -7.881  1.00 16.53 ? 11  GLY X N   1 
ATOM   74  C  CA  . GLY A 1 11  ? 5.892   -7.083  -8.824  1.00 15.89 ? 11  GLY X CA  1 
ATOM   75  C  C   . GLY A 1 11  ? 4.549   -7.598  -8.318  1.00 14.14 ? 11  GLY X C   1 
ATOM   76  O  O   . GLY A 1 11  ? 3.579   -7.733  -9.085  1.00 13.37 ? 11  GLY X O   1 
ATOM   77  N  N   . ASN A 1 12  ? 4.519   -7.926  -7.039  1.00 13.24 ? 12  ASN X N   1 
ATOM   78  C  CA  . ASN A 1 12  ? 3.292   -8.288  -6.359  1.00 14.86 ? 12  ASN X CA  1 
ATOM   79  C  C   . ASN A 1 12  ? 2.232   -7.186  -6.327  1.00 14.95 ? 12  ASN X C   1 
ATOM   80  O  O   . ASN A 1 12  ? 1.040   -7.463  -6.427  1.00 15.29 ? 12  ASN X O   1 
ATOM   81  C  CB  . ASN A 1 12  ? 3.585   -8.842  -4.957  1.00 14.87 ? 12  ASN X CB  1 
ATOM   82  C  CG  . ASN A 1 12  ? 4.007   -10.303 -5.011  1.00 17.13 ? 12  ASN X CG  1 
ATOM   83  O  OD1 . ASN A 1 12  ? 5.179   -10.625 -4.931  1.00 21.69 ? 12  ASN X OD1 1 
ATOM   84  N  ND2 . ASN A 1 12  ? 3.046   -11.176 -5.221  1.00 20.24 ? 12  ASN X ND2 1 
ATOM   85  N  N   . ALA A 1 13  ? 2.676   -5.950  -6.165  1.00 15.08 ? 13  ALA X N   1 
ATOM   86  C  CA  . ALA A 1 13  ? 1.814   -4.778  -6.256  1.00 14.84 ? 13  ALA X CA  1 
ATOM   87  C  C   . ALA A 1 13  ? 1.269   -4.676  -7.658  1.00 14.59 ? 13  ALA X C   1 
ATOM   88  O  O   . ALA A 1 13  ? 0.107   -4.390  -7.825  1.00 15.17 ? 13  ALA X O   1 
ATOM   89  C  CB  . ALA A 1 13  ? 2.590   -3.530  -5.923  1.00 14.32 ? 13  ALA X CB  1 
ATOM   90  N  N   . THR A 1 14  ? 2.124   -4.912  -8.653  1.00 14.39 ? 14  THR X N   1 
ATOM   91  C  CA  . THR A 1 14  ? 1.706   -4.906  -10.085 1.00 14.03 ? 14  THR X CA  1 
ATOM   92  C  C   . THR A 1 14  ? 0.671   -5.994  -10.395 1.00 14.29 ? 14  THR X C   1 
ATOM   93  O  O   . THR A 1 14  ? -0.358  -5.692  -11.030 1.00 14.11 ? 14  THR X O   1 
ATOM   94  C  CB  . THR A 1 14  ? 2.949   -4.988  -10.999 1.00 14.06 ? 14  THR X CB  1 
ATOM   95  O  OG1 . THR A 1 14  ? 3.842   -3.938  -10.622 1.00 13.95 ? 14  THR X OG1 1 
ATOM   96  C  CG2 . THR A 1 14  ? 2.601   -4.813  -12.462 1.00 12.30 ? 14  THR X CG2 1 
ATOM   97  N  N   . GLN A 1 15  ? 0.931   -7.231  -9.932  1.00 14.75 ? 15  GLN X N   1 
ATOM   98  C  CA  . GLN A 1 15  ? -0.030  -8.356  -9.979  1.00 14.54 ? 15  GLN X CA  1 
ATOM   99  C  C   . GLN A 1 15  ? -1.341  -7.909  -9.338  1.00 14.20 ? 15  GLN X C   1 
ATOM   100 O  O   . GLN A 1 15  ? -2.409  -8.084  -9.931  1.00 13.43 ? 15  GLN X O   1 
ATOM   101 C  CB  . GLN A 1 15  ? 0.483   -9.600  -9.216  1.00 15.13 ? 15  GLN X CB  1 
ATOM   102 C  CG  . GLN A 1 15  ? -0.655  -10.489 -8.468  1.00 18.59 ? 15  GLN X CG  1 
ATOM   103 C  CD  . GLN A 1 15  ? -0.687  -10.433 -6.829  1.00 28.39 ? 15  GLN X CD  1 
ATOM   104 O  OE1 . GLN A 1 15  ? 0.350   -10.491 -6.138  1.00 28.41 ? 15  GLN X OE1 1 
ATOM   105 N  NE2 . GLN A 1 15  ? -1.905  -10.398 -6.261  1.00 30.20 ? 15  GLN X NE2 1 
ATOM   106 N  N   . ALA A 1 16  ? -1.236  -7.366  -8.116  1.00 13.39 ? 16  ALA X N   1 
ATOM   107 C  CA  . ALA A 1 16  ? -2.403  -7.044  -7.268  1.00 13.36 ? 16  ALA X CA  1 
ATOM   108 C  C   . ALA A 1 16  ? -3.298  -6.026  -7.943  1.00 12.94 ? 16  ALA X C   1 
ATOM   109 O  O   . ALA A 1 16  ? -4.510  -6.105  -7.830  1.00 13.41 ? 16  ALA X O   1 
ATOM   110 C  CB  . ALA A 1 16  ? -1.932  -6.487  -5.896  1.00 12.67 ? 16  ALA X CB  1 
ATOM   111 N  N   . ALA A 1 17  ? -2.676  -5.095  -8.667  1.00 14.29 ? 17  ALA X N   1 
ATOM   112 C  CA  . ALA A 1 17  ? -3.369  -4.034  -9.447  1.00 14.43 ? 17  ALA X CA  1 
ATOM   113 C  C   . ALA A 1 17  ? -4.360  -4.625  -10.438 1.00 14.40 ? 17  ALA X C   1 
ATOM   114 O  O   . ALA A 1 17  ? -5.410  -4.023  -10.760 1.00 14.23 ? 17  ALA X O   1 
ATOM   115 C  CB  . ALA A 1 17  ? -2.324  -3.150  -10.181 1.00 14.74 ? 17  ALA X CB  1 
ATOM   116 N  N   . ALA A 1 18  ? -4.045  -5.837  -10.900 1.00 14.65 ? 18  ALA X N   1 
ATOM   117 C  CA  . ALA A 1 18  ? -4.893  -6.513  -11.859 1.00 13.88 ? 18  ALA X CA  1 
ATOM   118 C  C   . ALA A 1 18  ? -6.298  -6.772  -11.296 1.00 14.01 ? 18  ALA X C   1 
ATOM   119 O  O   . ALA A 1 18  ? -7.268  -6.834  -12.056 1.00 14.05 ? 18  ALA X O   1 
ATOM   120 C  CB  . ALA A 1 18  ? -4.227  -7.819  -12.368 1.00 13.67 ? 18  ALA X CB  1 
ATOM   121 N  N   . GLY A 1 19  ? -6.426  -6.864  -9.966  1.00 13.34 ? 19  GLY X N   1 
ATOM   122 C  CA  . GLY A 1 19  ? -7.726  -7.095  -9.374  1.00 13.28 ? 19  GLY X CA  1 
ATOM   123 C  C   . GLY A 1 19  ? -8.618  -5.890  -9.144  1.00 13.78 ? 19  GLY X C   1 
ATOM   124 O  O   . GLY A 1 19  ? -9.794  -6.051  -8.718  1.00 13.30 ? 19  GLY X O   1 
ATOM   125 N  N   . ALA A 1 20  ? -8.065  -4.693  -9.366  1.00 13.17 ? 20  ALA X N   1 
ATOM   126 C  CA  . ALA A 1 20  ? -8.733  -3.433  -9.046  1.00 13.15 ? 20  ALA X CA  1 
ATOM   127 C  C   . ALA A 1 20  ? -10.095 -3.380  -9.656  1.00 13.36 ? 20  ALA X C   1 
ATOM   128 O  O   . ALA A 1 20  ? -10.299 -3.761  -10.803 1.00 13.16 ? 20  ALA X O   1 
ATOM   129 C  CB  . ALA A 1 20  ? -7.922  -2.214  -9.498  1.00 11.54 ? 20  ALA X CB  1 
ATOM   130 N  N   . TYR A 1 21  ? -11.035 -2.928  -8.847  1.00 13.07 ? 21  TYR X N   1 
ATOM   131 C  CA  . TYR A 1 21  ? -12.374 -2.625  -9.320  1.00 12.76 ? 21  TYR X CA  1 
ATOM   132 C  C   . TYR A 1 21  ? -12.455 -1.123  -9.412  1.00 11.56 ? 21  TYR X C   1 
ATOM   133 O  O   . TYR A 1 21  ? -12.577 -0.412  -8.413  1.00 11.51 ? 21  TYR X O   1 
ATOM   134 C  CB  . TYR A 1 21  ? -13.415 -3.195  -8.373  1.00 12.75 ? 21  TYR X CB  1 
ATOM   135 C  CG  . TYR A 1 21  ? -14.827 -2.802  -8.716  1.00 13.34 ? 21  TYR X CG  1 
ATOM   136 C  CD1 . TYR A 1 21  ? -15.540 -3.485  -9.718  1.00 16.27 ? 21  TYR X CD1 1 
ATOM   137 C  CD2 . TYR A 1 21  ? -15.450 -1.785  -8.039  1.00 13.66 ? 21  TYR X CD2 1 
ATOM   138 C  CE1 . TYR A 1 21  ? -16.806 -3.157  -10.039 1.00 13.73 ? 21  TYR X CE1 1 
ATOM   139 C  CE2 . TYR A 1 21  ? -16.736 -1.435  -8.362  1.00 14.25 ? 21  TYR X CE2 1 
ATOM   140 C  CZ  . TYR A 1 21  ? -17.400 -2.136  -9.358  1.00 12.67 ? 21  TYR X CZ  1 
ATOM   141 O  OH  . TYR A 1 21  ? -18.671 -1.790  -9.663  1.00 14.36 ? 21  TYR X OH  1 
ATOM   142 N  N   . VAL A 1 22  ? -12.288 -0.659  -10.636 1.00 12.31 ? 22  VAL X N   1 
ATOM   143 C  CA  . VAL A 1 22  ? -12.133 0.754   -10.930 1.00 12.36 ? 22  VAL X CA  1 
ATOM   144 C  C   . VAL A 1 22  ? -12.940 1.162   -12.164 1.00 12.80 ? 22  VAL X C   1 
ATOM   145 O  O   . VAL A 1 22  ? -12.385 1.779   -13.073 1.00 13.28 ? 22  VAL X O   1 
ATOM   146 C  CB  . VAL A 1 22  ? -10.616 1.183   -11.042 1.00 11.45 ? 22  VAL X CB  1 
ATOM   147 C  CG1 . VAL A 1 22  ? -9.955  1.118   -9.656  1.00 12.70 ? 22  VAL X CG1 1 
ATOM   148 C  CG2 . VAL A 1 22  ? -9.807  0.311   -12.039 1.00 12.73 ? 22  VAL X CG2 1 
ATOM   149 N  N   . PRO A 1 23  ? -14.264 0.880   -12.168 1.00 13.14 ? 23  PRO X N   1 
ATOM   150 C  CA  . PRO A 1 23  ? -15.038 1.280   -13.347 1.00 13.59 ? 23  PRO X CA  1 
ATOM   151 C  C   . PRO A 1 23  ? -15.277 2.794   -13.511 1.00 13.98 ? 23  PRO X C   1 
ATOM   152 O  O   . PRO A 1 23  ? -15.648 3.221   -14.601 1.00 13.37 ? 23  PRO X O   1 
ATOM   153 C  CB  . PRO A 1 23  ? -16.358 0.536   -13.178 1.00 14.59 ? 23  PRO X CB  1 
ATOM   154 C  CG  . PRO A 1 23  ? -16.513 0.364   -11.642 1.00 14.16 ? 23  PRO X CG  1 
ATOM   155 C  CD  . PRO A 1 23  ? -15.093 0.199   -11.146 1.00 12.99 ? 23  PRO X CD  1 
ATOM   156 N  N   . TYR A 1 24  ? -15.063 3.584   -12.453 1.00 12.66 ? 24  TYR X N   1 
ATOM   157 C  CA  . TYR A 1 24  ? -15.411 5.012   -12.438 1.00 13.39 ? 24  TYR X CA  1 
ATOM   158 C  C   . TYR A 1 24  ? -14.211 5.796   -12.914 1.00 14.33 ? 24  TYR X C   1 
ATOM   159 O  O   . TYR A 1 24  ? -14.318 6.551   -13.901 1.00 15.34 ? 24  TYR X O   1 
ATOM   160 C  CB  . TYR A 1 24  ? -15.910 5.429   -11.027 1.00 11.93 ? 24  TYR X CB  1 
ATOM   161 C  CG  . TYR A 1 24  ? -17.076 4.537   -10.613 1.00 12.75 ? 24  TYR X CG  1 
ATOM   162 C  CD1 . TYR A 1 24  ? -16.883 3.440   -9.774  1.00 10.81 ? 24  TYR X CD1 1 
ATOM   163 C  CD2 . TYR A 1 24  ? -18.369 4.767   -11.123 1.00 12.86 ? 24  TYR X CD2 1 
ATOM   164 C  CE1 . TYR A 1 24  ? -17.940 2.585   -9.460  1.00 11.12 ? 24  TYR X CE1 1 
ATOM   165 C  CE2 . TYR A 1 24  ? -19.441 3.953   -10.790 1.00 14.47 ? 24  TYR X CE2 1 
ATOM   166 C  CZ  . TYR A 1 24  ? -19.224 2.850   -9.969  1.00 12.99 ? 24  TYR X CZ  1 
ATOM   167 O  OH  . TYR A 1 24  ? -20.281 2.009   -9.652  1.00 13.28 ? 24  TYR X OH  1 
ATOM   168 N  N   . SER A 1 25  ? -13.051 5.543   -12.291 1.00 14.17 ? 25  SER X N   1 
ATOM   169 C  CA  . SER A 1 25  ? -11.787 6.187   -12.654 1.00 14.31 ? 25  SER X CA  1 
ATOM   170 C  C   . SER A 1 25  ? -10.960 5.448   -13.708 1.00 14.67 ? 25  SER X C   1 
ATOM   171 O  O   . SER A 1 25  ? -10.166 6.084   -14.383 1.00 15.23 ? 25  SER X O   1 
ATOM   172 C  CB  . SER A 1 25  ? -10.879 6.369   -11.431 1.00 14.24 ? 25  SER X CB  1 
ATOM   173 O  OG  . SER A 1 25  ? -10.356 5.115   -11.023 1.00 12.68 ? 25  SER X OG  1 
ATOM   174 N  N   . ARG A 1 26  ? -11.120 4.129   -13.815 1.00 15.16 ? 26  ARG X N   1 
ATOM   175 C  CA  . ARG A 1 26  ? -10.305 3.296   -14.704 1.00 16.37 ? 26  ARG X CA  1 
ATOM   176 C  C   . ARG A 1 26  ? -8.865  3.417   -14.257 1.00 16.34 ? 26  ARG X C   1 
ATOM   177 O  O   . ARG A 1 26  ? -7.946  3.238   -15.022 1.00 17.86 ? 26  ARG X O   1 
ATOM   178 C  CB  . ARG A 1 26  ? -10.465 3.729   -16.182 1.00 16.36 ? 26  ARG X CB  1 
ATOM   179 C  CG  . ARG A 1 26  ? -11.941 3.706   -16.697 1.00 18.10 ? 26  ARG X CG  1 
ATOM   180 C  CD  . ARG A 1 26  ? -12.390 2.274   -17.011 1.00 21.58 ? 26  ARG X CD  1 
ATOM   181 N  NE  . ARG A 1 26  ? -11.465 1.607   -17.929 0.10 20.47 ? 26  ARG X NE  1 
ATOM   182 C  CZ  . ARG A 1 26  ? -11.552 1.635   -19.257 0.10 20.39 ? 26  ARG X CZ  1 
ATOM   183 N  NH1 . ARG A 1 26  ? -12.535 2.295   -19.860 0.10 19.89 ? 26  ARG X NH1 1 
ATOM   184 N  NH2 . ARG A 1 26  ? -10.648 0.995   -19.986 0.10 19.61 ? 26  ARG X NH2 1 
ATOM   185 N  N   . PHE A 1 27  ? -8.674  3.818   -13.013 1.00 16.54 ? 27  PHE X N   1 
ATOM   186 C  CA  . PHE A 1 27  ? -7.342  4.013   -12.522 1.00 15.92 ? 27  PHE X CA  1 
ATOM   187 C  C   . PHE A 1 27  ? -7.088  2.947   -11.456 1.00 14.93 ? 27  PHE X C   1 
ATOM   188 O  O   . PHE A 1 27  ? -7.368  3.141   -10.268 1.00 13.94 ? 27  PHE X O   1 
ATOM   189 C  CB  . PHE A 1 27  ? -7.137  5.439   -11.991 1.00 17.03 ? 27  PHE X CB  1 
ATOM   190 C  CG  . PHE A 1 27  ? -5.746  5.687   -11.483 1.00 15.40 ? 27  PHE X CG  1 
ATOM   191 C  CD1 . PHE A 1 27  ? -4.720  5.975   -12.367 1.00 20.35 ? 27  PHE X CD1 1 
ATOM   192 C  CD2 . PHE A 1 27  ? -5.462  5.614   -10.139 1.00 15.97 ? 27  PHE X CD2 1 
ATOM   193 C  CE1 . PHE A 1 27  ? -3.409  6.211   -11.898 1.00 22.57 ? 27  PHE X CE1 1 
ATOM   194 C  CE2 . PHE A 1 27  ? -4.166  5.839   -9.663  1.00 18.97 ? 27  PHE X CE2 1 
ATOM   195 C  CZ  . PHE A 1 27  ? -3.147  6.126   -10.544 1.00 20.40 ? 27  PHE X CZ  1 
ATOM   196 N  N   . ALA A 1 28  ? -6.543  1.832   -11.927 1.00 14.22 ? 28  ALA X N   1 
ATOM   197 C  CA  . ALA A 1 28  ? -6.143  0.702   -11.083 1.00 13.37 ? 28  ALA X CA  1 
ATOM   198 C  C   . ALA A 1 28  ? -4.925  1.003   -10.213 1.00 12.54 ? 28  ALA X C   1 
ATOM   199 O  O   . ALA A 1 28  ? -3.956  1.612   -10.648 1.00 12.28 ? 28  ALA X O   1 
ATOM   200 C  CB  . ALA A 1 28  ? -5.894  -0.553  -11.951 1.00 13.74 ? 28  ALA X CB  1 
ATOM   201 N  N   . VAL A 1 29  ? -4.987  0.550   -8.981  1.00 12.18 ? 29  VAL X N   1 
ATOM   202 C  CA  . VAL A 1 29  ? -3.861  0.668   -8.029  1.00 11.66 ? 29  VAL X CA  1 
ATOM   203 C  C   . VAL A 1 29  ? -3.686  -0.678  -7.369  1.00 11.49 ? 29  VAL X C   1 
ATOM   204 O  O   . VAL A 1 29  ? -4.658  -1.274  -6.958  1.00 10.27 ? 29  VAL X O   1 
ATOM   205 C  CB  . VAL A 1 29  ? -4.099  1.728   -6.927  1.00 11.92 ? 29  VAL X CB  1 
ATOM   206 C  CG1 . VAL A 1 29  ? -2.868  1.835   -6.026  1.00 10.38 ? 29  VAL X CG1 1 
ATOM   207 C  CG2 . VAL A 1 29  ? -4.452  3.100   -7.541  1.00 12.30 ? 29  VAL X CG2 1 
ATOM   208 N  N   . GLY A 1 30  ? -2.443  -1.159  -7.289  1.00 11.03 ? 30  GLY X N   1 
ATOM   209 C  CA  . GLY A 1 30  ? -2.161  -2.313  -6.485  1.00 11.98 ? 30  GLY X CA  1 
ATOM   210 C  C   . GLY A 1 30  ? -1.124  -2.034  -5.432  1.00 12.58 ? 30  GLY X C   1 
ATOM   211 O  O   . GLY A 1 30  ? -0.352  -1.081  -5.538  1.00 12.22 ? 30  GLY X O   1 
ATOM   212 N  N   . ALA A 1 31  ? -1.162  -2.834  -4.365  1.00 12.45 ? 31  ALA X N   1 
ATOM   213 C  CA  . ALA A 1 31  ? -0.183  -2.692  -3.339  1.00 12.41 ? 31  ALA X CA  1 
ATOM   214 C  C   . ALA A 1 31  ? 0.180   -4.053  -2.833  1.00 12.96 ? 31  ALA X C   1 
ATOM   215 O  O   . ALA A 1 31  ? -0.620  -4.997  -2.908  1.00 13.47 ? 31  ALA X O   1 
ATOM   216 C  CB  . ALA A 1 31  ? -0.670  -1.745  -2.176  1.00 12.43 ? 31  ALA X CB  1 
ATOM   217 N  N   . ALA A 1 32  ? 1.399   -4.138  -2.314  1.00 12.67 ? 32  ALA X N   1 
ATOM   218 C  CA  . ALA A 1 32  ? 1.906   -5.345  -1.721  1.00 13.71 ? 32  ALA X CA  1 
ATOM   219 C  C   . ALA A 1 32  ? 2.795   -4.897  -0.614  1.00 14.14 ? 32  ALA X C   1 
ATOM   220 O  O   . ALA A 1 32  ? 3.556   -3.946  -0.783  1.00 13.42 ? 32  ALA X O   1 
ATOM   221 C  CB  . ALA A 1 32  ? 2.710   -6.173  -2.722  1.00 13.00 ? 32  ALA X CB  1 
ATOM   222 N  N   . ALA A 1 33  ? 2.706   -5.592  0.522   1.00 13.89 ? 33  ALA X N   1 
ATOM   223 C  CA  . ALA A 1 33  ? 3.542   -5.242  1.654   1.00 14.63 ? 33  ALA X CA  1 
ATOM   224 C  C   . ALA A 1 33  ? 4.198   -6.456  2.271   1.00 14.86 ? 33  ALA X C   1 
ATOM   225 O  O   . ALA A 1 33  ? 3.656   -7.562  2.284   1.00 16.27 ? 33  ALA X O   1 
ATOM   226 C  CB  . ALA A 1 33  ? 2.751   -4.427  2.727   1.00 12.93 ? 33  ALA X CB  1 
ATOM   227 N  N   . LEU A 1 34  ? 5.391   -6.237  2.780   1.00 15.07 ? 34  LEU X N   1 
ATOM   228 C  CA  . LEU A 1 34  ? 6.105   -7.251  3.487   1.00 15.52 ? 34  LEU X CA  1 
ATOM   229 C  C   . LEU A 1 34  ? 5.767   -7.072  4.971   1.00 15.39 ? 34  LEU X C   1 
ATOM   230 O  O   . LEU A 1 34  ? 5.916   -5.980  5.522   1.00 14.60 ? 34  LEU X O   1 
ATOM   231 C  CB  . LEU A 1 34  ? 7.591   -6.992  3.275   1.00 15.75 ? 34  LEU X CB  1 
ATOM   232 C  CG  . LEU A 1 34  ? 8.718   -8.026  3.349   1.00 18.62 ? 34  LEU X CG  1 
ATOM   233 C  CD1 . LEU A 1 34  ? 9.927   -7.360  4.042   1.00 18.12 ? 34  LEU X CD1 1 
ATOM   234 C  CD2 . LEU A 1 34  ? 8.362   -9.328  3.973   1.00 18.14 ? 34  LEU X CD2 1 
ATOM   235 N  N   . VAL A 1 35  ? 5.312   -8.121  5.623   1.00 14.97 ? 35  VAL X N   1 
ATOM   236 C  CA  . VAL A 1 35  ? 5.033   -7.971  7.034   1.00 16.22 ? 35  VAL X CA  1 
ATOM   237 C  C   . VAL A 1 35  ? 6.193   -8.540  7.839   1.00 16.56 ? 35  VAL X C   1 
ATOM   238 O  O   . VAL A 1 35  ? 7.081   -9.164  7.262   1.00 16.81 ? 35  VAL X O   1 
ATOM   239 C  CB  . VAL A 1 35  ? 3.565   -8.386  7.461   1.00 16.60 ? 35  VAL X CB  1 
ATOM   240 C  CG1 . VAL A 1 35  ? 2.797   -9.092  6.364   1.00 15.46 ? 35  VAL X CG1 1 
ATOM   241 C  CG2 . VAL A 1 35  ? 3.487   -9.058  8.847   1.00 15.39 ? 35  VAL X CG2 1 
ATOM   242 N  N   . ASP A 1 36  ? 6.210   -8.275  9.137   1.00 17.93 ? 36  ASP X N   1 
ATOM   243 C  CA  . ASP A 1 36  ? 7.394   -8.564  9.971   1.00 19.17 ? 36  ASP X CA  1 
ATOM   244 C  C   . ASP A 1 36  ? 7.757   -10.033 10.037  1.00 19.41 ? 36  ASP X C   1 
ATOM   245 O  O   . ASP A 1 36  ? 8.879   -10.365 10.391  1.00 20.16 ? 36  ASP X O   1 
ATOM   246 C  CB  . ASP A 1 36  ? 7.308   -7.947  11.382  1.00 19.56 ? 36  ASP X CB  1 
ATOM   247 C  CG  . ASP A 1 36  ? 6.085   -8.376  12.159  1.00 21.59 ? 36  ASP X CG  1 
ATOM   248 O  OD1 . ASP A 1 36  ? 5.962   -7.950  13.321  1.00 30.13 ? 36  ASP X OD1 1 
ATOM   249 O  OD2 . ASP A 1 36  ? 5.232   -9.117  11.659  1.00 24.06 ? 36  ASP X OD2 1 
ATOM   250 N  N   . ASP A 1 37  ? 6.834   -10.904 9.641   1.00 20.58 ? 37  ASP X N   1 
ATOM   251 C  CA  . ASP A 1 37  ? 7.076   -12.345 9.676   1.00 20.22 ? 37  ASP X CA  1 
ATOM   252 C  C   . ASP A 1 37  ? 7.526   -12.859 8.306   1.00 20.46 ? 37  ASP X C   1 
ATOM   253 O  O   . ASP A 1 37  ? 7.694   -14.053 8.132   1.00 20.33 ? 37  ASP X O   1 
ATOM   254 C  CB  . ASP A 1 37  ? 5.857   -13.127 10.205  1.00 20.08 ? 37  ASP X CB  1 
ATOM   255 C  CG  . ASP A 1 37  ? 4.684   -13.169 9.208   1.00 21.45 ? 37  ASP X CG  1 
ATOM   256 O  OD1 . ASP A 1 37  ? 3.796   -14.026 9.344   1.00 22.76 ? 37  ASP X OD1 1 
ATOM   257 O  OD2 . ASP A 1 37  ? 4.623   -12.335 8.309   1.00 21.46 ? 37  ASP X OD2 1 
ATOM   258 N  N   . GLY A 1 38  ? 7.732   -11.951 7.352   1.00 19.40 ? 38  GLY X N   1 
ATOM   259 C  CA  . GLY A 1 38  ? 8.185   -12.323 6.033   1.00 18.82 ? 38  GLY X CA  1 
ATOM   260 C  C   . GLY A 1 38  ? 7.106   -12.638 4.998   1.00 18.40 ? 38  GLY X C   1 
ATOM   261 O  O   . GLY A 1 38  ? 7.418   -12.792 3.821   1.00 18.05 ? 38  GLY X O   1 
ATOM   262 N  N   . ARG A 1 39  ? 5.843   -12.728 5.400   1.00 18.10 ? 39  ARG X N   1 
ATOM   263 C  CA  . ARG A 1 39  ? 4.792   -12.947 4.398   1.00 17.53 ? 39  ARG X CA  1 
ATOM   264 C  C   . ARG A 1 39  ? 4.491   -11.637 3.695   1.00 17.50 ? 39  ARG X C   1 
ATOM   265 O  O   . ARG A 1 39  ? 4.772   -10.548 4.212   1.00 17.54 ? 39  ARG X O   1 
ATOM   266 C  CB  . ARG A 1 39  ? 3.518   -13.535 5.018   1.00 18.24 ? 39  ARG X CB  1 
ATOM   267 C  CG  . ARG A 1 39  ? 2.691   -12.542 5.816   1.00 18.97 ? 39  ARG X CG  1 
ATOM   268 C  CD  . ARG A 1 39  ? 1.470   -13.197 6.360   1.00 19.67 ? 39  ARG X CD  1 
ATOM   269 N  NE  . ARG A 1 39  ? 0.542   -12.247 6.977   1.00 19.55 ? 39  ARG X NE  1 
ATOM   270 C  CZ  . ARG A 1 39  ? 0.654   -11.732 8.195   1.00 20.94 ? 39  ARG X CZ  1 
ATOM   271 N  NH1 . ARG A 1 39  ? 1.699   -12.009 8.959   1.00 19.41 ? 39  ARG X NH1 1 
ATOM   272 N  NH2 . ARG A 1 39  ? -0.271  -10.900 8.644   1.00 19.67 ? 39  ARG X NH2 1 
ATOM   273 N  N   . VAL A 1 40  ? 3.954   -11.732 2.491   1.00 16.42 ? 40  VAL X N   1 
ATOM   274 C  CA  . VAL A 1 40  ? 3.503   -10.552 1.814   1.00 15.99 ? 40  VAL X CA  1 
ATOM   275 C  C   . VAL A 1 40  ? 1.998   -10.583 1.622   1.00 15.45 ? 40  VAL X C   1 
ATOM   276 O  O   . VAL A 1 40  ? 1.414   -11.630 1.338   1.00 15.75 ? 40  VAL X O   1 
ATOM   277 C  CB  . VAL A 1 40  ? 4.355   -10.114 0.541   1.00 16.59 ? 40  VAL X CB  1 
ATOM   278 C  CG1 . VAL A 1 40  ? 5.602   -10.923 0.326   1.00 15.86 ? 40  VAL X CG1 1 
ATOM   279 C  CG2 . VAL A 1 40  ? 3.507   -9.818  -0.726  1.00 16.93 ? 40  VAL X CG2 1 
ATOM   280 N  N   . VAL A 1 41  ? 1.392   -9.427  1.856   1.00 14.53 ? 41  VAL X N   1 
ATOM   281 C  CA  . VAL A 1 41  ? -0.025  -9.256  1.708   1.00 13.91 ? 41  VAL X CA  1 
ATOM   282 C  C   . VAL A 1 41  ? -0.211  -8.225  0.635   1.00 13.85 ? 41  VAL X C   1 
ATOM   283 O  O   . VAL A 1 41  ? 0.629   -7.337  0.472   1.00 13.08 ? 41  VAL X O   1 
ATOM   284 C  CB  . VAL A 1 41  ? -0.710  -8.790  3.031   1.00 12.99 ? 41  VAL X CB  1 
ATOM   285 C  CG1 . VAL A 1 41  ? -0.749  -9.930  4.015   1.00 13.58 ? 41  VAL X CG1 1 
ATOM   286 C  CG2 . VAL A 1 41  ? -0.032  -7.593  3.578   1.00 13.83 ? 41  VAL X CG2 1 
ATOM   287 N  N   . THR A 1 42  ? -1.300  -8.373  -0.119  1.00 14.10 ? 42  THR X N   1 
ATOM   288 C  CA  . THR A 1 42  ? -1.568  -7.498  -1.246  1.00 13.30 ? 42  THR X CA  1 
ATOM   289 C  C   . THR A 1 42  ? -2.971  -6.897  -1.155  1.00 12.98 ? 42  THR X C   1 
ATOM   290 O  O   . THR A 1 42  ? -3.780  -7.316  -0.329  1.00 14.20 ? 42  THR X O   1 
ATOM   291 C  CB  . THR A 1 42  ? -1.378  -8.228  -2.598  1.00 13.21 ? 42  THR X CB  1 
ATOM   292 O  OG1 . THR A 1 42  ? -2.411  -9.193  -2.732  1.00 12.47 ? 42  THR X OG1 1 
ATOM   293 C  CG2 . THR A 1 42  ? -0.014  -8.950  -2.656  1.00 13.13 ? 42  THR X CG2 1 
ATOM   294 N  N   . GLY A 1 43  ? -3.214  -5.887  -1.982  1.00 12.38 ? 43  GLY X N   1 
ATOM   295 C  CA  . GLY A 1 43  ? -4.482  -5.196  -2.055  1.00 11.30 ? 43  GLY X CA  1 
ATOM   296 C  C   . GLY A 1 43  ? -4.584  -4.481  -3.367  1.00 10.92 ? 43  GLY X C   1 
ATOM   297 O  O   . GLY A 1 43  ? -3.594  -4.147  -3.997  1.00 11.25 ? 43  GLY X O   1 
ATOM   298 N  N   . CYS A 1 44  ? -5.804  -4.302  -3.813  1.00 11.76 ? 44  CYS X N   1 
ATOM   299 C  CA  . CYS A 1 44  ? -6.104  -3.456  -4.942  1.00 10.85 ? 44  CYS X CA  1 
ATOM   300 C  C   . CYS A 1 44  ? -7.229  -2.497  -4.608  1.00 11.02 ? 44  CYS X C   1 
ATOM   301 O  O   . CYS A 1 44  ? -8.019  -2.731  -3.720  1.00 11.62 ? 44  CYS X O   1 
ATOM   302 C  CB  . CYS A 1 44  ? -6.464  -4.310  -6.159  1.00 10.66 ? 44  CYS X CB  1 
ATOM   303 S  SG  . CYS A 1 44  ? -7.855  -5.349  -5.916  1.00 13.90 ? 44  CYS X SG  1 
ATOM   304 N  N   . ASN A 1 45  ? -7.196  -1.365  -5.280  1.00 10.19 ? 45  ASN X N   1 
ATOM   305 C  CA  . ASN A 1 45  ? -8.288  -0.414  -5.446  1.00 11.66 ? 45  ASN X CA  1 
ATOM   306 C  C   . ASN A 1 45  ? -9.720  -1.019  -5.581  1.00 10.66 ? 45  ASN X C   1 
ATOM   307 O  O   . ASN A 1 45  ? -9.933  -1.864  -6.420  1.00 9.14  ? 45  ASN X O   1 
ATOM   308 C  CB  . ASN A 1 45  ? -7.935  0.339   -6.793  1.00 12.30 ? 45  ASN X CB  1 
ATOM   309 C  CG  . ASN A 1 45  ? -7.998  1.742   -6.605  1.00 16.98 ? 45  ASN X CG  1 
ATOM   310 O  OD1 . ASN A 1 45  ? -8.169  2.149   -5.446  1.00 27.11 ? 45  ASN X OD1 1 
ATOM   311 N  ND2 . ASN A 1 45  ? -7.910  2.540   -7.667  1.00 16.01 ? 45  ASN X ND2 1 
ATOM   312 N  N   . VAL A 1 46  ? -10.705 -0.561  -4.795  1.00 10.54 ? 46  VAL X N   1 
ATOM   313 C  CA  . VAL A 1 46  ? -12.119 -0.946  -5.038  1.00 11.03 ? 46  VAL X CA  1 
ATOM   314 C  C   . VAL A 1 46  ? -13.011 0.269   -4.931  1.00 11.58 ? 46  VAL X C   1 
ATOM   315 O  O   . VAL A 1 46  ? -13.269 0.767   -3.813  1.00 10.73 ? 46  VAL X O   1 
ATOM   316 C  CB  . VAL A 1 46  ? -12.633 -2.021  -4.057  1.00 11.33 ? 46  VAL X CB  1 
ATOM   317 C  CG1 . VAL A 1 46  ? -14.144 -2.320  -4.337  1.00 13.21 ? 46  VAL X CG1 1 
ATOM   318 C  CG2 . VAL A 1 46  ? -11.752 -3.271  -4.103  1.00 11.18 ? 46  VAL X CG2 1 
ATOM   319 N  N   . GLU A 1 47  ? -13.495 0.716   -6.100  1.00 11.75 ? 47  GLU X N   1 
ATOM   320 C  CA  . GLU A 1 47  ? -14.352 1.889   -6.231  1.00 11.95 ? 47  GLU X CA  1 
ATOM   321 C  C   . GLU A 1 47  ? -15.794 1.534   -5.970  1.00 12.46 ? 47  GLU X C   1 
ATOM   322 O  O   . GLU A 1 47  ? -16.156 0.353   -5.942  1.00 12.39 ? 47  GLU X O   1 
ATOM   323 C  CB  . GLU A 1 47  ? -14.179 2.553   -7.598  1.00 11.34 ? 47  GLU X CB  1 
ATOM   324 C  CG  . GLU A 1 47  ? -12.844 3.271   -7.649  1.00 13.51 ? 47  GLU X CG  1 
ATOM   325 C  CD  . GLU A 1 47  ? -12.476 3.836   -9.002  1.00 12.14 ? 47  GLU X CD  1 
ATOM   326 O  OE1 . GLU A 1 47  ? -13.243 3.697   -9.982  1.00 11.28 ? 47  GLU X OE1 1 
ATOM   327 O  OE2 . GLU A 1 47  ? -11.391 4.429   -9.075  1.00 10.87 ? 47  GLU X OE2 1 
ATOM   328 N  N   . ASN A 1 48  ? -16.568 2.578   -5.684  1.00 12.71 ? 48  ASN X N   1 
ATOM   329 C  CA  . ASN A 1 48  ? -17.976 2.501   -5.389  1.00 13.56 ? 48  ASN X CA  1 
ATOM   330 C  C   . ASN A 1 48  ? -18.691 3.678   -6.083  1.00 14.02 ? 48  ASN X C   1 
ATOM   331 O  O   . ASN A 1 48  ? -18.062 4.766   -6.265  1.00 13.31 ? 48  ASN X O   1 
ATOM   332 C  CB  . ASN A 1 48  ? -18.203 2.565   -3.872  1.00 13.58 ? 48  ASN X CB  1 
ATOM   333 C  CG  . ASN A 1 48  ? -19.618 2.191   -3.494  1.00 11.50 ? 48  ASN X CG  1 
ATOM   334 O  OD1 . ASN A 1 48  ? -20.512 3.040   -3.450  1.00 9.42  ? 48  ASN X OD1 1 
ATOM   335 N  ND2 . ASN A 1 48  ? -19.852 0.906   -3.348  1.00 14.11 ? 48  ASN X ND2 1 
ATOM   336 N  N   . VAL A 1 49  ? -19.978 3.498   -6.444  1.00 13.68 ? 49  VAL X N   1 
ATOM   337 C  CA  . VAL A 1 49  ? -20.741 4.592   -7.089  1.00 14.30 ? 49  VAL X CA  1 
ATOM   338 C  C   . VAL A 1 49  ? -20.752 5.802   -6.215  1.00 13.22 ? 49  VAL X C   1 
ATOM   339 O  O   . VAL A 1 49  ? -20.873 6.920   -6.699  1.00 13.18 ? 49  VAL X O   1 
ATOM   340 C  CB  . VAL A 1 49  ? -22.266 4.368   -7.307  1.00 15.02 ? 49  VAL X CB  1 
ATOM   341 C  CG1 . VAL A 1 49  ? -22.635 4.257   -8.726  1.00 15.71 ? 49  VAL X CG1 1 
ATOM   342 C  CG2 . VAL A 1 49  ? -22.897 3.366   -6.350  1.00 14.92 ? 49  VAL X CG2 1 
ATOM   343 N  N   . SER A 1 50  ? -20.764 5.564   -4.909  1.00 11.86 ? 50  SER X N   1 
ATOM   344 C  CA  . SER A 1 50  ? -20.572 6.628   -3.981  1.00 11.41 ? 50  SER X CA  1 
ATOM   345 C  C   . SER A 1 50  ? -19.072 6.656   -3.874  1.00 10.72 ? 50  SER X C   1 
ATOM   346 O  O   . SER A 1 50  ? -18.466 5.789   -3.210  1.00 10.12 ? 50  SER X O   1 
ATOM   347 C  CB  . SER A 1 50  ? -21.238 6.351   -2.633  1.00 11.19 ? 50  SER X CB  1 
ATOM   348 O  OG  . SER A 1 50  ? -21.116 7.536   -1.832  1.00 13.51 ? 50  SER X OG  1 
ATOM   349 N  N   . TYR A 1 51  ? -18.467 7.625   -4.552  1.00 9.88  ? 51  TYR X N   1 
ATOM   350 C  CA  . TYR A 1 51  ? -16.987 7.700   -4.631  1.00 10.46 ? 51  TYR X CA  1 
ATOM   351 C  C   . TYR A 1 51  ? -16.284 7.613   -3.309  1.00 10.07 ? 51  TYR X C   1 
ATOM   352 O  O   . TYR A 1 51  ? -15.235 6.972   -3.223  1.00 11.36 ? 51  TYR X O   1 
ATOM   353 C  CB  . TYR A 1 51  ? -16.511 8.961   -5.327  1.00 10.45 ? 51  TYR X CB  1 
ATOM   354 C  CG  . TYR A 1 51  ? -16.592 8.902   -6.846  1.00 11.94 ? 51  TYR X CG  1 
ATOM   355 C  CD1 . TYR A 1 51  ? -17.399 7.952   -7.487  1.00 11.83 ? 51  TYR X CD1 1 
ATOM   356 C  CD2 . TYR A 1 51  ? -15.918 9.838   -7.626  1.00 7.32  ? 51  TYR X CD2 1 
ATOM   357 C  CE1 . TYR A 1 51  ? -17.518 7.906   -8.897  1.00 12.13 ? 51  TYR X CE1 1 
ATOM   358 C  CE2 . TYR A 1 51  ? -16.028 9.804   -9.064  1.00 10.80 ? 51  TYR X CE2 1 
ATOM   359 C  CZ  . TYR A 1 51  ? -16.825 8.811   -9.668  1.00 11.90 ? 51  TYR X CZ  1 
ATOM   360 O  OH  . TYR A 1 51  ? -16.956 8.729   -11.043 1.00 12.25 ? 51  TYR X OH  1 
ATOM   361 N  N   . GLY A 1 52  ? -16.821 8.262   -2.284  1.00 9.36  ? 52  GLY X N   1 
ATOM   362 C  CA  . GLY A 1 52  ? -16.129 8.326   -1.010  1.00 10.62 ? 52  GLY X CA  1 
ATOM   363 C  C   . GLY A 1 52  ? -16.122 7.004   -0.288  1.00 11.66 ? 52  GLY X C   1 
ATOM   364 O  O   . GLY A 1 52  ? -15.588 6.896   0.803   1.00 11.83 ? 52  GLY X O   1 
ATOM   365 N  N   . LEU A 1 53  ? -16.737 5.980   -0.890  1.00 12.96 ? 53  LEU X N   1 
ATOM   366 C  CA  . LEU A 1 53  ? -16.708 4.667   -0.256  1.00 12.75 ? 53  LEU X CA  1 
ATOM   367 C  C   . LEU A 1 53  ? -15.639 3.802   -0.914  1.00 12.18 ? 53  LEU X C   1 
ATOM   368 O  O   . LEU A 1 53  ? -15.443 2.674   -0.512  1.00 10.50 ? 53  LEU X O   1 
ATOM   369 C  CB  . LEU A 1 53  ? -18.082 3.997   -0.306  1.00 13.74 ? 53  LEU X CB  1 
ATOM   370 C  CG  . LEU A 1 53  ? -19.232 4.856   0.237   1.00 13.37 ? 53  LEU X CG  1 
ATOM   371 C  CD1 . LEU A 1 53  ? -20.437 3.950   0.484   1.00 9.51  ? 53  LEU X CD1 1 
ATOM   372 C  CD2 . LEU A 1 53  ? -18.875 5.651   1.464   1.00 11.85 ? 53  LEU X CD2 1 
ATOM   373 N  N   . THR A 1 54  ? -14.968 4.331   -1.942  1.00 11.35 ? 54  THR X N   1 
ATOM   374 C  CA  . THR A 1 54  ? -13.851 3.567   -2.535  1.00 12.79 ? 54  THR X CA  1 
ATOM   375 C  C   . THR A 1 54  ? -12.724 3.249   -1.574  1.00 13.21 ? 54  THR X C   1 
ATOM   376 O  O   . THR A 1 54  ? -12.306 4.073   -0.724  1.00 14.13 ? 54  THR X O   1 
ATOM   377 C  CB  . THR A 1 54  ? -13.336 4.034   -3.979  1.00 13.51 ? 54  THR X CB  1 
ATOM   378 O  OG1 . THR A 1 54  ? -11.883 4.160   -4.124  1.00 13.11 ? 54  THR X OG1 1 
ATOM   379 C  CG2 . THR A 1 54  ? -14.142 5.078   -4.578  1.00 7.52  ? 54  THR X CG2 1 
ATOM   380 N  N   . LEU A 1 55  ? -12.301 2.006   -1.703  1.00 12.23 ? 55  LEU X N   1 
ATOM   381 C  CA  . LEU A 1 55  ? -11.247 1.434   -0.904  1.00 12.49 ? 55  LEU X CA  1 
ATOM   382 C  C   . LEU A 1 55  ? -9.915  1.565   -1.640  1.00 12.16 ? 55  LEU X C   1 
ATOM   383 O  O   . LEU A 1 55  ? -9.822  1.258   -2.808  1.00 12.95 ? 55  LEU X O   1 
ATOM   384 C  CB  . LEU A 1 55  ? -11.612 -0.033  -0.634  1.00 12.73 ? 55  LEU X CB  1 
ATOM   385 C  CG  . LEU A 1 55  ? -12.882 -0.111  0.214   1.00 12.41 ? 55  LEU X CG  1 
ATOM   386 C  CD1 . LEU A 1 55  ? -13.732 -1.363  -0.086  1.00 10.03 ? 55  LEU X CD1 1 
ATOM   387 C  CD2 . LEU A 1 55  ? -12.447 -0.042  1.708   1.00 14.45 ? 55  LEU X CD2 1 
ATOM   388 N  N   . CYS A 1 56  ? -8.907  2.078   -0.961  1.00 12.95 ? 56  CYS X N   1 
ATOM   389 C  CA  . CYS A 1 56  ? -7.574  2.133   -1.498  1.00 12.22 ? 56  CYS X CA  1 
ATOM   390 C  C   . CYS A 1 56  ? -6.895  0.796   -1.372  1.00 12.51 ? 56  CYS X C   1 
ATOM   391 O  O   . CYS A 1 56  ? -7.126  0.029   -0.407  1.00 11.47 ? 56  CYS X O   1 
ATOM   392 C  CB  . CYS A 1 56  ? -6.747  3.148   -0.738  1.00 13.78 ? 56  CYS X CB  1 
ATOM   393 S  SG  . CYS A 1 56  ? -7.073  4.801   -1.338  1.00 12.04 ? 56  CYS X SG  1 
ATOM   394 N  N   . ALA A 1 57  ? -6.047  0.536   -2.358  1.00 11.64 ? 57  ALA X N   1 
ATOM   395 C  CA  . ALA A 1 57  ? -5.243  -0.678  -2.399  1.00 12.62 ? 57  ALA X CA  1 
ATOM   396 C  C   . ALA A 1 57  ? -4.417  -0.828  -1.116  1.00 12.81 ? 57  ALA X C   1 
ATOM   397 O  O   . ALA A 1 57  ? -4.314  -1.933  -0.582  1.00 13.74 ? 57  ALA X O   1 
ATOM   398 C  CB  . ALA A 1 57  ? -4.348  -0.684  -3.658  1.00 12.18 ? 57  ALA X CB  1 
ATOM   399 N  N   . GLU A 1 58  ? -3.854  0.267   -0.607  1.00 12.08 ? 58  GLU X N   1 
ATOM   400 C  CA  . GLU A 1 58  ? -2.981  0.194   0.603   1.00 12.27 ? 58  GLU X CA  1 
ATOM   401 C  C   . GLU A 1 58  ? -3.782  -0.107  1.863   1.00 11.82 ? 58  GLU X C   1 
ATOM   402 O  O   . GLU A 1 58  ? -3.292  -0.787  2.811   1.00 12.03 ? 58  GLU X O   1 
ATOM   403 C  CB  . GLU A 1 58  ? -2.121  1.477   0.753   1.00 11.54 ? 58  GLU X CB  1 
ATOM   404 C  CG  . GLU A 1 58  ? -1.435  1.914   -0.584  1.00 11.15 ? 58  GLU X CG  1 
ATOM   405 C  CD  . GLU A 1 58  ? -2.273  2.924   -1.390  1.00 11.90 ? 58  GLU X CD  1 
ATOM   406 O  OE1 . GLU A 1 58  ? -3.324  2.569   -1.931  1.00 12.09 ? 58  GLU X OE1 1 
ATOM   407 O  OE2 . GLU A 1 58  ? -1.886  4.101   -1.505  1.00 11.08 ? 58  GLU X OE2 1 
ATOM   408 N  N   . CYS A 1 59  ? -5.036  0.331   1.845   1.00 10.93 ? 59  CYS X N   1 
ATOM   409 C  CA  . CYS A 1 59  ? -5.995  -0.019  2.886   1.00 11.44 ? 59  CYS X CA  1 
ATOM   410 C  C   . CYS A 1 59  ? -6.375  -1.467  2.746   1.00 10.73 ? 59  CYS X C   1 
ATOM   411 O  O   . CYS A 1 59  ? -6.493  -2.139  3.733   1.00 10.23 ? 59  CYS X O   1 
ATOM   412 C  CB  . CYS A 1 59  ? -7.261  0.833   2.784   1.00 11.28 ? 59  CYS X CB  1 
ATOM   413 S  SG  . CYS A 1 59  ? -7.010  2.493   3.260   1.00 14.22 ? 59  CYS X SG  1 
ATOM   414 N  N   . ALA A 1 60  ? -6.586  -1.949  1.517   1.00 10.93 ? 60  ALA X N   1 
ATOM   415 C  CA  . ALA A 1 60  ? -6.783  -3.385  1.288   1.00 10.98 ? 60  ALA X CA  1 
ATOM   416 C  C   . ALA A 1 60  ? -5.626  -4.210  1.878   1.00 11.00 ? 60  ALA X C   1 
ATOM   417 O  O   . ALA A 1 60  ? -5.839  -5.216  2.553   1.00 11.95 ? 60  ALA X O   1 
ATOM   418 C  CB  . ALA A 1 60  ? -6.964  -3.703  -0.203  1.00 10.24 ? 60  ALA X CB  1 
ATOM   419 N  N   . VAL A 1 61  ? -4.396  -3.746  1.671   1.00 11.11 ? 61  VAL X N   1 
ATOM   420 C  CA  . VAL A 1 61  ? -3.241  -4.408  2.218   1.00 10.94 ? 61  VAL X CA  1 
ATOM   421 C  C   . VAL A 1 61  ? -3.348  -4.577  3.748   1.00 11.72 ? 61  VAL X C   1 
ATOM   422 O  O   . VAL A 1 61  ? -3.069  -5.660  4.272   1.00 11.97 ? 61  VAL X O   1 
ATOM   423 C  CB  . VAL A 1 61  ? -1.972  -3.637  1.810   1.00 12.28 ? 61  VAL X CB  1 
ATOM   424 C  CG1 . VAL A 1 61  ? -0.796  -3.918  2.766   1.00 11.43 ? 61  VAL X CG1 1 
ATOM   425 C  CG2 . VAL A 1 61  ? -1.616  -3.980  0.397   1.00 10.60 ? 61  VAL X CG2 1 
ATOM   426 N  N   . VAL A 1 62  ? -3.763  -3.510  4.430   1.00 10.75 ? 62  VAL X N   1 
ATOM   427 C  CA  . VAL A 1 62  ? -3.825  -3.447  5.909   1.00 12.41 ? 62  VAL X CA  1 
ATOM   428 C  C   . VAL A 1 62  ? -4.891  -4.432  6.403   1.00 12.77 ? 62  VAL X C   1 
ATOM   429 O  O   . VAL A 1 62  ? -4.717  -5.123  7.409   1.00 14.88 ? 62  VAL X O   1 
ATOM   430 C  CB  . VAL A 1 62  ? -4.078  -1.930  6.361   1.00 12.13 ? 62  VAL X CB  1 
ATOM   431 C  CG1 . VAL A 1 62  ? -4.701  -1.780  7.794   1.00 10.19 ? 62  VAL X CG1 1 
ATOM   432 C  CG2 . VAL A 1 62  ? -2.841  -1.106  6.180   1.00 10.11 ? 62  VAL X CG2 1 
ATOM   433 N  N   . CYS A 1 63  ? -5.985  -4.518  5.666   1.00 13.09 ? 63  CYS X N   1 
ATOM   434 C  CA  . CYS A 1 63  ? -7.076  -5.484  5.932   1.00 12.74 ? 63  CYS X CA  1 
ATOM   435 C  C   . CYS A 1 63  ? -6.533  -6.905  5.818   1.00 12.76 ? 63  CYS X C   1 
ATOM   436 O  O   . CYS A 1 63  ? -6.720  -7.708  6.720   1.00 13.60 ? 63  CYS X O   1 
ATOM   437 C  CB  . CYS A 1 63  ? -8.225  -5.272  4.906   1.00 12.58 ? 63  CYS X CB  1 
ATOM   438 S  SG  . CYS A 1 63  ? -9.225  -3.801  5.134   1.00 12.60 ? 63  CYS X SG  1 
ATOM   439 N  N   . ALA A 1 64  ? -5.824  -7.200  4.717   1.00 12.54 ? 64  ALA X N   1 
ATOM   440 C  CA  . ALA A 1 64  ? -5.121  -8.499  4.518   1.00 11.82 ? 64  ALA X CA  1 
ATOM   441 C  C   . ALA A 1 64  ? -4.151  -8.793  5.656   1.00 12.44 ? 64  ALA X C   1 
ATOM   442 O  O   . ALA A 1 64  ? -4.122  -9.886  6.220   1.00 10.38 ? 64  ALA X O   1 
ATOM   443 C  CB  . ALA A 1 64  ? -4.388  -8.508  3.209   1.00 11.22 ? 64  ALA X CB  1 
ATOM   444 N  N   . LEU A 1 65  ? -3.388  -7.780  6.026   1.00 13.10 ? 65  LEU X N   1 
ATOM   445 C  CA  . LEU A 1 65  ? -2.486  -7.895  7.147   1.00 14.26 ? 65  LEU X CA  1 
ATOM   446 C  C   . LEU A 1 65  ? -3.211  -8.501  8.331   1.00 14.62 ? 65  LEU X C   1 
ATOM   447 O  O   . LEU A 1 65  ? -2.801  -9.520  8.869   1.00 14.07 ? 65  LEU X O   1 
ATOM   448 C  CB  . LEU A 1 65  ? -1.951  -6.506  7.522   1.00 12.99 ? 65  LEU X CB  1 
ATOM   449 C  CG  . LEU A 1 65  ? -1.125  -6.403  8.807   1.00 16.21 ? 65  LEU X CG  1 
ATOM   450 C  CD1 . LEU A 1 65  ? 0.178   -7.224  8.694   1.00 15.06 ? 65  LEU X CD1 1 
ATOM   451 C  CD2 . LEU A 1 65  ? -0.863  -4.921  9.100   1.00 14.23 ? 65  LEU X CD2 1 
ATOM   452 N  N   . HIS A 1 66  ? -4.281  -7.857  8.761   1.00 15.90 ? 66  HIS X N   1 
ATOM   453 C  CA  . HIS A 1 66  ? -4.973  -8.324  9.962   1.00 17.32 ? 66  HIS X CA  1 
ATOM   454 C  C   . HIS A 1 66  ? -5.840  -9.515  9.749   1.00 18.49 ? 66  HIS X C   1 
ATOM   455 O  O   . HIS A 1 66  ? -6.144  -10.195 10.689  1.00 20.03 ? 66  HIS X O   1 
ATOM   456 C  CB  . HIS A 1 66  ? -5.747  -7.201  10.615  1.00 14.60 ? 66  HIS X CB  1 
ATOM   457 C  CG  . HIS A 1 66  ? -4.836  -6.173  11.151  1.00 15.47 ? 66  HIS X CG  1 
ATOM   458 N  ND1 . HIS A 1 66  ? -4.160  -6.338  12.342  1.00 13.93 ? 66  HIS X ND1 1 
ATOM   459 C  CD2 . HIS A 1 66  ? -4.370  -5.031  10.603  1.00 12.84 ? 66  HIS X CD2 1 
ATOM   460 C  CE1 . HIS A 1 66  ? -3.364  -5.305  12.539  1.00 13.49 ? 66  HIS X CE1 1 
ATOM   461 N  NE2 . HIS A 1 66  ? -3.458  -4.508  11.492  1.00 14.33 ? 66  HIS X NE2 1 
ATOM   462 N  N   . SER A 1 67  ? -6.264  -9.765  8.520   1.00 19.45 ? 67  SER X N   1 
ATOM   463 C  CA  . SER A 1 67  ? -7.059  -10.954 8.299   1.00 20.03 ? 67  SER X CA  1 
ATOM   464 C  C   . SER A 1 67  ? -6.135  -12.183 8.127   1.00 19.66 ? 67  SER X C   1 
ATOM   465 O  O   . SER A 1 67  ? -6.582  -13.313 8.104   1.00 20.59 ? 67  SER X O   1 
ATOM   466 C  CB  . SER A 1 67  ? -8.070  -10.714 7.174   1.00 19.55 ? 67  SER X CB  1 
ATOM   467 O  OG  . SER A 1 67  ? -7.443  -10.884 5.953   1.00 23.59 ? 67  SER X OG  1 
ATOM   468 N  N   . THR A 1 68  ? -4.827  -11.954 8.118   1.00 18.82 ? 68  THR X N   1 
ATOM   469 C  CA  . THR A 1 68  ? -3.847  -13.030 7.986   1.00 18.60 ? 68  THR X CA  1 
ATOM   470 C  C   . THR A 1 68  ? -2.884  -13.127 9.182   1.00 18.36 ? 68  THR X C   1 
ATOM   471 O  O   . THR A 1 68  ? -1.837  -13.729 9.064   1.00 19.05 ? 68  THR X O   1 
ATOM   472 C  CB  . THR A 1 68  ? -2.985  -12.923 6.699   1.00 18.10 ? 68  THR X CB  1 
ATOM   473 O  OG1 . THR A 1 68  ? -2.194  -11.720 6.750   1.00 17.94 ? 68  THR X OG1 1 
ATOM   474 C  CG2 . THR A 1 68  ? -3.838  -12.964 5.432   1.00 16.49 ? 68  THR X CG2 1 
ATOM   475 N  N   . GLY A 1 69  ? -3.249  -12.556 10.328  1.00 18.97 ? 69  GLY X N   1 
ATOM   476 C  CA  . GLY A 1 69  ? -2.483  -12.760 11.551  1.00 17.95 ? 69  GLY X CA  1 
ATOM   477 C  C   . GLY A 1 69  ? -1.927  -11.460 12.096  1.00 18.66 ? 69  GLY X C   1 
ATOM   478 O  O   . GLY A 1 69  ? -1.352  -11.437 13.172  1.00 18.97 ? 69  GLY X O   1 
ATOM   479 N  N   . GLY A 1 70  ? -2.117  -10.362 11.370  1.00 17.50 ? 70  GLY X N   1 
ATOM   480 C  CA  . GLY A 1 70  ? -1.624  -9.073  11.808  1.00 17.40 ? 70  GLY X CA  1 
ATOM   481 C  C   . GLY A 1 70  ? -0.108  -9.021  11.817  1.00 17.24 ? 70  GLY X C   1 
ATOM   482 O  O   . GLY A 1 70  ? 0.548   -9.722  11.071  1.00 17.00 ? 70  GLY X O   1 
ATOM   483 N  N   . GLY A 1 71  ? 0.433   -8.177  12.683  1.00 18.10 ? 71  GLY X N   1 
ATOM   484 C  CA  . GLY A 1 71  ? 1.854   -7.933  12.718  1.00 18.19 ? 71  GLY X CA  1 
ATOM   485 C  C   . GLY A 1 71  ? 2.114   -6.547  12.179  1.00 18.60 ? 71  GLY X C   1 
ATOM   486 O  O   . GLY A 1 71  ? 1.178   -5.740  12.004  1.00 19.27 ? 71  GLY X O   1 
ATOM   487 N  N   . ARG A 1 72  ? 3.389   -6.270  11.923  1.00 18.96 ? 72  ARG X N   1 
ATOM   488 C  CA  . ARG A 1 72  ? 3.824   -4.956  11.520  1.00 19.35 ? 72  ARG X CA  1 
ATOM   489 C  C   . ARG A 1 72  ? 4.249   -4.992  10.066  1.00 18.99 ? 72  ARG X C   1 
ATOM   490 O  O   . ARG A 1 72  ? 4.912   -5.947  9.637   1.00 18.46 ? 72  ARG X O   1 
ATOM   491 C  CB  . ARG A 1 72  ? 4.996   -4.493  12.385  1.00 20.58 ? 72  ARG X CB  1 
ATOM   492 C  CG  . ARG A 1 72  ? 4.721   -4.547  13.926  1.00 25.40 ? 72  ARG X CG  1 
ATOM   493 C  CD  . ARG A 1 72  ? 3.659   -3.500  14.367  1.00 30.99 ? 72  ARG X CD  1 
ATOM   494 N  NE  . ARG A 1 72  ? 4.208   -2.142  14.265  1.00 32.08 ? 72  ARG X NE  1 
ATOM   495 C  CZ  . ARG A 1 72  ? 3.514   -1.006  14.327  1.00 30.72 ? 72  ARG X CZ  1 
ATOM   496 N  NH1 . ARG A 1 72  ? 2.203   -1.025  14.503  1.00 31.12 ? 72  ARG X NH1 1 
ATOM   497 N  NH2 . ARG A 1 72  ? 4.157   0.155   14.217  1.00 26.83 ? 72  ARG X NH2 1 
ATOM   498 N  N   . LEU A 1 73  ? 3.911   -3.933  9.335   1.00 17.34 ? 73  LEU X N   1 
ATOM   499 C  CA  . LEU A 1 73  ? 4.364   -3.791  7.943   1.00 16.50 ? 73  LEU X CA  1 
ATOM   500 C  C   . LEU A 1 73  ? 5.779   -3.228  7.918   1.00 16.16 ? 73  LEU X C   1 
ATOM   501 O  O   . LEU A 1 73  ? 6.101   -2.253  8.619   1.00 17.60 ? 73  LEU X O   1 
ATOM   502 C  CB  . LEU A 1 73  ? 3.402   -2.889  7.155   1.00 16.07 ? 73  LEU X CB  1 
ATOM   503 C  CG  . LEU A 1 73  ? 1.945   -3.352  6.973   1.00 15.62 ? 73  LEU X CG  1 
ATOM   504 C  CD1 . LEU A 1 73  ? 1.146   -2.328  6.140   1.00 14.00 ? 73  LEU X CD1 1 
ATOM   505 C  CD2 . LEU A 1 73  ? 1.898   -4.792  6.301   1.00 10.31 ? 73  LEU X CD2 1 
ATOM   506 N  N   . LEU A 1 74  ? 6.642   -3.860  7.134   1.00 15.52 ? 74  LEU X N   1 
ATOM   507 C  CA  . LEU A 1 74  ? 8.021   -3.423  7.035   1.00 15.03 ? 74  LEU X CA  1 
ATOM   508 C  C   . LEU A 1 74  ? 8.212   -2.580  5.771   1.00 15.08 ? 74  LEU X C   1 
ATOM   509 O  O   . LEU A 1 74  ? 8.889   -1.548  5.788   1.00 16.19 ? 74  LEU X O   1 
ATOM   510 C  CB  . LEU A 1 74  ? 8.978   -4.614  7.055   1.00 15.17 ? 74  LEU X CB  1 
ATOM   511 C  CG  . LEU A 1 74  ? 8.958   -5.530  8.311   1.00 15.59 ? 74  LEU X CG  1 
ATOM   512 C  CD1 . LEU A 1 74  ? 10.121  -6.510  8.259   1.00 15.81 ? 74  LEU X CD1 1 
ATOM   513 C  CD2 . LEU A 1 74  ? 9.017   -4.721  9.622   1.00 15.51 ? 74  LEU X CD2 1 
ATOM   514 N  N   . ALA A 1 75  ? 7.613   -3.024  4.674   1.00 14.73 ? 75  ALA X N   1 
ATOM   515 C  CA  . ALA A 1 75  ? 7.824   -2.362  3.410   1.00 13.78 ? 75  ALA X CA  1 
ATOM   516 C  C   . ALA A 1 75  ? 6.558   -2.519  2.590   1.00 13.36 ? 75  ALA X C   1 
ATOM   517 O  O   . ALA A 1 75  ? 5.824   -3.524  2.740   1.00 11.99 ? 75  ALA X O   1 
ATOM   518 C  CB  . ALA A 1 75  ? 9.012   -2.945  2.685   1.00 13.44 ? 75  ALA X CB  1 
ATOM   519 N  N   . LEU A 1 76  ? 6.281   -1.498  1.776   1.00 13.87 ? 76  LEU X N   1 
ATOM   520 C  CA  . LEU A 1 76  ? 5.117   -1.494  0.883   1.00 13.58 ? 76  LEU X CA  1 
ATOM   521 C  C   . LEU A 1 76  ? 5.497   -0.878  -0.448  1.00 13.61 ? 76  LEU X C   1 
ATOM   522 O  O   . LEU A 1 76  ? 6.086   0.214   -0.483  1.00 15.65 ? 76  LEU X O   1 
ATOM   523 C  CB  . LEU A 1 76  ? 3.954   -0.710  1.495   1.00 14.34 ? 76  LEU X CB  1 
ATOM   524 C  CG  . LEU A 1 76  ? 2.666   -0.632  0.626   1.00 13.32 ? 76  LEU X CG  1 
ATOM   525 C  CD1 . LEU A 1 76  ? 1.450   -0.847  1.450   1.00 8.45  ? 76  LEU X CD1 1 
ATOM   526 C  CD2 . LEU A 1 76  ? 2.577   0.645   -0.117  1.00 12.52 ? 76  LEU X CD2 1 
ATOM   527 N  N   . ALA A 1 77  ? 5.147   -1.557  -1.536  1.00 12.81 ? 77  ALA X N   1 
ATOM   528 C  CA  . ALA A 1 77  ? 5.134   -0.932  -2.847  1.00 12.02 ? 77  ALA X CA  1 
ATOM   529 C  C   . ALA A 1 77  ? 3.723   -0.669  -3.257  1.00 12.43 ? 77  ALA X C   1 
ATOM   530 O  O   . ALA A 1 77  ? 2.856   -1.514  -3.087  1.00 13.70 ? 77  ALA X O   1 
ATOM   531 C  CB  . ALA A 1 77  ? 5.826   -1.817  -3.883  1.00 11.53 ? 77  ALA X CB  1 
ATOM   532 N  N   . CYS A 1 78  ? 3.485   0.511   -3.805  1.00 12.75 ? 78  CYS X N   1 
ATOM   533 C  CA  . CYS A 1 78  ? 2.185   0.840   -4.396  1.00 13.77 ? 78  CYS X CA  1 
ATOM   534 C  C   . CYS A 1 78  ? 2.398   1.189   -5.881  1.00 13.26 ? 78  CYS X C   1 
ATOM   535 O  O   . CYS A 1 78  ? 3.320   1.895   -6.207  1.00 12.36 ? 78  CYS X O   1 
ATOM   536 C  CB  . CYS A 1 78  ? 1.540   2.003   -3.631  1.00 12.95 ? 78  CYS X CB  1 
ATOM   537 S  SG  . CYS A 1 78  ? -0.105  2.494   -4.242  1.00 12.46 ? 78  CYS X SG  1 
ATOM   538 N  N   . VAL A 1 79  ? 1.573   0.659   -6.776  1.00 13.78 ? 79  VAL X N   1 
ATOM   539 C  CA  . VAL A 1 79  ? 1.758   0.931   -8.230  1.00 12.79 ? 79  VAL X CA  1 
ATOM   540 C  C   . VAL A 1 79  ? 0.449   1.206   -8.935  1.00 13.82 ? 79  VAL X C   1 
ATOM   541 O  O   . VAL A 1 79  ? -0.617  0.799   -8.448  1.00 15.03 ? 79  VAL X O   1 
ATOM   542 C  CB  . VAL A 1 79  ? 2.520   -0.244  -8.937  1.00 13.30 ? 79  VAL X CB  1 
ATOM   543 C  CG1 . VAL A 1 79  ? 3.896   -0.500  -8.265  1.00 10.90 ? 79  VAL X CG1 1 
ATOM   544 C  CG2 . VAL A 1 79  ? 1.676   -1.506  -8.921  1.00 8.26  ? 79  VAL X CG2 1 
ATOM   545 N  N   . ASP A 1 80  ? 0.483   1.888   -10.082 1.00 14.28 ? 80  ASP X N   1 
ATOM   546 C  CA  . ASP A 1 80  ? -0.723  1.969   -10.865 1.00 13.46 ? 80  ASP X CA  1 
ATOM   547 C  C   . ASP A 1 80  ? -0.860  0.746   -11.748 1.00 14.21 ? 80  ASP X C   1 
ATOM   548 O  O   . ASP A 1 80  ? -0.027  -0.149  -11.694 1.00 12.13 ? 80  ASP X O   1 
ATOM   549 C  CB  . ASP A 1 80  ? -0.814  3.250   -11.665 1.00 15.06 ? 80  ASP X CB  1 
ATOM   550 C  CG  . ASP A 1 80  ? 0.292   3.392   -12.673 1.00 15.20 ? 80  ASP X CG  1 
ATOM   551 O  OD1 . ASP A 1 80  ? 0.973   2.396   -12.999 1.00 13.97 ? 80  ASP X OD1 1 
ATOM   552 O  OD2 . ASP A 1 80  ? 0.463   4.519   -13.144 1.00 15.65 ? 80  ASP X OD2 1 
ATOM   553 N  N   . GLY A 1 81  ? -1.941  0.695   -12.527 1.00 14.56 ? 81  GLY X N   1 
ATOM   554 C  CA  . GLY A 1 81  ? -2.172  -0.418  -13.435 1.00 16.26 ? 81  GLY X CA  1 
ATOM   555 C  C   . GLY A 1 81  ? -1.097  -0.566  -14.500 1.00 16.23 ? 81  GLY X C   1 
ATOM   556 O  O   . GLY A 1 81  ? -1.053  -1.566  -15.220 1.00 16.62 ? 81  GLY X O   1 
ATOM   557 N  N   . HIS A 1 82  ? -0.205  0.406   -14.592 1.00 16.05 ? 82  HIS X N   1 
ATOM   558 C  CA  . HIS A 1 82  ? 0.864   0.339   -15.572 1.00 16.18 ? 82  HIS X CA  1 
ATOM   559 C  C   . HIS A 1 82  ? 2.123   -0.125  -14.908 1.00 15.88 ? 82  HIS X C   1 
ATOM   560 O  O   . HIS A 1 82  ? 3.149   -0.235  -15.548 1.00 14.97 ? 82  HIS X O   1 
ATOM   561 C  CB  . HIS A 1 82  ? 1.087   1.704   -16.182 1.00 17.38 ? 82  HIS X CB  1 
ATOM   562 C  CG  . HIS A 1 82  ? 0.058   2.072   -17.192 1.00 18.92 ? 82  HIS X CG  1 
ATOM   563 N  ND1 . HIS A 1 82  ? 0.347   2.830   -18.297 1.00 23.66 ? 82  HIS X ND1 1 
ATOM   564 C  CD2 . HIS A 1 82  ? -1.251  1.757   -17.283 1.00 23.71 ? 82  HIS X CD2 1 
ATOM   565 C  CE1 . HIS A 1 82  ? -0.742  2.974   -19.028 1.00 22.85 ? 82  HIS X CE1 1 
ATOM   566 N  NE2 . HIS A 1 82  ? -1.727  2.331   -18.433 1.00 22.92 ? 82  HIS X NE2 1 
ATOM   567 N  N   . GLY A 1 83  ? 2.030   -0.406  -13.610 1.00 14.73 ? 83  GLY X N   1 
ATOM   568 C  CA  . GLY A 1 83  ? 3.178   -0.870  -12.881 1.00 15.23 ? 83  GLY X CA  1 
ATOM   569 C  C   . GLY A 1 83  ? 4.081   0.272   -12.459 1.00 15.31 ? 83  GLY X C   1 
ATOM   570 O  O   . GLY A 1 83  ? 5.137   0.030   -11.931 1.00 15.54 ? 83  GLY X O   1 
ATOM   571 N  N   . SER A 1 84  ? 3.651   1.510   -12.667 1.00 16.14 ? 84  SER X N   1 
ATOM   572 C  CA  . SER A 1 84  ? 4.418   2.686   -12.193 1.00 16.89 ? 84  SER X CA  1 
ATOM   573 C  C   . SER A 1 84  ? 4.295   2.861   -10.681 1.00 15.53 ? 84  SER X C   1 
ATOM   574 O  O   . SER A 1 84  ? 3.208   2.721   -10.118 1.00 14.37 ? 84  SER X O   1 
ATOM   575 C  CB  . SER A 1 84  ? 3.925   3.955   -12.863 1.00 16.31 ? 84  SER X CB  1 
ATOM   576 O  OG  . SER A 1 84  ? 4.197   3.920   -14.252 1.00 23.17 ? 84  SER X OG  1 
ATOM   577 N  N   . VAL A 1 85  ? 5.401   3.208   -10.027 1.00 16.04 ? 85  VAL X N   1 
ATOM   578 C  CA  . VAL A 1 85  ? 5.354   3.456   -8.570  1.00 14.73 ? 85  VAL X CA  1 
ATOM   579 C  C   . VAL A 1 85  ? 4.483   4.657   -8.271  1.00 14.52 ? 85  VAL X C   1 
ATOM   580 O  O   . VAL A 1 85  ? 4.534   5.656   -8.987  1.00 15.09 ? 85  VAL X O   1 
ATOM   581 C  CB  . VAL A 1 85  ? 6.717   3.531   -7.968  1.00 14.05 ? 85  VAL X CB  1 
ATOM   582 C  CG1 . VAL A 1 85  ? 6.644   3.668   -6.462  1.00 14.07 ? 85  VAL X CG1 1 
ATOM   583 C  CG2 . VAL A 1 85  ? 7.430   2.213   -8.296  1.00 15.92 ? 85  VAL X CG2 1 
ATOM   584 N  N   . LEU A 1 86  ? 3.597   4.503   -7.287  1.00 13.45 ? 86  LEU X N   1 
ATOM   585 C  CA  . LEU A 1 86  ? 2.656   5.550   -6.867  1.00 14.33 ? 86  LEU X CA  1 
ATOM   586 C  C   . LEU A 1 86  ? 2.946   5.850   -5.419  1.00 14.15 ? 86  LEU X C   1 
ATOM   587 O  O   . LEU A 1 86  ? 3.275   4.934   -4.672  1.00 14.03 ? 86  LEU X O   1 
ATOM   588 C  CB  . LEU A 1 86  ? 1.200   5.048   -6.936  1.00 13.76 ? 86  LEU X CB  1 
ATOM   589 C  CG  . LEU A 1 86  ? 0.480   5.054   -8.276  1.00 15.86 ? 86  LEU X CG  1 
ATOM   590 C  CD1 . LEU A 1 86  ? -0.976  4.541   -8.114  1.00 12.72 ? 86  LEU X CD1 1 
ATOM   591 C  CD2 . LEU A 1 86  ? 0.526   6.443   -9.004  1.00 16.26 ? 86  LEU X CD2 1 
ATOM   592 N  N   . MET A 1 87  ? 2.876   7.115   -5.030  1.00 13.74 ? 87  MET X N   1 
ATOM   593 C  CA  . MET A 1 87  ? 2.921   7.411   -3.605  1.00 14.01 ? 87  MET X CA  1 
ATOM   594 C  C   . MET A 1 87  ? 1.504   7.239   -3.118  1.00 14.56 ? 87  MET X C   1 
ATOM   595 O  O   . MET A 1 87  ? 0.565   7.621   -3.815  1.00 14.92 ? 87  MET X O   1 
ATOM   596 C  CB  . MET A 1 87  ? 3.423   8.833   -3.301  1.00 13.77 ? 87  MET X CB  1 
ATOM   597 C  CG  . MET A 1 87  ? 4.932   9.099   -3.576  1.00 13.41 ? 87  MET X CG  1 
ATOM   598 S  SD  . MET A 1 87  ? 5.987   8.003   -2.680  1.00 20.92 ? 87  MET X SD  1 
ATOM   599 C  CE  . MET A 1 87  ? 6.347   6.797   -3.959  1.00 18.13 ? 87  MET X CE  1 
ATOM   600 N  N   . PRO A 1 88  ? 1.349   6.668   -1.933  1.00 14.11 ? 88  PRO X N   1 
ATOM   601 C  CA  . PRO A 1 88  ? 0.047   6.491   -1.339  1.00 14.24 ? 88  PRO X CA  1 
ATOM   602 C  C   . PRO A 1 88  ? -0.626  7.830   -1.109  1.00 12.82 ? 88  PRO X C   1 
ATOM   603 O  O   . PRO A 1 88  ? 0.051   8.823   -0.784  1.00 13.26 ? 88  PRO X O   1 
ATOM   604 C  CB  . PRO A 1 88  ? 0.385   5.807   0.003   1.00 14.40 ? 88  PRO X CB  1 
ATOM   605 C  CG  . PRO A 1 88  ? 1.665   5.016   -0.326  1.00 15.28 ? 88  PRO X CG  1 
ATOM   606 C  CD  . PRO A 1 88  ? 2.404   6.084   -1.086  1.00 14.79 ? 88  PRO X CD  1 
ATOM   607 N  N   . CYS A 1 89  ? -1.942  7.868   -1.269  1.00 10.25 ? 89  CYS X N   1 
ATOM   608 C  CA  . CYS A 1 89  ? -2.679  9.053   -0.906  1.00 10.19 ? 89  CYS X CA  1 
ATOM   609 C  C   . CYS A 1 89  ? -2.535  9.319   0.619   1.00 10.07 ? 89  CYS X C   1 
ATOM   610 O  O   . CYS A 1 89  ? -2.053  8.456   1.386   1.00 10.85 ? 89  CYS X O   1 
ATOM   611 C  CB  . CYS A 1 89  ? -4.144  8.948   -1.355  1.00 9.25  ? 89  CYS X CB  1 
ATOM   612 S  SG  . CYS A 1 89  ? -5.189  8.000   -0.226  1.00 12.17 ? 89  CYS X SG  1 
ATOM   613 N  N   . GLY A 1 90  ? -2.893  10.522  1.041   1.00 9.78  ? 90  GLY X N   1 
ATOM   614 C  CA  . GLY A 1 90  ? -2.706  10.929  2.444   1.00 10.36 ? 90  GLY X CA  1 
ATOM   615 C  C   . GLY A 1 90  ? -3.410  9.987   3.406   1.00 9.46  ? 90  GLY X C   1 
ATOM   616 O  O   . GLY A 1 90  ? -2.870  9.649   4.476   1.00 10.48 ? 90  GLY X O   1 
ATOM   617 N  N   . ARG A 1 91  ? -4.597  9.530   3.013   1.00 8.74  ? 91  ARG X N   1 
ATOM   618 C  CA  . ARG A 1 91  ? -5.413  8.608   3.837   1.00 8.99  ? 91  ARG X CA  1 
ATOM   619 C  C   . ARG A 1 91  ? -4.679  7.318   4.050   1.00 9.19  ? 91  ARG X C   1 
ATOM   620 O  O   . ARG A 1 91  ? -4.652  6.778   5.179   1.00 8.96  ? 91  ARG X O   1 
ATOM   621 C  CB  . ARG A 1 91  ? -6.806  8.331   3.232   1.00 8.48  ? 91  ARG X CB  1 
ATOM   622 C  CG  . ARG A 1 91  ? -7.396  6.937   3.621   1.00 9.35  ? 91  ARG X CG  1 
ATOM   623 C  CD  . ARG A 1 91  ? -8.033  6.105   2.427   1.00 12.79 ? 91  ARG X CD  1 
ATOM   624 N  NE  . ARG A 1 91  ? -9.526  6.014   2.601   1.00 20.16 ? 91  ARG X NE  1 
ATOM   625 C  CZ  . ARG A 1 91  ? -10.373 5.757   1.623   1.00 22.03 ? 91  ARG X CZ  1 
ATOM   626 N  NH1 . ARG A 1 91  ? -9.868  5.561   0.424   1.00 16.49 ? 91  ARG X NH1 1 
ATOM   627 N  NH2 . ARG A 1 91  ? -11.733 5.677   1.835   1.00 27.26 ? 91  ARG X NH2 1 
ATOM   628 N  N   . CYS A 1 92  ? -4.036  6.839   2.977   1.00 9.43  ? 92  CYS X N   1 
ATOM   629 C  CA  . CYS A 1 92  ? -3.290  5.608   3.047   1.00 10.05 ? 92  CYS X CA  1 
ATOM   630 C  C   . CYS A 1 92  ? -2.050  5.793   3.852   1.00 10.86 ? 92  CYS X C   1 
ATOM   631 O  O   . CYS A 1 92  ? -1.707  4.919   4.636   1.00 11.37 ? 92  CYS X O   1 
ATOM   632 C  CB  . CYS A 1 92  ? -2.963  5.090   1.646   1.00 10.53 ? 92  CYS X CB  1 
ATOM   633 S  SG  . CYS A 1 92  ? -4.465  4.372   1.035   1.00 14.04 ? 92  CYS X SG  1 
ATOM   634 N  N   . ARG A 1 93  ? -1.409  6.951   3.730   1.00 10.92 ? 93  ARG X N   1 
ATOM   635 C  CA  . ARG A 1 93  ? -0.233  7.211   4.558   1.00 10.98 ? 93  ARG X CA  1 
ATOM   636 C  C   . ARG A 1 93  ? -0.561  7.138   6.073   1.00 12.07 ? 93  ARG X C   1 
ATOM   637 O  O   . ARG A 1 93  ? 0.171   6.557   6.845   1.00 12.15 ? 93  ARG X O   1 
ATOM   638 C  CB  . ARG A 1 93  ? 0.361   8.558   4.222   1.00 9.79  ? 93  ARG X CB  1 
ATOM   639 C  CG  . ARG A 1 93  ? 0.974   8.601   2.850   1.00 11.01 ? 93  ARG X CG  1 
ATOM   640 C  CD  . ARG A 1 93  ? 1.635   9.919   2.523   1.00 11.59 ? 93  ARG X CD  1 
ATOM   641 N  NE  . ARG A 1 93  ? 1.827   10.044  1.065   1.00 8.91  ? 93  ARG X NE  1 
ATOM   642 C  CZ  . ARG A 1 93  ? 2.572   10.974  0.478   1.00 11.00 ? 93  ARG X CZ  1 
ATOM   643 N  NH1 . ARG A 1 93  ? 3.223   11.889  1.206   1.00 9.39  ? 93  ARG X NH1 1 
ATOM   644 N  NH2 . ARG A 1 93  ? 2.681   10.997  -0.847  1.00 11.53 ? 93  ARG X NH2 1 
ATOM   645 N  N   . GLN A 1 94  ? -1.637  7.793   6.470   1.00 11.72 ? 94  GLN X N   1 
ATOM   646 C  CA  . GLN A 1 94  ? -2.169  7.627   7.819   1.00 11.75 ? 94  GLN X CA  1 
ATOM   647 C  C   . GLN A 1 94  ? -2.506  6.174   8.180   1.00 10.95 ? 94  GLN X C   1 
ATOM   648 O  O   . GLN A 1 94  ? -2.178  5.733   9.276   1.00 10.48 ? 94  GLN X O   1 
ATOM   649 C  CB  . GLN A 1 94  ? -3.382  8.533   8.017   1.00 10.73 ? 94  GLN X CB  1 
ATOM   650 C  CG  . GLN A 1 94  ? -3.704  8.841   9.530   1.00 10.65 ? 94  GLN X CG  1 
ATOM   651 C  CD  . GLN A 1 94  ? -2.749  9.784   10.151  1.00 10.79 ? 94  GLN X CD  1 
ATOM   652 O  OE1 . GLN A 1 94  ? -2.461  10.847  9.612   1.00 10.85 ? 94  GLN X OE1 1 
ATOM   653 N  NE2 . GLN A 1 94  ? -2.249  9.418   11.316  1.00 9.02  ? 94  GLN X NE2 1 
ATOM   654 N  N   . VAL A 1 95  ? -3.212  5.436   7.326   1.00 11.44 ? 95  VAL X N   1 
ATOM   655 C  CA  . VAL A 1 95  ? -3.552  4.085   7.777   1.00 12.18 ? 95  VAL X CA  1 
ATOM   656 C  C   . VAL A 1 95  ? -2.307  3.194   7.832   1.00 11.93 ? 95  VAL X C   1 
ATOM   657 O  O   . VAL A 1 95  ? -2.140  2.447   8.804   1.00 12.68 ? 95  VAL X O   1 
ATOM   658 C  CB  . VAL A 1 95  ? -4.850  3.376   7.107   1.00 13.22 ? 95  VAL X CB  1 
ATOM   659 C  CG1 . VAL A 1 95  ? -5.815  4.365   6.527   1.00 9.05  ? 95  VAL X CG1 1 
ATOM   660 C  CG2 . VAL A 1 95  ? -4.487  2.226   6.180   1.00 14.27 ? 95  VAL X CG2 1 
ATOM   661 N  N   . LEU A 1 96  ? -1.409  3.314   6.846   1.00 11.33 ? 96  LEU X N   1 
ATOM   662 C  CA  . LEU A 1 96  ? -0.140  2.546   6.880   1.00 11.38 ? 96  LEU X CA  1 
ATOM   663 C  C   . LEU A 1 96  ? 0.684   2.807   8.162   1.00 11.67 ? 96  LEU X C   1 
ATOM   664 O  O   . LEU A 1 96  ? 1.217   1.883   8.785   1.00 11.06 ? 96  LEU X O   1 
ATOM   665 C  CB  . LEU A 1 96  ? 0.684   2.834   5.640   1.00 10.71 ? 96  LEU X CB  1 
ATOM   666 C  CG  . LEU A 1 96  ? -0.004  2.266   4.395   1.00 13.23 ? 96  LEU X CG  1 
ATOM   667 C  CD1 . LEU A 1 96  ? 0.670   2.805   3.137   1.00 12.62 ? 96  LEU X CD1 1 
ATOM   668 C  CD2 . LEU A 1 96  ? -0.076  0.714   4.450   1.00 13.38 ? 96  LEU X CD2 1 
ATOM   669 N  N   . LEU A 1 97  ? 0.764   4.068   8.544   1.00 12.61 ? 97  LEU X N   1 
ATOM   670 C  CA  . LEU A 1 97  ? 1.467   4.480   9.772   1.00 13.76 ? 97  LEU X CA  1 
ATOM   671 C  C   . LEU A 1 97  ? 1.014   3.707   11.005  1.00 13.47 ? 97  LEU X C   1 
ATOM   672 O  O   . LEU A 1 97  ? 1.836   3.261   11.820  1.00 13.45 ? 97  LEU X O   1 
ATOM   673 C  CB  . LEU A 1 97  ? 1.168   5.968   9.997   1.00 14.68 ? 97  LEU X CB  1 
ATOM   674 C  CG  . LEU A 1 97  ? 2.145   6.997   10.562  1.00 17.70 ? 97  LEU X CG  1 
ATOM   675 C  CD1 . LEU A 1 97  ? 1.558   7.688   11.745  1.00 18.39 ? 97  LEU X CD1 1 
ATOM   676 C  CD2 . LEU A 1 97  ? 3.536   6.473   10.783  1.00 16.70 ? 97  LEU X CD2 1 
ATOM   677 N  N   . GLU A 1 98  ? -0.291  3.557   11.164  1.00 14.24 ? 98  GLU X N   1 
ATOM   678 C  CA  . GLU A 1 98  ? -0.828  2.755   12.265  1.00 14.34 ? 98  GLU X CA  1 
ATOM   679 C  C   . GLU A 1 98  ? -0.228  1.342   12.328  1.00 14.89 ? 98  GLU X C   1 
ATOM   680 O  O   . GLU A 1 98  ? -0.126  0.739   13.426  1.00 15.78 ? 98  GLU X O   1 
ATOM   681 C  CB  . GLU A 1 98  ? -2.342  2.644   12.092  1.00 15.25 ? 98  GLU X CB  1 
ATOM   682 C  CG  . GLU A 1 98  ? -3.053  2.072   13.296  1.00 15.41 ? 98  GLU X CG  1 
ATOM   683 C  CD  . GLU A 1 98  ? -3.617  3.117   14.247  1.00 17.18 ? 98  GLU X CD  1 
ATOM   684 O  OE1 . GLU A 1 98  ? -4.031  2.744   15.363  1.00 15.27 ? 98  GLU X OE1 1 
ATOM   685 O  OE2 . GLU A 1 98  ? -3.730  4.297   13.863  1.00 14.05 ? 98  GLU X OE2 1 
ATOM   686 N  N   . HIS A 1 99  ? 0.172   0.819   11.165  1.00 13.23 ? 99  HIS X N   1 
ATOM   687 C  CA  . HIS A 1 99  ? 0.540   -0.584  11.045  1.00 13.12 ? 99  HIS X CA  1 
ATOM   688 C  C   . HIS A 1 99  ? 1.992   -0.806  10.691  1.00 13.89 ? 99  HIS X C   1 
ATOM   689 O  O   . HIS A 1 99  ? 2.486   -1.927  10.774  1.00 14.74 ? 99  HIS X O   1 
ATOM   690 C  CB  . HIS A 1 99  ? -0.391  -1.273  10.056  1.00 12.01 ? 99  HIS X CB  1 
ATOM   691 C  CG  . HIS A 1 99  ? -1.819  -1.224  10.510  1.00 12.05 ? 99  HIS X CG  1 
ATOM   692 N  ND1 . HIS A 1 99  ? -2.721  -0.289  10.057  1.00 13.22 ? 99  HIS X ND1 1 
ATOM   693 C  CD2 . HIS A 1 99  ? -2.460  -1.924  11.466  1.00 10.40 ? 99  HIS X CD2 1 
ATOM   694 C  CE1 . HIS A 1 99  ? -3.862  -0.432  10.702  1.00 8.15  ? 99  HIS X CE1 1 
ATOM   695 N  NE2 . HIS A 1 99  ? -3.732  -1.431  11.553  1.00 14.96 ? 99  HIS X NE2 1 
ATOM   696 N  N   . GLY A 1 100 ? 2.685   0.267   10.334  1.00 13.61 ? 100 GLY X N   1 
ATOM   697 C  CA  . GLY A 1 100 ? 4.090   0.150   10.025  1.00 14.48 ? 100 GLY X CA  1 
ATOM   698 C  C   . GLY A 1 100 ? 4.948   1.142   10.754  1.00 14.76 ? 100 GLY X C   1 
ATOM   699 O  O   . GLY A 1 100 ? 6.150   0.951   10.839  1.00 14.59 ? 100 GLY X O   1 
ATOM   700 N  N   . GLY A 1 101 ? 4.315   2.202   11.271  1.00 15.24 ? 101 GLY X N   1 
ATOM   701 C  CA  . GLY A 1 101 ? 4.965   3.294   11.893  1.00 14.89 ? 101 GLY X CA  1 
ATOM   702 C  C   . GLY A 1 101 ? 5.794   4.065   10.889  1.00 16.63 ? 101 GLY X C   1 
ATOM   703 O  O   . GLY A 1 101 ? 5.717   3.853   9.638   1.00 15.41 ? 101 GLY X O   1 
ATOM   704 N  N   . SER A 1 102 ? 6.607   4.957   11.441  1.00 16.36 ? 102 SER X N   1 
ATOM   705 C  CA  . SER A 1 102 ? 7.353   5.910   10.630  1.00 17.11 ? 102 SER X CA  1 
ATOM   706 C  C   . SER A 1 102 ? 8.473   5.232   9.844   1.00 16.14 ? 102 SER X C   1 
ATOM   707 O  O   . SER A 1 102 ? 8.941   5.737   8.828   1.00 15.70 ? 102 SER X O   1 
ATOM   708 C  CB  . SER A 1 102 ? 7.868   7.061   11.502  1.00 16.62 ? 102 SER X CB  1 
ATOM   709 O  OG  . SER A 1 102 ? 8.786   6.540   12.435  1.00 20.03 ? 102 SER X OG  1 
ATOM   710 N  N   . GLU A 1 103 ? 8.868   4.058   10.312  1.00 16.74 ? 103 GLU X N   1 
ATOM   711 C  CA  . GLU A 1 103 ? 9.955   3.316   9.705   1.00 16.27 ? 103 GLU X CA  1 
ATOM   712 C  C   . GLU A 1 103 ? 9.535   2.449   8.534   1.00 16.09 ? 103 GLU X C   1 
ATOM   713 O  O   . GLU A 1 103 ? 10.397  1.977   7.805   1.00 16.12 ? 103 GLU X O   1 
ATOM   714 C  CB  . GLU A 1 103 ? 10.735  2.551   10.780  1.00 17.08 ? 103 GLU X CB  1 
ATOM   715 C  CG  . GLU A 1 103 ? 11.294  3.516   11.838  1.00 18.94 ? 103 GLU X CG  1 
ATOM   716 C  CD  . GLU A 1 103 ? 11.961  4.732   11.213  1.00 20.12 ? 103 GLU X CD  1 
ATOM   717 O  OE1 . GLU A 1 103 ? 11.659  5.855   11.656  1.00 24.01 ? 103 GLU X OE1 1 
ATOM   718 O  OE2 . GLU A 1 103 ? 12.734  4.591   10.227  1.00 23.37 ? 103 GLU X OE2 1 
ATOM   719 N  N   . LEU A 1 104 ? 8.218   2.290   8.318   1.00 15.26 ? 104 LEU X N   1 
ATOM   720 C  CA  . LEU A 1 104 ? 7.693   1.561   7.139   1.00 15.03 ? 104 LEU X CA  1 
ATOM   721 C  C   . LEU A 1 104 ? 8.279   2.144   5.855   1.00 14.88 ? 104 LEU X C   1 
ATOM   722 O  O   . LEU A 1 104 ? 8.132   3.343   5.574   1.00 14.99 ? 104 LEU X O   1 
ATOM   723 C  CB  . LEU A 1 104 ? 6.144   1.576   7.111   1.00 14.09 ? 104 LEU X CB  1 
ATOM   724 C  CG  . LEU A 1 104 ? 5.320   1.187   5.862   1.00 15.23 ? 104 LEU X CG  1 
ATOM   725 C  CD1 . LEU A 1 104 ? 5.617   -0.238  5.405   1.00 10.69 ? 104 LEU X CD1 1 
ATOM   726 C  CD2 . LEU A 1 104 ? 3.829   1.318   6.146   1.00 14.27 ? 104 LEU X CD2 1 
ATOM   727 N  N   . LEU A 1 105 ? 8.943   1.302   5.066   1.00 14.99 ? 105 LEU X N   1 
ATOM   728 C  CA  . LEU A 1 105 ? 9.458   1.773   3.809   1.00 14.52 ? 105 LEU X CA  1 
ATOM   729 C  C   . LEU A 1 105 ? 8.371   1.698   2.755   1.00 15.61 ? 105 LEU X C   1 
ATOM   730 O  O   . LEU A 1 105 ? 7.613   0.712   2.662   1.00 16.36 ? 105 LEU X O   1 
ATOM   731 C  CB  . LEU A 1 105 ? 10.710  0.992   3.408   1.00 15.91 ? 105 LEU X CB  1 
ATOM   732 C  CG  . LEU A 1 105 ? 11.895  1.128   4.378   1.00 13.61 ? 105 LEU X CG  1 
ATOM   733 C  CD1 . LEU A 1 105 ? 13.096  0.399   3.841   1.00 11.77 ? 105 LEU X CD1 1 
ATOM   734 C  CD2 . LEU A 1 105 ? 12.255  2.594   4.534   1.00 14.23 ? 105 LEU X CD2 1 
ATOM   735 N  N   . ILE A 1 106 ? 8.299   2.755   1.969   1.00 15.72 ? 106 ILE X N   1 
ATOM   736 C  CA  . ILE A 1 106 ? 7.368   2.895   0.874   1.00 15.15 ? 106 ILE X CA  1 
ATOM   737 C  C   . ILE A 1 106 ? 8.139   2.933   -0.452  1.00 16.32 ? 106 ILE X C   1 
ATOM   738 O  O   . ILE A 1 106 ? 9.020   3.774   -0.639  1.00 16.26 ? 106 ILE X O   1 
ATOM   739 C  CB  . ILE A 1 106 ? 6.528   4.181   1.054   1.00 14.31 ? 106 ILE X CB  1 
ATOM   740 C  CG1 . ILE A 1 106 ? 5.730   4.137   2.363   1.00 11.32 ? 106 ILE X CG1 1 
ATOM   741 C  CG2 . ILE A 1 106 ? 5.644   4.455   -0.222  1.00 13.18 ? 106 ILE X CG2 1 
ATOM   742 C  CD1 . ILE A 1 106 ? 4.719   2.954   2.419   1.00 6.89  ? 106 ILE X CD1 1 
ATOM   743 N  N   . ASP A 1 107 ? 7.781   2.051   -1.388  1.00 17.48 ? 107 ASP X N   1 
ATOM   744 C  CA  . ASP A 1 107 ? 8.560   1.920   -2.620  1.00 19.17 ? 107 ASP X CA  1 
ATOM   745 C  C   . ASP A 1 107 ? 8.670   3.262   -3.320  1.00 20.64 ? 107 ASP X C   1 
ATOM   746 O  O   . ASP A 1 107 ? 7.710   4.019   -3.377  1.00 19.71 ? 107 ASP X O   1 
ATOM   747 C  CB  . ASP A 1 107 ? 7.981   0.866   -3.581  1.00 18.69 ? 107 ASP X CB  1 
ATOM   748 C  CG  . ASP A 1 107 ? 8.983   0.392   -4.624  1.00 20.87 ? 107 ASP X CG  1 
ATOM   749 O  OD1 . ASP A 1 107 ? 10.117  0.935   -4.744  1.00 19.00 ? 107 ASP X OD1 1 
ATOM   750 O  OD2 . ASP A 1 107 ? 8.629   -0.551  -5.327  1.00 24.16 ? 107 ASP X OD2 1 
ATOM   751 N  N   . HIS A 1 108 ? 9.863   3.438   -3.883  1.00 23.31 ? 108 HIS X N   1 
ATOM   752 C  CA  . HIS A 1 108 ? 10.536  4.647   -4.443  1.00 26.87 ? 108 HIS X CA  1 
ATOM   753 C  C   . HIS A 1 108 ? 10.156  6.037   -3.854  1.00 28.55 ? 108 HIS X C   1 
ATOM   754 O  O   . HIS A 1 108 ? 9.611   6.024   -2.752  1.00 30.44 ? 108 HIS X O   1 
ATOM   755 C  CB  . HIS A 1 108 ? 11.014  4.344   -5.891  1.00 25.86 ? 108 HIS X CB  1 
ATOM   756 C  CG  . HIS A 1 108 ? 10.597  5.294   -6.965  1.00 28.29 ? 108 HIS X CG  1 
ATOM   757 N  ND1 . HIS A 1 108 ? 9.548   6.173   -6.864  1.00 32.34 ? 108 HIS X ND1 1 
ATOM   758 C  CD2 . HIS A 1 108 ? 11.094  5.448   -8.219  1.00 32.36 ? 108 HIS X CD2 1 
ATOM   759 C  CE1 . HIS A 1 108 ? 9.446   6.864   -7.987  1.00 35.18 ? 108 HIS X CE1 1 
ATOM   760 N  NE2 . HIS A 1 108 ? 10.373  6.442   -8.826  1.00 33.29 ? 108 HIS X NE2 1 
ATOM   761 N  N   . PRO A 1 109 ? 10.526  7.224   -4.423  1.00 29.94 ? 109 PRO X N   1 
ATOM   762 C  CA  . PRO A 1 109 ? 11.290  7.783   -5.536  1.00 30.75 ? 109 PRO X CA  1 
ATOM   763 C  C   . PRO A 1 109 ? 12.699  7.278   -5.613  1.00 31.77 ? 109 PRO X C   1 
ATOM   764 O  O   . PRO A 1 109 ? 13.404  7.378   -4.604  1.00 34.63 ? 109 PRO X O   1 
ATOM   765 C  CB  . PRO A 1 109 ? 11.280  9.269   -5.230  1.00 30.47 ? 109 PRO X CB  1 
ATOM   766 C  CG  . PRO A 1 109 ? 10.028  9.479   -4.529  1.00 30.36 ? 109 PRO X CG  1 
ATOM   767 C  CD  . PRO A 1 109 ? 9.914   8.318   -3.645  1.00 29.71 ? 109 PRO X CD  1 
ATOM   768 N  N   . VAL A 1 110 ? 13.118  6.729   -6.763  1.00 30.98 ? 110 VAL X N   1 
ATOM   769 C  CA  . VAL A 1 110 ? 14.498  6.233   -6.959  1.00 30.17 ? 110 VAL X CA  1 
ATOM   770 C  C   . VAL A 1 110 ? 15.154  5.567   -5.726  1.00 28.23 ? 110 VAL X C   1 
ATOM   771 O  O   . VAL A 1 110 ? 16.269  5.051   -5.809  1.00 28.84 ? 110 VAL X O   1 
ATOM   772 C  CB  . VAL A 1 110 ? 15.451  7.356   -7.475  1.00 30.79 ? 110 VAL X CB  1 
ATOM   773 C  CG1 . VAL A 1 110 ? 14.781  8.169   -8.610  1.00 31.03 ? 110 VAL X CG1 1 
ATOM   774 C  CG2 . VAL A 1 110 ? 15.925  8.289   -6.308  1.00 33.11 ? 110 VAL X CG2 1 
ATOM   775 N  N   . ARG A 1 111 ? 14.460  5.600   -4.588  1.00 25.02 ? 111 ARG X N   1 
ATOM   776 C  CA  . ARG A 1 111 ? 14.883  4.960   -3.349  1.00 22.16 ? 111 ARG X CA  1 
ATOM   777 C  C   . ARG A 1 111 ? 13.690  4.927   -2.421  1.00 20.09 ? 111 ARG X C   1 
ATOM   778 O  O   . ARG A 1 111 ? 13.093  5.960   -2.137  1.00 19.57 ? 111 ARG X O   1 
ATOM   779 C  CB  . ARG A 1 111 ? 16.027  5.717   -2.657  1.00 21.55 ? 111 ARG X CB  1 
ATOM   780 C  CG  . ARG A 1 111 ? 16.662  4.864   -1.564  1.00 22.83 ? 111 ARG X CG  1 
ATOM   781 C  CD  . ARG A 1 111 ? 17.473  5.675   -0.561  1.00 20.53 ? 111 ARG X CD  1 
ATOM   782 N  NE  . ARG A 1 111 ? 17.894  4.837   0.560   1.00 21.67 ? 111 ARG X NE  1 
ATOM   783 C  CZ  . ARG A 1 111 ? 17.917  5.233   1.824   1.00 18.20 ? 111 ARG X CZ  1 
ATOM   784 N  NH1 . ARG A 1 111 ? 17.528  6.459   2.150   1.00 20.31 ? 111 ARG X NH1 1 
ATOM   785 N  NH2 . ARG A 1 111 ? 18.345  4.410   2.755   1.00 15.88 ? 111 ARG X NH2 1 
ATOM   786 N  N   . PRO A 1 112 ? 13.345  3.742   -1.926  1.00 19.12 ? 112 PRO X N   1 
ATOM   787 C  CA  . PRO A 1 112 ? 12.189  3.699   -1.031  1.00 18.65 ? 112 PRO X CA  1 
ATOM   788 C  C   . PRO A 1 112 ? 12.277  4.753   0.090   1.00 18.84 ? 112 PRO X C   1 
ATOM   789 O  O   . PRO A 1 112 ? 13.388  5.103   0.572   1.00 18.08 ? 112 PRO X O   1 
ATOM   790 C  CB  . PRO A 1 112 ? 12.253  2.277   -0.469  1.00 18.23 ? 112 PRO X CB  1 
ATOM   791 C  CG  . PRO A 1 112 ? 12.888  1.489   -1.610  1.00 18.09 ? 112 PRO X CG  1 
ATOM   792 C  CD  . PRO A 1 112 ? 13.963  2.412   -2.102  1.00 18.23 ? 112 PRO X CD  1 
ATOM   793 N  N   . ARG A 1 113 ? 11.119  5.282   0.469   1.00 18.28 ? 113 ARG X N   1 
ATOM   794 C  CA  . ARG A 1 113 ? 11.060  6.310   1.490   1.00 18.22 ? 113 ARG X CA  1 
ATOM   795 C  C   . ARG A 1 113 ? 10.492  5.768   2.797   1.00 17.62 ? 113 ARG X C   1 
ATOM   796 O  O   . ARG A 1 113 ? 9.676   4.872   2.780   1.00 17.61 ? 113 ARG X O   1 
ATOM   797 C  CB  . ARG A 1 113 ? 10.231  7.510   1.014   1.00 18.22 ? 113 ARG X CB  1 
ATOM   798 C  CG  . ARG A 1 113 ? 10.772  8.267   -0.201  1.00 21.95 ? 113 ARG X CG  1 
ATOM   799 C  CD  . ARG A 1 113 ? 12.198  8.753   -0.036  1.00 26.80 ? 113 ARG X CD  1 
ATOM   800 N  NE  . ARG A 1 113 ? 12.532  9.848   -0.953  1.00 30.73 ? 113 ARG X NE  1 
ATOM   801 C  CZ  . ARG A 1 113 ? 13.203  9.719   -2.102  1.00 28.66 ? 113 ARG X CZ  1 
ATOM   802 N  NH1 . ARG A 1 113 ? 13.625  8.535   -2.500  1.00 24.80 ? 113 ARG X NH1 1 
ATOM   803 N  NH2 . ARG A 1 113 ? 13.452  10.792  -2.858  1.00 29.28 ? 113 ARG X NH2 1 
ATOM   804 N  N   . ARG A 1 114 ? 10.937  6.327   3.920   1.00 16.83 ? 114 ARG X N   1 
ATOM   805 C  CA  . ARG A 1 114 ? 10.338  6.061   5.218   1.00 16.02 ? 114 ARG X CA  1 
ATOM   806 C  C   . ARG A 1 114 ? 8.953   6.688   5.166   1.00 15.76 ? 114 ARG X C   1 
ATOM   807 O  O   . ARG A 1 114 ? 8.759   7.726   4.528   1.00 14.93 ? 114 ARG X O   1 
ATOM   808 C  CB  . ARG A 1 114 ? 11.129  6.698   6.356   1.00 15.49 ? 114 ARG X CB  1 
ATOM   809 C  CG  . ARG A 1 114 ? 12.512  6.165   6.589   1.00 16.77 ? 114 ARG X CG  1 
ATOM   810 C  CD  . ARG A 1 114 ? 13.256  7.086   7.619   1.00 16.32 ? 114 ARG X CD  1 
ATOM   811 N  NE  . ARG A 1 114 ? 12.561  7.205   8.893   1.00 19.71 ? 114 ARG X NE  1 
ATOM   812 C  CZ  . ARG A 1 114 ? 11.851  8.266   9.319   1.00 18.52 ? 114 ARG X CZ  1 
ATOM   813 N  NH1 . ARG A 1 114 ? 11.267  8.223   10.510  1.00 19.42 ? 114 ARG X NH1 1 
ATOM   814 N  NH2 . ARG A 1 114 ? 11.724  9.366   8.602   1.00 20.79 ? 114 ARG X NH2 1 
ATOM   815 N  N   . LEU A 1 115 ? 7.980   6.040   5.795   1.00 16.04 ? 115 LEU X N   1 
ATOM   816 C  CA  . LEU A 1 115 ? 6.632   6.639   5.862   1.00 15.75 ? 115 LEU X CA  1 
ATOM   817 C  C   . LEU A 1 115 ? 6.707   7.940   6.634   1.00 16.24 ? 115 LEU X C   1 
ATOM   818 O  O   . LEU A 1 115 ? 6.019   8.889   6.282   1.00 16.23 ? 115 LEU X O   1 
ATOM   819 C  CB  . LEU A 1 115 ? 5.648   5.702   6.540   1.00 16.74 ? 115 LEU X CB  1 
ATOM   820 C  CG  . LEU A 1 115 ? 4.181   5.776   6.118   1.00 15.82 ? 115 LEU X CG  1 
ATOM   821 C  CD1 . LEU A 1 115 ? 3.369   4.954   7.117   1.00 13.74 ? 115 LEU X CD1 1 
ATOM   822 C  CD2 . LEU A 1 115 ? 3.693   7.147   6.026   1.00 12.34 ? 115 LEU X CD2 1 
ATOM   823 N  N   . GLY A 1 116 ? 7.568   7.962   7.664   1.00 15.83 ? 116 GLY X N   1 
ATOM   824 C  CA  . GLY A 1 116 ? 7.786   9.124   8.492   1.00 15.27 ? 116 GLY X CA  1 
ATOM   825 C  C   . GLY A 1 116 ? 8.094   10.342  7.675   1.00 15.55 ? 116 GLY X C   1 
ATOM   826 O  O   . GLY A 1 116 ? 7.704   11.436  8.045   1.00 14.67 ? 116 GLY X O   1 
ATOM   827 N  N   . ASP A 1 117 ? 8.789   10.149  6.555   1.00 14.96 ? 117 ASP X N   1 
ATOM   828 C  CA  . ASP A 1 117 ? 9.139   11.268  5.689   1.00 16.32 ? 117 ASP X CA  1 
ATOM   829 C  C   . ASP A 1 117 ? 8.017   11.605  4.750   1.00 15.98 ? 117 ASP X C   1 
ATOM   830 O  O   . ASP A 1 117 ? 7.941   12.716  4.272   1.00 17.04 ? 117 ASP X O   1 
ATOM   831 C  CB  . ASP A 1 117 ? 10.406  10.980  4.886   1.00 17.23 ? 117 ASP X CB  1 
ATOM   832 C  CG  . ASP A 1 117 ? 11.642  11.014  5.745   1.00 17.46 ? 117 ASP X CG  1 
ATOM   833 O  OD1 . ASP A 1 117 ? 11.750  11.948  6.560   1.00 19.97 ? 117 ASP X OD1 1 
ATOM   834 O  OD2 . ASP A 1 117 ? 12.479  10.097  5.603   1.00 19.60 ? 117 ASP X OD2 1 
ATOM   835 N  N   . LEU A 1 118 ? 7.136   10.645  4.510   1.00 15.20 ? 118 LEU X N   1 
ATOM   836 C  CA  . LEU A 1 118 ? 6.000   10.865  3.609   1.00 15.02 ? 118 LEU X CA  1 
ATOM   837 C  C   . LEU A 1 118 ? 4.808   11.494  4.325   1.00 13.70 ? 118 LEU X C   1 
ATOM   838 O  O   . LEU A 1 118 ? 3.940   12.098  3.714   1.00 12.37 ? 118 LEU X O   1 
ATOM   839 C  CB  . LEU A 1 118 ? 5.612   9.544   2.937   1.00 13.42 ? 118 LEU X CB  1 
ATOM   840 C  CG  . LEU A 1 118 ? 6.672   9.187   1.906   1.00 12.25 ? 118 LEU X CG  1 
ATOM   841 C  CD1 . LEU A 1 118 ? 6.378   7.784   1.357   1.00 13.93 ? 118 LEU X CD1 1 
ATOM   842 C  CD2 . LEU A 1 118 ? 6.735   10.251  0.747   1.00 12.58 ? 118 LEU X CD2 1 
ATOM   843 N  N   . LEU A 1 119 ? 4.808   11.330  5.641   1.00 13.58 ? 119 LEU X N   1 
ATOM   844 C  CA  . LEU A 1 119 ? 3.794   11.892  6.509   1.00 12.67 ? 119 LEU X CA  1 
ATOM   845 C  C   . LEU A 1 119 ? 4.498   12.446  7.725   1.00 13.44 ? 119 LEU X C   1 
ATOM   846 O  O   . LEU A 1 119 ? 4.389   11.867  8.804   1.00 13.14 ? 119 LEU X O   1 
ATOM   847 C  CB  . LEU A 1 119 ? 2.815   10.810  6.954   1.00 12.03 ? 119 LEU X CB  1 
ATOM   848 C  CG  . LEU A 1 119 ? 1.465   11.262  7.475   1.00 12.30 ? 119 LEU X CG  1 
ATOM   849 C  CD1 . LEU A 1 119 ? 0.675   11.918  6.323   1.00 8.71  ? 119 LEU X CD1 1 
ATOM   850 C  CD2 . LEU A 1 119 ? 0.733   10.055  8.092   1.00 10.93 ? 119 LEU X CD2 1 
ATOM   851 N  N   . PRO A 1 120 ? 5.219   13.573  7.563   1.00 13.63 ? 120 PRO X N   1 
ATOM   852 C  CA  . PRO A 1 120 ? 5.977   14.073  8.710   1.00 14.26 ? 120 PRO X CA  1 
ATOM   853 C  C   . PRO A 1 120 ? 5.068   14.647  9.786   1.00 14.83 ? 120 PRO X C   1 
ATOM   854 O  O   . PRO A 1 120 ? 3.936   15.055  9.499   1.00 15.31 ? 120 PRO X O   1 
ATOM   855 C  CB  . PRO A 1 120 ? 6.873   15.147  8.111   1.00 13.29 ? 120 PRO X CB  1 
ATOM   856 C  CG  . PRO A 1 120 ? 6.156   15.566  6.853   1.00 14.52 ? 120 PRO X CG  1 
ATOM   857 C  CD  . PRO A 1 120 ? 5.336   14.436  6.381   1.00 13.44 ? 120 PRO X CD  1 
ATOM   858 N  N   . ASP A 1 121 ? 5.539   14.645  11.025  1.00 16.65 ? 121 ASP X N   1 
ATOM   859 C  CA  . ASP A 1 121 ? 4.765   15.255  12.127  1.00 17.92 ? 121 ASP X CA  1 
ATOM   860 C  C   . ASP A 1 121 ? 3.329   14.690  12.105  1.00 17.01 ? 121 ASP X C   1 
ATOM   861 O  O   . ASP A 1 121 ? 2.339   15.434  12.073  1.00 16.05 ? 121 ASP X O   1 
ATOM   862 C  CB  . ASP A 1 121 ? 4.716   16.787  11.963  1.00 19.40 ? 121 ASP X CB  1 
ATOM   863 C  CG  . ASP A 1 121 ? 6.092   17.460  12.098  1.00 25.64 ? 121 ASP X CG  1 
ATOM   864 O  OD1 . ASP A 1 121 ? 6.329   18.479  11.381  1.00 33.64 ? 121 ASP X OD1 1 
ATOM   865 O  OD2 . ASP A 1 121 ? 6.917   16.983  12.924  1.00 31.15 ? 121 ASP X OD2 1 
ATOM   866 N  N   . ALA A 1 122 ? 3.227   13.375  12.083  1.00 17.57 ? 122 ALA X N   1 
ATOM   867 C  CA  . ALA A 1 122 ? 1.953   12.718  11.802  1.00 17.77 ? 122 ALA X CA  1 
ATOM   868 C  C   . ALA A 1 122 ? 1.013   12.869  12.965  1.00 18.63 ? 122 ALA X C   1 
ATOM   869 O  O   . ALA A 1 122 ? 1.437   12.799  14.096  1.00 17.70 ? 122 ALA X O   1 
ATOM   870 C  CB  . ALA A 1 122 ? 2.157   11.251  11.499  1.00 17.52 ? 122 ALA X CB  1 
ATOM   871 N  N   . PHE A 1 123 ? -0.284  13.039  12.678  1.00 19.87 ? 123 PHE X N   1 
ATOM   872 C  CA  . PHE A 1 123 ? -1.302  12.862  13.724  1.00 21.06 ? 123 PHE X CA  1 
ATOM   873 C  C   . PHE A 1 123 ? -1.269  11.374  14.083  1.00 22.32 ? 123 PHE X C   1 
ATOM   874 O  O   . PHE A 1 123 ? -0.973  10.534  13.235  1.00 21.25 ? 123 PHE X O   1 
ATOM   875 C  CB  . PHE A 1 123 ? -2.673  13.322  13.185  1.00 20.99 ? 123 PHE X CB  1 
ATOM   876 C  CG  . PHE A 1 123 ? -3.840  12.988  14.071  1.00 22.42 ? 123 PHE X CG  1 
ATOM   877 C  CD1 . PHE A 1 123 ? -4.269  13.880  15.045  1.00 23.46 ? 123 PHE X CD1 1 
ATOM   878 C  CD2 . PHE A 1 123 ? -4.520  11.779  13.928  1.00 20.75 ? 123 PHE X CD2 1 
ATOM   879 C  CE1 . PHE A 1 123 ? -5.369  13.554  15.886  1.00 23.18 ? 123 PHE X CE1 1 
ATOM   880 C  CE2 . PHE A 1 123 ? -5.598  11.453  14.750  1.00 19.87 ? 123 PHE X CE2 1 
ATOM   881 C  CZ  . PHE A 1 123 ? -6.027  12.336  15.728  1.00 20.93 ? 123 PHE X CZ  1 
ATOM   882 N  N   . GLY A 1 124 ? -1.509  10.977  15.313  1.00 25.08 ? 124 GLY X N   1 
ATOM   883 C  CA  . GLY A 1 124 ? -1.640  11.749  16.517  1.00 29.50 ? 124 GLY X CA  1 
ATOM   884 C  C   . GLY A 1 124 ? -1.381  10.606  17.479  1.00 32.44 ? 124 GLY X C   1 
ATOM   885 O  O   . GLY A 1 124 ? -2.039  10.480  18.524  1.00 33.54 ? 124 GLY X O   1 
ATOM   886 N  N   . LEU A 1 125 ? -0.421  9.770   17.059  1.00 34.76 ? 125 LEU X N   1 
ATOM   887 C  CA  . LEU A 1 125 ? -0.085  8.451   17.620  1.00 36.59 ? 125 LEU X CA  1 
ATOM   888 C  C   . LEU A 1 125 ? -0.198  7.357   16.538  1.00 37.79 ? 125 LEU X C   1 
ATOM   889 O  O   . LEU A 1 125 ? 0.404   7.458   15.452  1.00 38.77 ? 125 LEU X O   1 
ATOM   890 C  CB  . LEU A 1 125 ? -0.911  8.084   18.873  1.00 37.02 ? 125 LEU X CB  1 
ATOM   891 C  CG  . LEU A 1 125 ? -0.324  8.452   20.246  1.00 37.38 ? 125 LEU X CG  1 
ATOM   892 C  CD1 . LEU A 1 125 ? -1.152  9.548   20.989  1.00 35.81 ? 125 LEU X CD1 1 
ATOM   893 C  CD2 . LEU A 1 125 ? -0.192  7.181   21.088  1.00 38.98 ? 125 LEU X CD2 1 
HETATM 894 ZN ZN  . ZN  B 2 .   ? -5.110  5.789   -0.625  1.00 16.73 ? 147 ZN  X ZN  1 
HETATM 895 O  O   . HOH C 3 .   ? -2.981  -10.959 0.398   1.00 11.35 ? 150 HOH X O   1 
HETATM 896 O  O   . HOH C 3 .   ? -15.509 0.400   -2.149  1.00 10.29 ? 151 HOH X O   1 
HETATM 897 O  O   . HOH C 3 .   ? -20.160 9.538   -6.194  1.00 17.73 ? 152 HOH X O   1 
HETATM 898 O  O   . HOH C 3 .   ? 7.972   3.715   -11.605 1.00 14.44 ? 153 HOH X O   1 
HETATM 899 O  O   . HOH C 3 .   ? 5.692   11.234  11.212  1.00 27.20 ? 154 HOH X O   1 
HETATM 900 O  O   . HOH C 3 .   ? 12.063  -12.194 -1.045  1.00 37.67 ? 155 HOH X O   1 
HETATM 901 O  O   . HOH C 3 .   ? 8.117   13.535  11.485  1.00 20.70 ? 156 HOH X O   1 
HETATM 902 O  O   . HOH C 3 .   ? 3.941   -14.645 1.192   1.00 16.13 ? 157 HOH X O   1 
HETATM 903 O  O   . HOH C 3 .   ? -15.246 2.555   2.222   1.00 9.48  ? 158 HOH X O   1 
HETATM 904 O  O   . HOH C 3 .   ? -12.806 -2.304  -13.320 1.00 11.74 ? 159 HOH X O   1 
HETATM 905 O  O   . HOH C 3 .   ? -3.701  5.874   -2.303  1.00 15.60 ? 160 HOH X O   1 
HETATM 906 O  O   . HOH C 3 .   ? 10.348  12.550  1.437   1.00 36.28 ? 161 HOH X O   1 
HETATM 907 O  O   . HOH C 3 .   ? 7.792   -1.004  10.276  1.00 24.77 ? 162 HOH X O   1 
HETATM 908 O  O   . HOH C 3 .   ? 6.463   -13.167 -5.966  1.00 19.47 ? 163 HOH X O   1 
HETATM 909 O  O   . HOH C 3 .   ? -0.983  -14.523 14.028  1.00 35.24 ? 164 HOH X O   1 
HETATM 910 O  O   . HOH C 3 .   ? -0.427  0.199   16.337  1.00 38.03 ? 165 HOH X O   1 
HETATM 911 O  O   . HOH C 3 .   ? -0.324  11.730  -0.939  1.00 13.03 ? 166 HOH X O   1 
HETATM 912 O  O   . HOH C 3 .   ? 12.827  8.364   3.597   1.00 20.52 ? 167 HOH X O   1 
HETATM 913 O  O   . HOH C 3 .   ? 11.079  -1.051  7.807   1.00 39.29 ? 168 HOH X O   1 
HETATM 914 O  O   . HOH C 3 .   ? -1.205  -7.328  15.216  1.00 27.15 ? 169 HOH X O   1 
HETATM 915 O  O   . HOH C 3 .   ? -1.413  14.308  17.434  1.00 23.17 ? 170 HOH X O   1 
HETATM 916 O  O   . HOH C 3 .   ? 15.429  -4.868  -4.361  1.00 26.71 ? 171 HOH X O   1 
HETATM 917 O  O   . HOH C 3 .   ? -15.872 1.824   -16.723 1.00 24.54 ? 172 HOH X O   1 
HETATM 918 O  O   . HOH C 3 .   ? -0.710  -3.322  13.284  1.00 26.79 ? 173 HOH X O   1 
HETATM 919 O  O   . HOH C 3 .   ? -2.279  6.329   12.042  1.00 17.74 ? 174 HOH X O   1 
HETATM 920 O  O   . HOH C 3 .   ? 12.004  -12.489 13.942  1.00 38.41 ? 175 HOH X O   1 
HETATM 921 O  O   . HOH C 3 .   ? 2.198   2.635   14.785  1.00 36.29 ? 176 HOH X O   1 
HETATM 922 O  O   . HOH C 3 .   ? -2.205  4.440   -15.246 1.00 36.56 ? 177 HOH X O   1 
HETATM 923 O  O   . HOH C 3 .   ? 11.529  -9.176  0.890   1.00 14.01 ? 178 HOH X O   1 
HETATM 924 O  O   . HOH C 3 .   ? 9.396   -0.608  -12.246 1.00 26.47 ? 179 HOH X O   1 
HETATM 925 O  O   . HOH C 3 .   ? 11.368  14.108  12.897  1.00 31.53 ? 180 HOH X O   1 
HETATM 926 O  O   . HOH C 3 .   ? 12.843  13.466  -0.826  1.00 31.15 ? 181 HOH X O   1 
HETATM 927 O  O   . HOH C 3 .   ? 15.078  7.830   1.691   1.00 20.21 ? 182 HOH X O   1 
HETATM 928 O  O   . HOH C 3 .   ? -9.610  2.527   1.869   1.00 9.14  ? 183 HOH X O   1 
HETATM 929 O  O   . HOH C 3 .   ? 6.260   9.335   -17.190 1.00 38.99 ? 184 HOH X O   1 
HETATM 930 O  O   . HOH C 3 .   ? 15.366  -1.909  2.210   1.00 24.16 ? 185 HOH X O   1 
HETATM 931 O  O   . HOH C 3 .   ? -19.722 3.099   -14.723 1.00 41.61 ? 186 HOH X O   1 
HETATM 932 O  O   . HOH C 3 .   ? -16.939 7.473   -15.061 1.00 27.82 ? 187 HOH X O   1 
HETATM 933 O  O   . HOH C 3 .   ? 3.289   -15.115 11.636  1.00 37.82 ? 188 HOH X O   1 
HETATM 934 O  O   . HOH C 3 .   ? -2.526  -15.005 -11.787 1.00 26.78 ? 189 HOH X O   1 
HETATM 935 O  O   . HOH C 3 .   ? -0.027  -12.011 16.848  1.00 37.34 ? 190 HOH X O   1 
HETATM 936 O  O   . HOH C 3 .   ? 19.240  -10.609 -4.613  1.00 38.20 ? 191 HOH X O   1 
HETATM 937 O  O   . HOH C 3 .   ? 10.058  -12.630 2.798   1.00 26.18 ? 192 HOH X O   1 
HETATM 938 O  O   . HOH C 3 .   ? 7.557   -13.873 -0.250  1.00 31.22 ? 193 HOH X O   1 
HETATM 939 O  O   . HOH C 3 .   ? 4.970   2.848   -3.492  1.00 15.08 ? 194 HOH X O   1 
HETATM 940 O  O   . HOH C 3 .   ? 12.581  11.118  1.962   1.00 28.40 ? 195 HOH X O   1 
HETATM 941 O  O   . HOH C 3 .   ? -9.379  -7.411  7.168   1.00 15.83 ? 196 HOH X O   1 
HETATM 942 O  O   . HOH C 3 .   ? -5.538  -8.204  -6.626  1.00 23.78 ? 197 HOH X O   1 
HETATM 943 O  O   . HOH C 3 .   ? 2.371   9.214   -7.107  1.00 14.61 ? 198 HOH X O   1 
HETATM 944 O  O   . HOH C 3 .   ? -11.778 -7.101  -9.620  1.00 22.83 ? 199 HOH X O   1 
HETATM 945 O  O   . HOH C 3 .   ? -3.697  2.798   -13.498 1.00 25.02 ? 200 HOH X O   1 
HETATM 946 O  O   . HOH C 3 .   ? -19.128 9.513   -2.049  1.00 9.60  ? 201 HOH X O   1 
HETATM 947 O  O   . HOH C 3 .   ? -9.507  -2.407  -14.158 1.00 31.40 ? 202 HOH X O   1 
HETATM 948 O  O   . HOH C 3 .   ? 3.669   11.346  -6.030  1.00 29.71 ? 203 HOH X O   1 
HETATM 949 O  O   . HOH C 3 .   ? 13.053  -9.228  4.146   1.00 36.01 ? 204 HOH X O   1 
HETATM 950 O  O   . HOH C 3 .   ? 12.958  2.710   7.897   1.00 22.07 ? 205 HOH X O   1 
HETATM 951 O  O   . HOH C 3 .   ? 9.854   13.410  8.898   1.00 33.11 ? 206 HOH X O   1 
HETATM 952 O  O   . HOH C 3 .   ? -19.248 8.293   -12.253 1.00 34.89 ? 207 HOH X O   1 
HETATM 953 O  O   . HOH C 3 .   ? -1.257  -10.036 15.601  1.00 41.30 ? 208 HOH X O   1 
HETATM 954 O  O   . HOH C 3 .   ? 2.957   14.252  16.312  1.00 39.37 ? 209 HOH X O   1 
HETATM 955 O  O   . HOH C 3 .   ? 12.129  5.925   14.315  1.00 31.07 ? 210 HOH X O   1 
HETATM 956 O  O   . HOH C 3 .   ? 11.654  -7.539  11.751  1.00 36.49 ? 211 HOH X O   1 
HETATM 957 O  O   . HOH C 3 .   ? 10.402  3.153   -12.693 1.00 42.49 ? 212 HOH X O   1 
HETATM 958 O  O   . HOH C 3 .   ? 10.094  16.185  7.841   1.00 41.28 ? 213 HOH X O   1 
HETATM 959 O  O   . HOH C 3 .   ? 12.594  -4.203  11.279  1.00 34.11 ? 214 HOH X O   1 
HETATM 960 O  O   . HOH C 3 .   ? 16.819  -12.018 1.677   1.00 37.55 ? 215 HOH X O   1 
HETATM 961 O  O   . HOH C 3 .   ? 7.984   -6.768  14.292  1.00 27.97 ? 216 HOH X O   1 
HETATM 962 O  O   . HOH C 3 .   ? 12.907  2.206   -9.629  1.00 26.73 ? 217 HOH X O   1 
HETATM 963 O  O   . HOH C 3 .   ? 6.152   8.233   -7.522  1.00 28.87 ? 218 HOH X O   1 
HETATM 964 O  O   . HOH C 3 .   ? -7.758  -10.443 -11.413 1.00 35.95 ? 219 HOH X O   1 
HETATM 965 O  O   . HOH C 3 .   ? -4.596  -7.776  -4.332  1.00 21.21 ? 220 HOH X O   1 
HETATM 966 O  O   . HOH C 3 .   ? -4.692  -10.133 12.822  1.00 34.06 ? 221 HOH X O   1 
HETATM 967 O  O   . HOH C 3 .   ? -3.912  -10.717 -14.582 1.00 27.46 ? 222 HOH X O   1 
HETATM 968 O  O   . HOH C 3 .   ? 13.867  2.388   -6.098  1.00 24.75 ? 223 HOH X O   1 
HETATM 969 O  O   . HOH C 3 .   ? 16.536  2.528   -5.612  1.00 38.64 ? 224 HOH X O   1 
HETATM 970 O  O   . HOH C 3 .   ? 6.745   4.510   -15.089 1.00 31.14 ? 225 HOH X O   1 
HETATM 971 O  O   . HOH C 3 .   ? 3.424   10.802  19.305  1.00 35.95 ? 226 HOH X O   1 
HETATM 972 O  O   . HOH C 3 .   ? -14.674 5.700   -16.547 1.00 46.13 ? 227 HOH X O   1 
HETATM 973 O  O   . HOH C 3 .   ? -0.755  -7.828  -13.963 1.00 22.97 ? 228 HOH X O   1 
HETATM 974 O  O   . HOH C 3 .   ? 1.743   5.094   -15.320 1.00 24.49 ? 229 HOH X O   1 
HETATM 975 O  O   . HOH C 3 .   ? 11.608  -11.189 5.002   1.00 32.22 ? 230 HOH X O   1 
HETATM 976 O  O   . HOH C 3 .   ? 5.776   5.852   14.557  1.00 31.41 ? 231 HOH X O   1 
HETATM 977 O  O   . HOH C 3 .   ? 7.811   9.670   17.009  1.00 36.86 ? 232 HOH X O   1 
HETATM 978 O  O   . HOH C 3 .   ? 10.397  -11.379 12.311  1.00 35.93 ? 233 HOH X O   1 
HETATM 979 O  O   . HOH C 3 .   ? 6.518   6.123   -10.814 1.00 32.07 ? 234 HOH X O   1 
HETATM 980 O  O   . HOH C 3 .   ? 7.139   3.628   14.982  1.00 34.65 ? 235 HOH X O   1 
HETATM 981 O  O   . HOH C 3 .   ? 0.202   -16.177 7.446   1.00 47.09 ? 236 HOH X O   1 
HETATM 982 O  O   . HOH C 3 .   ? -1.307  -15.954 5.314   1.00 33.74 ? 237 HOH X O   1 
HETATM 983 O  O   . HOH C 3 .   ? -5.143  2.955   -3.918  1.00 15.60 ? 238 HOH X O   1 
# 
loop_
_pdbx_poly_seq_scheme.asym_id 
_pdbx_poly_seq_scheme.entity_id 
_pdbx_poly_seq_scheme.seq_id 
_pdbx_poly_seq_scheme.mon_id 
_pdbx_poly_seq_scheme.ndb_seq_num 
_pdbx_poly_seq_scheme.pdb_seq_num 
_pdbx_poly_seq_scheme.auth_seq_num 
_pdbx_poly_seq_scheme.pdb_mon_id 
_pdbx_poly_seq_scheme.auth_mon_id 
_pdbx_poly_seq_scheme.pdb_strand_id 
_pdbx_poly_seq_scheme.pdb_ins_code 
_pdbx_poly_seq_scheme.hetero 
A 1 1   MET 1   1   ?   ?   ?   X . n 
A 1 2   PRO 2   2   ?   ?   ?   X . n 
A 1 3   ASP 3   3   3   ASP ASP X . n 
A 1 4   VAL 4   4   4   VAL VAL X . n 
A 1 5   ASP 5   5   5   ASP ASP X . n 
A 1 6   TRP 6   6   6   TRP TRP X . n 
A 1 7   ASN 7   7   7   ASN ASN X . n 
A 1 8   MET 8   8   8   MET MET X . n 
A 1 9   LEU 9   9   9   LEU LEU X . n 
A 1 10  ARG 10  10  10  ARG ARG X . n 
A 1 11  GLY 11  11  11  GLY GLY X . n 
A 1 12  ASN 12  12  12  ASN ASN X . n 
A 1 13  ALA 13  13  13  ALA ALA X . n 
A 1 14  THR 14  14  14  THR THR X . n 
A 1 15  GLN 15  15  15  GLN GLN X . n 
A 1 16  ALA 16  16  16  ALA ALA X . n 
A 1 17  ALA 17  17  17  ALA ALA X . n 
A 1 18  ALA 18  18  18  ALA ALA X . n 
A 1 19  GLY 19  19  19  GLY GLY X . n 
A 1 20  ALA 20  20  20  ALA ALA X . n 
A 1 21  TYR 21  21  21  TYR TYR X . n 
A 1 22  VAL 22  22  22  VAL VAL X . n 
A 1 23  PRO 23  23  23  PRO PRO X . n 
A 1 24  TYR 24  24  24  TYR TYR X . n 
A 1 25  SER 25  25  25  SER SER X . n 
A 1 26  ARG 26  26  26  ARG ARG X . n 
A 1 27  PHE 27  27  27  PHE PHE X . n 
A 1 28  ALA 28  28  28  ALA ALA X . n 
A 1 29  VAL 29  29  29  VAL VAL X . n 
A 1 30  GLY 30  30  30  GLY GLY X . n 
A 1 31  ALA 31  31  31  ALA ALA X . n 
A 1 32  ALA 32  32  32  ALA ALA X . n 
A 1 33  ALA 33  33  33  ALA ALA X . n 
A 1 34  LEU 34  34  34  LEU LEU X . n 
A 1 35  VAL 35  35  35  VAL VAL X . n 
A 1 36  ASP 36  36  36  ASP ASP X . n 
A 1 37  ASP 37  37  37  ASP ASP X . n 
A 1 38  GLY 38  38  38  GLY GLY X . n 
A 1 39  ARG 39  39  39  ARG ARG X . n 
A 1 40  VAL 40  40  40  VAL VAL X . n 
A 1 41  VAL 41  41  41  VAL VAL X . n 
A 1 42  THR 42  42  42  THR THR X . n 
A 1 43  GLY 43  43  43  GLY GLY X . n 
A 1 44  CYS 44  44  44  CYS CYS X . n 
A 1 45  ASN 45  45  45  ASN ASN X . n 
A 1 46  VAL 46  46  46  VAL VAL X . n 
A 1 47  GLU 47  47  47  GLU GLU X . n 
A 1 48  ASN 48  48  48  ASN ASN X . n 
A 1 49  VAL 49  49  49  VAL VAL X . n 
A 1 50  SER 50  50  50  SER SER X . n 
A 1 51  TYR 51  51  51  TYR TYR X . n 
A 1 52  GLY 52  52  52  GLY GLY X . n 
A 1 53  LEU 53  53  53  LEU LEU X . n 
A 1 54  THR 54  54  54  THR THR X . n 
A 1 55  LEU 55  55  55  LEU LEU X . n 
A 1 56  CYS 56  56  56  CYS CYS X . n 
A 1 57  ALA 57  57  57  ALA ALA X . n 
A 1 58  GLU 58  58  58  GLU GLU X . n 
A 1 59  CYS 59  59  59  CYS CYS X . n 
A 1 60  ALA 60  60  60  ALA ALA X . n 
A 1 61  VAL 61  61  61  VAL VAL X . n 
A 1 62  VAL 62  62  62  VAL VAL X . n 
A 1 63  CYS 63  63  63  CYS CYS X . n 
A 1 64  ALA 64  64  64  ALA ALA X . n 
A 1 65  LEU 65  65  65  LEU LEU X . n 
A 1 66  HIS 66  66  66  HIS HIS X . n 
A 1 67  SER 67  67  67  SER SER X . n 
A 1 68  THR 68  68  68  THR THR X . n 
A 1 69  GLY 69  69  69  GLY GLY X . n 
A 1 70  GLY 70  70  70  GLY GLY X . n 
A 1 71  GLY 71  71  71  GLY GLY X . n 
A 1 72  ARG 72  72  72  ARG ARG X . n 
A 1 73  LEU 73  73  73  LEU LEU X . n 
A 1 74  LEU 74  74  74  LEU LEU X . n 
A 1 75  ALA 75  75  75  ALA ALA X . n 
A 1 76  LEU 76  76  76  LEU LEU X . n 
A 1 77  ALA 77  77  77  ALA ALA X . n 
A 1 78  CYS 78  78  78  CYS CYS X . n 
A 1 79  VAL 79  79  79  VAL VAL X . n 
A 1 80  ASP 80  80  80  ASP ASP X . n 
A 1 81  GLY 81  81  81  GLY GLY X . n 
A 1 82  HIS 82  82  82  HIS HIS X . n 
A 1 83  GLY 83  83  83  GLY GLY X . n 
A 1 84  SER 84  84  84  SER SER X . n 
A 1 85  VAL 85  85  85  VAL VAL X . n 
A 1 86  LEU 86  86  86  LEU LEU X . n 
A 1 87  MET 87  87  87  MET MET X . n 
A 1 88  PRO 88  88  88  PRO PRO X . n 
A 1 89  CYS 89  89  89  CYS CYS X . n 
A 1 90  GLY 90  90  90  GLY GLY X . n 
A 1 91  ARG 91  91  91  ARG ARG X . n 
A 1 92  CYS 92  92  92  CYS CYS X . n 
A 1 93  ARG 93  93  93  ARG ARG X . n 
A 1 94  GLN 94  94  94  GLN GLN X . n 
A 1 95  VAL 95  95  95  VAL VAL X . n 
A 1 96  LEU 96  96  96  LEU LEU X . n 
A 1 97  LEU 97  97  97  LEU LEU X . n 
A 1 98  GLU 98  98  98  GLU GLU X . n 
A 1 99  HIS 99  99  99  HIS HIS X . n 
A 1 100 GLY 100 100 100 GLY GLY X . n 
A 1 101 GLY 101 101 101 GLY GLY X . n 
A 1 102 SER 102 102 102 SER SER X . n 
A 1 103 GLU 103 103 103 GLU GLU X . n 
A 1 104 LEU 104 104 104 LEU LEU X . n 
A 1 105 LEU 105 105 105 LEU LEU X . n 
A 1 106 ILE 106 106 106 ILE ILE X . n 
A 1 107 ASP 107 107 107 ASP ASP X . n 
A 1 108 HIS 108 108 108 HIS HIS X . n 
A 1 109 PRO 109 109 109 PRO PRO X . n 
A 1 110 VAL 110 110 110 VAL VAL X . n 
A 1 111 ARG 111 111 111 ARG ARG X . n 
A 1 112 PRO 112 112 112 PRO PRO X . n 
A 1 113 ARG 113 113 113 ARG ARG X . n 
A 1 114 ARG 114 114 114 ARG ARG X . n 
A 1 115 LEU 115 115 115 LEU LEU X . n 
A 1 116 GLY 116 116 116 GLY GLY X . n 
A 1 117 ASP 117 117 117 ASP ASP X . n 
A 1 118 LEU 118 118 118 LEU LEU X . n 
A 1 119 LEU 119 119 119 LEU LEU X . n 
A 1 120 PRO 120 120 120 PRO PRO X . n 
A 1 121 ASP 121 121 121 ASP ASP X . n 
A 1 122 ALA 122 122 122 ALA ALA X . n 
A 1 123 PHE 123 123 123 PHE PHE X . n 
A 1 124 GLY 124 124 124 GLY GLY X . n 
A 1 125 LEU 125 125 125 LEU LEU X . n 
A 1 126 ASP 126 126 ?   ?   ?   X . n 
A 1 127 ASP 127 127 ?   ?   ?   X . n 
A 1 128 LEU 128 128 ?   ?   ?   X . n 
A 1 129 PRO 129 129 ?   ?   ?   X . n 
A 1 130 ARG 130 130 ?   ?   ?   X . n 
A 1 131 GLU 131 131 ?   ?   ?   X . n 
A 1 132 ARG 132 132 ?   ?   ?   X . n 
A 1 133 ARG 133 133 ?   ?   ?   X . n 
# 
loop_
_pdbx_nonpoly_scheme.asym_id 
_pdbx_nonpoly_scheme.entity_id 
_pdbx_nonpoly_scheme.mon_id 
_pdbx_nonpoly_scheme.ndb_seq_num 
_pdbx_nonpoly_scheme.pdb_seq_num 
_pdbx_nonpoly_scheme.auth_seq_num 
_pdbx_nonpoly_scheme.pdb_mon_id 
_pdbx_nonpoly_scheme.auth_mon_id 
_pdbx_nonpoly_scheme.pdb_strand_id 
_pdbx_nonpoly_scheme.pdb_ins_code 
B 2 ZN  1  147 147 ZN  ZN  X . 
C 3 HOH 1  150 150 HOH HOH X . 
C 3 HOH 2  151 151 HOH HOH X . 
C 3 HOH 3  152 152 HOH HOH X . 
C 3 HOH 4  153 153 HOH HOH X . 
C 3 HOH 5  154 154 HOH HOH X . 
C 3 HOH 6  155 155 HOH HOH X . 
C 3 HOH 7  156 156 HOH HOH X . 
C 3 HOH 8  157 157 HOH HOH X . 
C 3 HOH 9  158 158 HOH HOH X . 
C 3 HOH 10 159 159 HOH HOH X . 
C 3 HOH 11 160 160 HOH HOH X . 
C 3 HOH 12 161 161 HOH HOH X . 
C 3 HOH 13 162 162 HOH HOH X . 
C 3 HOH 14 163 163 HOH HOH X . 
C 3 HOH 15 164 164 HOH HOH X . 
C 3 HOH 16 165 165 HOH HOH X . 
C 3 HOH 17 166 166 HOH HOH X . 
C 3 HOH 18 167 167 HOH HOH X . 
C 3 HOH 19 168 168 HOH HOH X . 
C 3 HOH 20 169 169 HOH HOH X . 
C 3 HOH 21 170 170 HOH HOH X . 
C 3 HOH 22 171 171 HOH HOH X . 
C 3 HOH 23 172 172 HOH HOH X . 
C 3 HOH 24 173 173 HOH HOH X . 
C 3 HOH 25 174 174 HOH HOH X . 
C 3 HOH 26 175 175 HOH HOH X . 
C 3 HOH 27 176 176 HOH HOH X . 
C 3 HOH 28 177 177 HOH HOH X . 
C 3 HOH 29 178 178 HOH HOH X . 
C 3 HOH 30 179 179 HOH HOH X . 
C 3 HOH 31 180 180 HOH HOH X . 
C 3 HOH 32 181 181 HOH HOH X . 
C 3 HOH 33 182 182 HOH HOH X . 
C 3 HOH 34 183 183 HOH HOH X . 
C 3 HOH 35 184 184 HOH HOH X . 
C 3 HOH 36 185 185 HOH HOH X . 
C 3 HOH 37 186 186 HOH HOH X . 
C 3 HOH 38 187 187 HOH HOH X . 
C 3 HOH 39 188 188 HOH HOH X . 
C 3 HOH 40 189 189 HOH HOH X . 
C 3 HOH 41 190 190 HOH HOH X . 
C 3 HOH 42 191 191 HOH HOH X . 
C 3 HOH 43 192 192 HOH HOH X . 
C 3 HOH 44 193 193 HOH HOH X . 
C 3 HOH 45 194 194 HOH HOH X . 
C 3 HOH 46 195 195 HOH HOH X . 
C 3 HOH 47 196 196 HOH HOH X . 
C 3 HOH 48 197 197 HOH HOH X . 
C 3 HOH 49 198 198 HOH HOH X . 
C 3 HOH 50 199 199 HOH HOH X . 
C 3 HOH 51 200 200 HOH HOH X . 
C 3 HOH 52 201 201 HOH HOH X . 
C 3 HOH 53 202 202 HOH HOH X . 
C 3 HOH 54 203 203 HOH HOH X . 
C 3 HOH 55 204 204 HOH HOH X . 
C 3 HOH 56 205 205 HOH HOH X . 
C 3 HOH 57 206 206 HOH HOH X . 
C 3 HOH 58 207 207 HOH HOH X . 
C 3 HOH 59 208 208 HOH HOH X . 
C 3 HOH 60 209 209 HOH HOH X . 
C 3 HOH 61 210 210 HOH HOH X . 
C 3 HOH 62 211 211 HOH HOH X . 
C 3 HOH 63 212 212 HOH HOH X . 
C 3 HOH 64 213 213 HOH HOH X . 
C 3 HOH 65 214 214 HOH HOH X . 
C 3 HOH 66 215 215 HOH HOH X . 
C 3 HOH 67 216 216 HOH HOH X . 
C 3 HOH 68 217 217 HOH HOH X . 
C 3 HOH 69 218 218 HOH HOH X . 
C 3 HOH 70 219 219 HOH HOH X . 
C 3 HOH 71 220 220 HOH HOH X . 
C 3 HOH 72 221 221 HOH HOH X . 
C 3 HOH 73 222 222 HOH HOH X . 
C 3 HOH 74 223 223 HOH HOH X . 
C 3 HOH 75 224 224 HOH HOH X . 
C 3 HOH 76 225 225 HOH HOH X . 
C 3 HOH 77 226 226 HOH HOH X . 
C 3 HOH 78 227 227 HOH HOH X . 
C 3 HOH 79 228 228 HOH HOH X . 
C 3 HOH 80 229 229 HOH HOH X . 
C 3 HOH 81 230 230 HOH HOH X . 
C 3 HOH 82 231 231 HOH HOH X . 
C 3 HOH 83 232 232 HOH HOH X . 
C 3 HOH 84 233 233 HOH HOH X . 
C 3 HOH 85 234 234 HOH HOH X . 
C 3 HOH 86 235 235 HOH HOH X . 
C 3 HOH 87 236 236 HOH HOH X . 
C 3 HOH 88 237 237 HOH HOH X . 
C 3 HOH 89 238 238 HOH HOH X . 
# 
loop_
_pdbx_struct_assembly.id 
_pdbx_struct_assembly.details 
_pdbx_struct_assembly.method_details 
_pdbx_struct_assembly.oligomeric_details 
_pdbx_struct_assembly.oligomeric_count 
1 software_defined_assembly PISA tetrameric 4 
2 software_defined_assembly PISA dimeric    2 
3 software_defined_assembly PISA dimeric    2 
# 
loop_
_pdbx_struct_assembly_gen.assembly_id 
_pdbx_struct_assembly_gen.oper_expression 
_pdbx_struct_assembly_gen.asym_id_list 
1 1,2,3,4 A,B,C 
2 1,3     A,B,C 
3 1,4     A,B,C 
# 
loop_
_pdbx_struct_assembly_prop.biol_id 
_pdbx_struct_assembly_prop.type 
_pdbx_struct_assembly_prop.value 
_pdbx_struct_assembly_prop.details 
1 'ABSA (A^2)' 8960  ? 
1 MORE         -229  ? 
1 'SSA (A^2)'  17120 ? 
2 'ABSA (A^2)' 2410  ? 
2 MORE         -92   ? 
2 'SSA (A^2)'  10640 ? 
3 'ABSA (A^2)' 1030  ? 
3 MORE         -86   ? 
3 'SSA (A^2)'  12020 ? 
# 
loop_
_pdbx_struct_oper_list.id 
_pdbx_struct_oper_list.type 
_pdbx_struct_oper_list.name 
_pdbx_struct_oper_list.symmetry_operation 
_pdbx_struct_oper_list.matrix[1][1] 
_pdbx_struct_oper_list.matrix[1][2] 
_pdbx_struct_oper_list.matrix[1][3] 
_pdbx_struct_oper_list.vector[1] 
_pdbx_struct_oper_list.matrix[2][1] 
_pdbx_struct_oper_list.matrix[2][2] 
_pdbx_struct_oper_list.matrix[2][3] 
_pdbx_struct_oper_list.vector[2] 
_pdbx_struct_oper_list.matrix[3][1] 
_pdbx_struct_oper_list.matrix[3][2] 
_pdbx_struct_oper_list.matrix[3][3] 
_pdbx_struct_oper_list.vector[3] 
1 'identity operation'         1_555 x,y,z     1.0000000000  0.0000000000  0.0000000000  0.0000000000   0.0000000000  1.0000000000  0.0000000000  0.0000000000  0.0000000000  0.0000000000  1.0000000000  0.0000000000 
2 'crystal symmetry operation' 2_555 -x,-y,z   0.7396840361  0.6729515849  0.0019212141  -8.4676194586  0.6729515849  -0.7396861578 0.0007431718  21.8650654697 0.0019212141  0.0007431718  -0.9999978783 8.7715024118 
3 'crystal symmetry operation' 3_556 -x,y,-z+1 -0.7442534781 -0.6608684512 -0.0966418671 -19.3548925772 -0.6608684512 0.7077343090  0.2497299302  -8.2870900678 -0.0966418671 0.2497299302  -0.9634808309 5.4503284783 
4 'crystal symmetry operation' 4_556 x,-y,-z+1 -0.9954305580 -0.0120831337 0.0947206530  -28.3504636664 -0.0120831337 -0.9680481512 -0.2504731019 14.9740561761 0.0947206530  -0.2504731019 0.9634787092  3.2778418734 
# 
loop_
_pdbx_struct_conn_angle.id 
_pdbx_struct_conn_angle.ptnr1_label_atom_id 
_pdbx_struct_conn_angle.ptnr1_label_alt_id 
_pdbx_struct_conn_angle.ptnr1_label_asym_id 
_pdbx_struct_conn_angle.ptnr1_label_comp_id 
_pdbx_struct_conn_angle.ptnr1_label_seq_id 
_pdbx_struct_conn_angle.ptnr1_auth_atom_id 
_pdbx_struct_conn_angle.ptnr1_auth_asym_id 
_pdbx_struct_conn_angle.ptnr1_auth_comp_id 
_pdbx_struct_conn_angle.ptnr1_auth_seq_id 
_pdbx_struct_conn_angle.ptnr1_PDB_ins_code 
_pdbx_struct_conn_angle.ptnr1_symmetry 
_pdbx_struct_conn_angle.ptnr2_label_atom_id 
_pdbx_struct_conn_angle.ptnr2_label_alt_id 
_pdbx_struct_conn_angle.ptnr2_label_asym_id 
_pdbx_struct_conn_angle.ptnr2_label_comp_id 
_pdbx_struct_conn_angle.ptnr2_label_seq_id 
_pdbx_struct_conn_angle.ptnr2_auth_atom_id 
_pdbx_struct_conn_angle.ptnr2_auth_asym_id 
_pdbx_struct_conn_angle.ptnr2_auth_comp_id 
_pdbx_struct_conn_angle.ptnr2_auth_seq_id 
_pdbx_struct_conn_angle.ptnr2_PDB_ins_code 
_pdbx_struct_conn_angle.ptnr2_symmetry 
_pdbx_struct_conn_angle.ptnr3_label_atom_id 
_pdbx_struct_conn_angle.ptnr3_label_alt_id 
_pdbx_struct_conn_angle.ptnr3_label_asym_id 
_pdbx_struct_conn_angle.ptnr3_label_comp_id 
_pdbx_struct_conn_angle.ptnr3_label_seq_id 
_pdbx_struct_conn_angle.ptnr3_auth_atom_id 
_pdbx_struct_conn_angle.ptnr3_auth_asym_id 
_pdbx_struct_conn_angle.ptnr3_auth_comp_id 
_pdbx_struct_conn_angle.ptnr3_auth_seq_id 
_pdbx_struct_conn_angle.ptnr3_PDB_ins_code 
_pdbx_struct_conn_angle.ptnr3_symmetry 
_pdbx_struct_conn_angle.value 
_pdbx_struct_conn_angle.value_esd 
1 SG ? A CYS 56 ? X CYS 56 ? 1_555 ZN ? B ZN . ? X ZN 147 ? 1_555 SG ? A CYS 89 ? X CYS 89  ? 1_555 116.4 ? 
2 SG ? A CYS 56 ? X CYS 56 ? 1_555 ZN ? B ZN . ? X ZN 147 ? 1_555 SG ? A CYS 92 ? X CYS 92  ? 1_555 101.5 ? 
3 SG ? A CYS 89 ? X CYS 89 ? 1_555 ZN ? B ZN . ? X ZN 147 ? 1_555 SG ? A CYS 92 ? X CYS 92  ? 1_555 119.5 ? 
4 SG ? A CYS 56 ? X CYS 56 ? 1_555 ZN ? B ZN . ? X ZN 147 ? 1_555 O  ? C HOH .  ? X HOH 160 ? 1_555 109.0 ? 
5 SG ? A CYS 89 ? X CYS 89 ? 1_555 ZN ? B ZN . ? X ZN 147 ? 1_555 O  ? C HOH .  ? X HOH 160 ? 1_555 96.9  ? 
6 SG ? A CYS 92 ? X CYS 92 ? 1_555 ZN ? B ZN . ? X ZN 147 ? 1_555 O  ? C HOH .  ? X HOH 160 ? 1_555 113.6 ? 
# 
loop_
_pdbx_audit_revision_history.ordinal 
_pdbx_audit_revision_history.data_content_type 
_pdbx_audit_revision_history.major_revision 
_pdbx_audit_revision_history.minor_revision 
_pdbx_audit_revision_history.revision_date 
1 'Structure model' 1 0 2010-03-02 
2 'Structure model' 1 1 2011-07-13 
3 'Structure model' 1 2 2023-09-06 
# 
_pdbx_audit_revision_details.ordinal             1 
_pdbx_audit_revision_details.revision_ordinal    1 
_pdbx_audit_revision_details.data_content_type   'Structure model' 
_pdbx_audit_revision_details.provider            repository 
_pdbx_audit_revision_details.type                'Initial release' 
_pdbx_audit_revision_details.description         ? 
_pdbx_audit_revision_details.details             ? 
# 
loop_
_pdbx_audit_revision_group.ordinal 
_pdbx_audit_revision_group.revision_ordinal 
_pdbx_audit_revision_group.data_content_type 
_pdbx_audit_revision_group.group 
1 2 'Structure model' 'Version format compliance' 
2 3 'Structure model' 'Data collection'           
3 3 'Structure model' 'Database references'       
4 3 'Structure model' 'Derived calculations'      
5 3 'Structure model' 'Refinement description'    
# 
loop_
_pdbx_audit_revision_category.ordinal 
_pdbx_audit_revision_category.revision_ordinal 
_pdbx_audit_revision_category.data_content_type 
_pdbx_audit_revision_category.category 
1 3 'Structure model' chem_comp_atom                
2 3 'Structure model' chem_comp_bond                
3 3 'Structure model' database_2                    
4 3 'Structure model' pdbx_initial_refinement_model 
5 3 'Structure model' pdbx_struct_conn_angle        
6 3 'Structure model' struct_conn                   
7 3 'Structure model' struct_site                   
# 
loop_
_pdbx_audit_revision_item.ordinal 
_pdbx_audit_revision_item.revision_ordinal 
_pdbx_audit_revision_item.data_content_type 
_pdbx_audit_revision_item.item 
1  3 'Structure model' '_database_2.pdbx_DOI'                        
2  3 'Structure model' '_database_2.pdbx_database_accession'         
3  3 'Structure model' '_pdbx_struct_conn_angle.ptnr1_auth_comp_id'  
4  3 'Structure model' '_pdbx_struct_conn_angle.ptnr1_auth_seq_id'   
5  3 'Structure model' '_pdbx_struct_conn_angle.ptnr1_label_asym_id' 
6  3 'Structure model' '_pdbx_struct_conn_angle.ptnr1_label_atom_id' 
7  3 'Structure model' '_pdbx_struct_conn_angle.ptnr1_label_comp_id' 
8  3 'Structure model' '_pdbx_struct_conn_angle.ptnr1_label_seq_id'  
9  3 'Structure model' '_pdbx_struct_conn_angle.ptnr3_auth_comp_id'  
10 3 'Structure model' '_pdbx_struct_conn_angle.ptnr3_auth_seq_id'   
11 3 'Structure model' '_pdbx_struct_conn_angle.ptnr3_label_asym_id' 
12 3 'Structure model' '_pdbx_struct_conn_angle.ptnr3_label_atom_id' 
13 3 'Structure model' '_pdbx_struct_conn_angle.ptnr3_label_comp_id' 
14 3 'Structure model' '_pdbx_struct_conn_angle.ptnr3_label_seq_id'  
15 3 'Structure model' '_pdbx_struct_conn_angle.value'               
16 3 'Structure model' '_struct_conn.pdbx_dist_value'                
17 3 'Structure model' '_struct_conn.ptnr1_auth_comp_id'             
18 3 'Structure model' '_struct_conn.ptnr1_auth_seq_id'              
19 3 'Structure model' '_struct_conn.ptnr1_label_asym_id'            
20 3 'Structure model' '_struct_conn.ptnr1_label_atom_id'            
21 3 'Structure model' '_struct_conn.ptnr1_label_comp_id'            
22 3 'Structure model' '_struct_conn.ptnr1_label_seq_id'             
23 3 'Structure model' '_struct_conn.ptnr2_auth_comp_id'             
24 3 'Structure model' '_struct_conn.ptnr2_auth_seq_id'              
25 3 'Structure model' '_struct_conn.ptnr2_label_asym_id'            
26 3 'Structure model' '_struct_conn.ptnr2_label_atom_id'            
27 3 'Structure model' '_struct_conn.ptnr2_label_comp_id'            
28 3 'Structure model' '_struct_site.pdbx_auth_asym_id'              
29 3 'Structure model' '_struct_site.pdbx_auth_comp_id'              
30 3 'Structure model' '_struct_site.pdbx_auth_seq_id'               
# 
loop_
_software.name 
_software.classification 
_software.version 
_software.citation_id 
_software.pdbx_ordinal 
HKL-3000 'data collection' .        ? 1 
AMoRE    phasing           .        ? 2 
REFMAC   refinement        5.2.0019 ? 3 
MOSFLM   'data reduction'  .        ? 4 
SCALA    'data scaling'    .        ? 5 
# 
_pdbx_validate_close_contact.id               1 
_pdbx_validate_close_contact.PDB_model_num    1 
_pdbx_validate_close_contact.auth_atom_id_1   O 
_pdbx_validate_close_contact.auth_asym_id_1   X 
_pdbx_validate_close_contact.auth_comp_id_1   PRO 
_pdbx_validate_close_contact.auth_seq_id_1    109 
_pdbx_validate_close_contact.PDB_ins_code_1   ? 
_pdbx_validate_close_contact.label_alt_id_1   ? 
_pdbx_validate_close_contact.auth_atom_id_2   N 
_pdbx_validate_close_contact.auth_asym_id_2   X 
_pdbx_validate_close_contact.auth_comp_id_2   ARG 
_pdbx_validate_close_contact.auth_seq_id_2    111 
_pdbx_validate_close_contact.PDB_ins_code_2   ? 
_pdbx_validate_close_contact.label_alt_id_2   ? 
_pdbx_validate_close_contact.dist             2.07 
# 
loop_
_pdbx_validate_rmsd_angle.id 
_pdbx_validate_rmsd_angle.PDB_model_num 
_pdbx_validate_rmsd_angle.auth_atom_id_1 
_pdbx_validate_rmsd_angle.auth_asym_id_1 
_pdbx_validate_rmsd_angle.auth_comp_id_1 
_pdbx_validate_rmsd_angle.auth_seq_id_1 
_pdbx_validate_rmsd_angle.PDB_ins_code_1 
_pdbx_validate_rmsd_angle.label_alt_id_1 
_pdbx_validate_rmsd_angle.auth_atom_id_2 
_pdbx_validate_rmsd_angle.auth_asym_id_2 
_pdbx_validate_rmsd_angle.auth_comp_id_2 
_pdbx_validate_rmsd_angle.auth_seq_id_2 
_pdbx_validate_rmsd_angle.PDB_ins_code_2 
_pdbx_validate_rmsd_angle.label_alt_id_2 
_pdbx_validate_rmsd_angle.auth_atom_id_3 
_pdbx_validate_rmsd_angle.auth_asym_id_3 
_pdbx_validate_rmsd_angle.auth_comp_id_3 
_pdbx_validate_rmsd_angle.auth_seq_id_3 
_pdbx_validate_rmsd_angle.PDB_ins_code_3 
_pdbx_validate_rmsd_angle.label_alt_id_3 
_pdbx_validate_rmsd_angle.angle_value 
_pdbx_validate_rmsd_angle.angle_target_value 
_pdbx_validate_rmsd_angle.angle_deviation 
_pdbx_validate_rmsd_angle.angle_standard_deviation 
_pdbx_validate_rmsd_angle.linker_flag 
1 1 NE X ARG 91  ? ? CZ X ARG 91  ? ? NH1 X ARG 91  ? ? 117.25 120.30 -3.05  0.50 N 
2 1 CB X HIS 108 ? ? CA X HIS 108 ? ? C   X HIS 108 ? ? 126.92 110.40 16.52  2.00 N 
3 1 C  X HIS 108 ? ? N  X PRO 109 ? ? CA  X PRO 109 ? ? 142.23 127.00 15.23  2.40 Y 
4 1 N  X GLY 124 ? ? CA X GLY 124 ? ? C   X GLY 124 ? ? 96.39  113.10 -16.71 2.50 N 
# 
loop_
_pdbx_validate_torsion.id 
_pdbx_validate_torsion.PDB_model_num 
_pdbx_validate_torsion.auth_comp_id 
_pdbx_validate_torsion.auth_asym_id 
_pdbx_validate_torsion.auth_seq_id 
_pdbx_validate_torsion.PDB_ins_code 
_pdbx_validate_torsion.label_alt_id 
_pdbx_validate_torsion.phi 
_pdbx_validate_torsion.psi 
1 1 ASN X 45  ? ? -36.07 128.75  
2 1 HIS X 108 ? ? 28.29  -168.65 
3 1 VAL X 110 ? ? 36.34  -5.12   
# 
loop_
_pdbx_unobs_or_zero_occ_residues.id 
_pdbx_unobs_or_zero_occ_residues.PDB_model_num 
_pdbx_unobs_or_zero_occ_residues.polymer_flag 
_pdbx_unobs_or_zero_occ_residues.occupancy_flag 
_pdbx_unobs_or_zero_occ_residues.auth_asym_id 
_pdbx_unobs_or_zero_occ_residues.auth_comp_id 
_pdbx_unobs_or_zero_occ_residues.auth_seq_id 
_pdbx_unobs_or_zero_occ_residues.PDB_ins_code 
_pdbx_unobs_or_zero_occ_residues.label_asym_id 
_pdbx_unobs_or_zero_occ_residues.label_comp_id 
_pdbx_unobs_or_zero_occ_residues.label_seq_id 
1  1 Y 1 X MET 1   ? A MET 1   
2  1 Y 1 X PRO 2   ? A PRO 2   
3  1 Y 1 X ASP 126 ? A ASP 126 
4  1 Y 1 X ASP 127 ? A ASP 127 
5  1 Y 1 X LEU 128 ? A LEU 128 
6  1 Y 1 X PRO 129 ? A PRO 129 
7  1 Y 1 X ARG 130 ? A ARG 130 
8  1 Y 1 X GLU 131 ? A GLU 131 
9  1 Y 1 X ARG 132 ? A ARG 132 
10 1 Y 1 X ARG 133 ? A ARG 133 
# 
loop_
_chem_comp_atom.comp_id 
_chem_comp_atom.atom_id 
_chem_comp_atom.type_symbol 
_chem_comp_atom.pdbx_aromatic_flag 
_chem_comp_atom.pdbx_stereo_config 
_chem_comp_atom.pdbx_ordinal 
ALA N    N  N N 1   
ALA CA   C  N S 2   
ALA C    C  N N 3   
ALA O    O  N N 4   
ALA CB   C  N N 5   
ALA OXT  O  N N 6   
ALA H    H  N N 7   
ALA H2   H  N N 8   
ALA HA   H  N N 9   
ALA HB1  H  N N 10  
ALA HB2  H  N N 11  
ALA HB3  H  N N 12  
ALA HXT  H  N N 13  
ARG N    N  N N 14  
ARG CA   C  N S 15  
ARG C    C  N N 16  
ARG O    O  N N 17  
ARG CB   C  N N 18  
ARG CG   C  N N 19  
ARG CD   C  N N 20  
ARG NE   N  N N 21  
ARG CZ   C  N N 22  
ARG NH1  N  N N 23  
ARG NH2  N  N N 24  
ARG OXT  O  N N 25  
ARG H    H  N N 26  
ARG H2   H  N N 27  
ARG HA   H  N N 28  
ARG HB2  H  N N 29  
ARG HB3  H  N N 30  
ARG HG2  H  N N 31  
ARG HG3  H  N N 32  
ARG HD2  H  N N 33  
ARG HD3  H  N N 34  
ARG HE   H  N N 35  
ARG HH11 H  N N 36  
ARG HH12 H  N N 37  
ARG HH21 H  N N 38  
ARG HH22 H  N N 39  
ARG HXT  H  N N 40  
ASN N    N  N N 41  
ASN CA   C  N S 42  
ASN C    C  N N 43  
ASN O    O  N N 44  
ASN CB   C  N N 45  
ASN CG   C  N N 46  
ASN OD1  O  N N 47  
ASN ND2  N  N N 48  
ASN OXT  O  N N 49  
ASN H    H  N N 50  
ASN H2   H  N N 51  
ASN HA   H  N N 52  
ASN HB2  H  N N 53  
ASN HB3  H  N N 54  
ASN HD21 H  N N 55  
ASN HD22 H  N N 56  
ASN HXT  H  N N 57  
ASP N    N  N N 58  
ASP CA   C  N S 59  
ASP C    C  N N 60  
ASP O    O  N N 61  
ASP CB   C  N N 62  
ASP CG   C  N N 63  
ASP OD1  O  N N 64  
ASP OD2  O  N N 65  
ASP OXT  O  N N 66  
ASP H    H  N N 67  
ASP H2   H  N N 68  
ASP HA   H  N N 69  
ASP HB2  H  N N 70  
ASP HB3  H  N N 71  
ASP HD2  H  N N 72  
ASP HXT  H  N N 73  
CYS N    N  N N 74  
CYS CA   C  N R 75  
CYS C    C  N N 76  
CYS O    O  N N 77  
CYS CB   C  N N 78  
CYS SG   S  N N 79  
CYS OXT  O  N N 80  
CYS H    H  N N 81  
CYS H2   H  N N 82  
CYS HA   H  N N 83  
CYS HB2  H  N N 84  
CYS HB3  H  N N 85  
CYS HG   H  N N 86  
CYS HXT  H  N N 87  
GLN N    N  N N 88  
GLN CA   C  N S 89  
GLN C    C  N N 90  
GLN O    O  N N 91  
GLN CB   C  N N 92  
GLN CG   C  N N 93  
GLN CD   C  N N 94  
GLN OE1  O  N N 95  
GLN NE2  N  N N 96  
GLN OXT  O  N N 97  
GLN H    H  N N 98  
GLN H2   H  N N 99  
GLN HA   H  N N 100 
GLN HB2  H  N N 101 
GLN HB3  H  N N 102 
GLN HG2  H  N N 103 
GLN HG3  H  N N 104 
GLN HE21 H  N N 105 
GLN HE22 H  N N 106 
GLN HXT  H  N N 107 
GLU N    N  N N 108 
GLU CA   C  N S 109 
GLU C    C  N N 110 
GLU O    O  N N 111 
GLU CB   C  N N 112 
GLU CG   C  N N 113 
GLU CD   C  N N 114 
GLU OE1  O  N N 115 
GLU OE2  O  N N 116 
GLU OXT  O  N N 117 
GLU H    H  N N 118 
GLU H2   H  N N 119 
GLU HA   H  N N 120 
GLU HB2  H  N N 121 
GLU HB3  H  N N 122 
GLU HG2  H  N N 123 
GLU HG3  H  N N 124 
GLU HE2  H  N N 125 
GLU HXT  H  N N 126 
GLY N    N  N N 127 
GLY CA   C  N N 128 
GLY C    C  N N 129 
GLY O    O  N N 130 
GLY OXT  O  N N 131 
GLY H    H  N N 132 
GLY H2   H  N N 133 
GLY HA2  H  N N 134 
GLY HA3  H  N N 135 
GLY HXT  H  N N 136 
HIS N    N  N N 137 
HIS CA   C  N S 138 
HIS C    C  N N 139 
HIS O    O  N N 140 
HIS CB   C  N N 141 
HIS CG   C  Y N 142 
HIS ND1  N  Y N 143 
HIS CD2  C  Y N 144 
HIS CE1  C  Y N 145 
HIS NE2  N  Y N 146 
HIS OXT  O  N N 147 
HIS H    H  N N 148 
HIS H2   H  N N 149 
HIS HA   H  N N 150 
HIS HB2  H  N N 151 
HIS HB3  H  N N 152 
HIS HD1  H  N N 153 
HIS HD2  H  N N 154 
HIS HE1  H  N N 155 
HIS HE2  H  N N 156 
HIS HXT  H  N N 157 
HOH O    O  N N 158 
HOH H1   H  N N 159 
HOH H2   H  N N 160 
ILE N    N  N N 161 
ILE CA   C  N S 162 
ILE C    C  N N 163 
ILE O    O  N N 164 
ILE CB   C  N S 165 
ILE CG1  C  N N 166 
ILE CG2  C  N N 167 
ILE CD1  C  N N 168 
ILE OXT  O  N N 169 
ILE H    H  N N 170 
ILE H2   H  N N 171 
ILE HA   H  N N 172 
ILE HB   H  N N 173 
ILE HG12 H  N N 174 
ILE HG13 H  N N 175 
ILE HG21 H  N N 176 
ILE HG22 H  N N 177 
ILE HG23 H  N N 178 
ILE HD11 H  N N 179 
ILE HD12 H  N N 180 
ILE HD13 H  N N 181 
ILE HXT  H  N N 182 
LEU N    N  N N 183 
LEU CA   C  N S 184 
LEU C    C  N N 185 
LEU O    O  N N 186 
LEU CB   C  N N 187 
LEU CG   C  N N 188 
LEU CD1  C  N N 189 
LEU CD2  C  N N 190 
LEU OXT  O  N N 191 
LEU H    H  N N 192 
LEU H2   H  N N 193 
LEU HA   H  N N 194 
LEU HB2  H  N N 195 
LEU HB3  H  N N 196 
LEU HG   H  N N 197 
LEU HD11 H  N N 198 
LEU HD12 H  N N 199 
LEU HD13 H  N N 200 
LEU HD21 H  N N 201 
LEU HD22 H  N N 202 
LEU HD23 H  N N 203 
LEU HXT  H  N N 204 
MET N    N  N N 205 
MET CA   C  N S 206 
MET C    C  N N 207 
MET O    O  N N 208 
MET CB   C  N N 209 
MET CG   C  N N 210 
MET SD   S  N N 211 
MET CE   C  N N 212 
MET OXT  O  N N 213 
MET H    H  N N 214 
MET H2   H  N N 215 
MET HA   H  N N 216 
MET HB2  H  N N 217 
MET HB3  H  N N 218 
MET HG2  H  N N 219 
MET HG3  H  N N 220 
MET HE1  H  N N 221 
MET HE2  H  N N 222 
MET HE3  H  N N 223 
MET HXT  H  N N 224 
PHE N    N  N N 225 
PHE CA   C  N S 226 
PHE C    C  N N 227 
PHE O    O  N N 228 
PHE CB   C  N N 229 
PHE CG   C  Y N 230 
PHE CD1  C  Y N 231 
PHE CD2  C  Y N 232 
PHE CE1  C  Y N 233 
PHE CE2  C  Y N 234 
PHE CZ   C  Y N 235 
PHE OXT  O  N N 236 
PHE H    H  N N 237 
PHE H2   H  N N 238 
PHE HA   H  N N 239 
PHE HB2  H  N N 240 
PHE HB3  H  N N 241 
PHE HD1  H  N N 242 
PHE HD2  H  N N 243 
PHE HE1  H  N N 244 
PHE HE2  H  N N 245 
PHE HZ   H  N N 246 
PHE HXT  H  N N 247 
PRO N    N  N N 248 
PRO CA   C  N S 249 
PRO C    C  N N 250 
PRO O    O  N N 251 
PRO CB   C  N N 252 
PRO CG   C  N N 253 
PRO CD   C  N N 254 
PRO OXT  O  N N 255 
PRO H    H  N N 256 
PRO HA   H  N N 257 
PRO HB2  H  N N 258 
PRO HB3  H  N N 259 
PRO HG2  H  N N 260 
PRO HG3  H  N N 261 
PRO HD2  H  N N 262 
PRO HD3  H  N N 263 
PRO HXT  H  N N 264 
SER N    N  N N 265 
SER CA   C  N S 266 
SER C    C  N N 267 
SER O    O  N N 268 
SER CB   C  N N 269 
SER OG   O  N N 270 
SER OXT  O  N N 271 
SER H    H  N N 272 
SER H2   H  N N 273 
SER HA   H  N N 274 
SER HB2  H  N N 275 
SER HB3  H  N N 276 
SER HG   H  N N 277 
SER HXT  H  N N 278 
THR N    N  N N 279 
THR CA   C  N S 280 
THR C    C  N N 281 
THR O    O  N N 282 
THR CB   C  N R 283 
THR OG1  O  N N 284 
THR CG2  C  N N 285 
THR OXT  O  N N 286 
THR H    H  N N 287 
THR H2   H  N N 288 
THR HA   H  N N 289 
THR HB   H  N N 290 
THR HG1  H  N N 291 
THR HG21 H  N N 292 
THR HG22 H  N N 293 
THR HG23 H  N N 294 
THR HXT  H  N N 295 
TRP N    N  N N 296 
TRP CA   C  N S 297 
TRP C    C  N N 298 
TRP O    O  N N 299 
TRP CB   C  N N 300 
TRP CG   C  Y N 301 
TRP CD1  C  Y N 302 
TRP CD2  C  Y N 303 
TRP NE1  N  Y N 304 
TRP CE2  C  Y N 305 
TRP CE3  C  Y N 306 
TRP CZ2  C  Y N 307 
TRP CZ3  C  Y N 308 
TRP CH2  C  Y N 309 
TRP OXT  O  N N 310 
TRP H    H  N N 311 
TRP H2   H  N N 312 
TRP HA   H  N N 313 
TRP HB2  H  N N 314 
TRP HB3  H  N N 315 
TRP HD1  H  N N 316 
TRP HE1  H  N N 317 
TRP HE3  H  N N 318 
TRP HZ2  H  N N 319 
TRP HZ3  H  N N 320 
TRP HH2  H  N N 321 
TRP HXT  H  N N 322 
TYR N    N  N N 323 
TYR CA   C  N S 324 
TYR C    C  N N 325 
TYR O    O  N N 326 
TYR CB   C  N N 327 
TYR CG   C  Y N 328 
TYR CD1  C  Y N 329 
TYR CD2  C  Y N 330 
TYR CE1  C  Y N 331 
TYR CE2  C  Y N 332 
TYR CZ   C  Y N 333 
TYR OH   O  N N 334 
TYR OXT  O  N N 335 
TYR H    H  N N 336 
TYR H2   H  N N 337 
TYR HA   H  N N 338 
TYR HB2  H  N N 339 
TYR HB3  H  N N 340 
TYR HD1  H  N N 341 
TYR HD2  H  N N 342 
TYR HE1  H  N N 343 
TYR HE2  H  N N 344 
TYR HH   H  N N 345 
TYR HXT  H  N N 346 
VAL N    N  N N 347 
VAL CA   C  N S 348 
VAL C    C  N N 349 
VAL O    O  N N 350 
VAL CB   C  N N 351 
VAL CG1  C  N N 352 
VAL CG2  C  N N 353 
VAL OXT  O  N N 354 
VAL H    H  N N 355 
VAL H2   H  N N 356 
VAL HA   H  N N 357 
VAL HB   H  N N 358 
VAL HG11 H  N N 359 
VAL HG12 H  N N 360 
VAL HG13 H  N N 361 
VAL HG21 H  N N 362 
VAL HG22 H  N N 363 
VAL HG23 H  N N 364 
VAL HXT  H  N N 365 
ZN  ZN   ZN N N 366 
# 
loop_
_chem_comp_bond.comp_id 
_chem_comp_bond.atom_id_1 
_chem_comp_bond.atom_id_2 
_chem_comp_bond.value_order 
_chem_comp_bond.pdbx_aromatic_flag 
_chem_comp_bond.pdbx_stereo_config 
_chem_comp_bond.pdbx_ordinal 
ALA N   CA   sing N N 1   
ALA N   H    sing N N 2   
ALA N   H2   sing N N 3   
ALA CA  C    sing N N 4   
ALA CA  CB   sing N N 5   
ALA CA  HA   sing N N 6   
ALA C   O    doub N N 7   
ALA C   OXT  sing N N 8   
ALA CB  HB1  sing N N 9   
ALA CB  HB2  sing N N 10  
ALA CB  HB3  sing N N 11  
ALA OXT HXT  sing N N 12  
ARG N   CA   sing N N 13  
ARG N   H    sing N N 14  
ARG N   H2   sing N N 15  
ARG CA  C    sing N N 16  
ARG CA  CB   sing N N 17  
ARG CA  HA   sing N N 18  
ARG C   O    doub N N 19  
ARG C   OXT  sing N N 20  
ARG CB  CG   sing N N 21  
ARG CB  HB2  sing N N 22  
ARG CB  HB3  sing N N 23  
ARG CG  CD   sing N N 24  
ARG CG  HG2  sing N N 25  
ARG CG  HG3  sing N N 26  
ARG CD  NE   sing N N 27  
ARG CD  HD2  sing N N 28  
ARG CD  HD3  sing N N 29  
ARG NE  CZ   sing N N 30  
ARG NE  HE   sing N N 31  
ARG CZ  NH1  sing N N 32  
ARG CZ  NH2  doub N N 33  
ARG NH1 HH11 sing N N 34  
ARG NH1 HH12 sing N N 35  
ARG NH2 HH21 sing N N 36  
ARG NH2 HH22 sing N N 37  
ARG OXT HXT  sing N N 38  
ASN N   CA   sing N N 39  
ASN N   H    sing N N 40  
ASN N   H2   sing N N 41  
ASN CA  C    sing N N 42  
ASN CA  CB   sing N N 43  
ASN CA  HA   sing N N 44  
ASN C   O    doub N N 45  
ASN C   OXT  sing N N 46  
ASN CB  CG   sing N N 47  
ASN CB  HB2  sing N N 48  
ASN CB  HB3  sing N N 49  
ASN CG  OD1  doub N N 50  
ASN CG  ND2  sing N N 51  
ASN ND2 HD21 sing N N 52  
ASN ND2 HD22 sing N N 53  
ASN OXT HXT  sing N N 54  
ASP N   CA   sing N N 55  
ASP N   H    sing N N 56  
ASP N   H2   sing N N 57  
ASP CA  C    sing N N 58  
ASP CA  CB   sing N N 59  
ASP CA  HA   sing N N 60  
ASP C   O    doub N N 61  
ASP C   OXT  sing N N 62  
ASP CB  CG   sing N N 63  
ASP CB  HB2  sing N N 64  
ASP CB  HB3  sing N N 65  
ASP CG  OD1  doub N N 66  
ASP CG  OD2  sing N N 67  
ASP OD2 HD2  sing N N 68  
ASP OXT HXT  sing N N 69  
CYS N   CA   sing N N 70  
CYS N   H    sing N N 71  
CYS N   H2   sing N N 72  
CYS CA  C    sing N N 73  
CYS CA  CB   sing N N 74  
CYS CA  HA   sing N N 75  
CYS C   O    doub N N 76  
CYS C   OXT  sing N N 77  
CYS CB  SG   sing N N 78  
CYS CB  HB2  sing N N 79  
CYS CB  HB3  sing N N 80  
CYS SG  HG   sing N N 81  
CYS OXT HXT  sing N N 82  
GLN N   CA   sing N N 83  
GLN N   H    sing N N 84  
GLN N   H2   sing N N 85  
GLN CA  C    sing N N 86  
GLN CA  CB   sing N N 87  
GLN CA  HA   sing N N 88  
GLN C   O    doub N N 89  
GLN C   OXT  sing N N 90  
GLN CB  CG   sing N N 91  
GLN CB  HB2  sing N N 92  
GLN CB  HB3  sing N N 93  
GLN CG  CD   sing N N 94  
GLN CG  HG2  sing N N 95  
GLN CG  HG3  sing N N 96  
GLN CD  OE1  doub N N 97  
GLN CD  NE2  sing N N 98  
GLN NE2 HE21 sing N N 99  
GLN NE2 HE22 sing N N 100 
GLN OXT HXT  sing N N 101 
GLU N   CA   sing N N 102 
GLU N   H    sing N N 103 
GLU N   H2   sing N N 104 
GLU CA  C    sing N N 105 
GLU CA  CB   sing N N 106 
GLU CA  HA   sing N N 107 
GLU C   O    doub N N 108 
GLU C   OXT  sing N N 109 
GLU CB  CG   sing N N 110 
GLU CB  HB2  sing N N 111 
GLU CB  HB3  sing N N 112 
GLU CG  CD   sing N N 113 
GLU CG  HG2  sing N N 114 
GLU CG  HG3  sing N N 115 
GLU CD  OE1  doub N N 116 
GLU CD  OE2  sing N N 117 
GLU OE2 HE2  sing N N 118 
GLU OXT HXT  sing N N 119 
GLY N   CA   sing N N 120 
GLY N   H    sing N N 121 
GLY N   H2   sing N N 122 
GLY CA  C    sing N N 123 
GLY CA  HA2  sing N N 124 
GLY CA  HA3  sing N N 125 
GLY C   O    doub N N 126 
GLY C   OXT  sing N N 127 
GLY OXT HXT  sing N N 128 
HIS N   CA   sing N N 129 
HIS N   H    sing N N 130 
HIS N   H2   sing N N 131 
HIS CA  C    sing N N 132 
HIS CA  CB   sing N N 133 
HIS CA  HA   sing N N 134 
HIS C   O    doub N N 135 
HIS C   OXT  sing N N 136 
HIS CB  CG   sing N N 137 
HIS CB  HB2  sing N N 138 
HIS CB  HB3  sing N N 139 
HIS CG  ND1  sing Y N 140 
HIS CG  CD2  doub Y N 141 
HIS ND1 CE1  doub Y N 142 
HIS ND1 HD1  sing N N 143 
HIS CD2 NE2  sing Y N 144 
HIS CD2 HD2  sing N N 145 
HIS CE1 NE2  sing Y N 146 
HIS CE1 HE1  sing N N 147 
HIS NE2 HE2  sing N N 148 
HIS OXT HXT  sing N N 149 
HOH O   H1   sing N N 150 
HOH O   H2   sing N N 151 
ILE N   CA   sing N N 152 
ILE N   H    sing N N 153 
ILE N   H2   sing N N 154 
ILE CA  C    sing N N 155 
ILE CA  CB   sing N N 156 
ILE CA  HA   sing N N 157 
ILE C   O    doub N N 158 
ILE C   OXT  sing N N 159 
ILE CB  CG1  sing N N 160 
ILE CB  CG2  sing N N 161 
ILE CB  HB   sing N N 162 
ILE CG1 CD1  sing N N 163 
ILE CG1 HG12 sing N N 164 
ILE CG1 HG13 sing N N 165 
ILE CG2 HG21 sing N N 166 
ILE CG2 HG22 sing N N 167 
ILE CG2 HG23 sing N N 168 
ILE CD1 HD11 sing N N 169 
ILE CD1 HD12 sing N N 170 
ILE CD1 HD13 sing N N 171 
ILE OXT HXT  sing N N 172 
LEU N   CA   sing N N 173 
LEU N   H    sing N N 174 
LEU N   H2   sing N N 175 
LEU CA  C    sing N N 176 
LEU CA  CB   sing N N 177 
LEU CA  HA   sing N N 178 
LEU C   O    doub N N 179 
LEU C   OXT  sing N N 180 
LEU CB  CG   sing N N 181 
LEU CB  HB2  sing N N 182 
LEU CB  HB3  sing N N 183 
LEU CG  CD1  sing N N 184 
LEU CG  CD2  sing N N 185 
LEU CG  HG   sing N N 186 
LEU CD1 HD11 sing N N 187 
LEU CD1 HD12 sing N N 188 
LEU CD1 HD13 sing N N 189 
LEU CD2 HD21 sing N N 190 
LEU CD2 HD22 sing N N 191 
LEU CD2 HD23 sing N N 192 
LEU OXT HXT  sing N N 193 
MET N   CA   sing N N 194 
MET N   H    sing N N 195 
MET N   H2   sing N N 196 
MET CA  C    sing N N 197 
MET CA  CB   sing N N 198 
MET CA  HA   sing N N 199 
MET C   O    doub N N 200 
MET C   OXT  sing N N 201 
MET CB  CG   sing N N 202 
MET CB  HB2  sing N N 203 
MET CB  HB3  sing N N 204 
MET CG  SD   sing N N 205 
MET CG  HG2  sing N N 206 
MET CG  HG3  sing N N 207 
MET SD  CE   sing N N 208 
MET CE  HE1  sing N N 209 
MET CE  HE2  sing N N 210 
MET CE  HE3  sing N N 211 
MET OXT HXT  sing N N 212 
PHE N   CA   sing N N 213 
PHE N   H    sing N N 214 
PHE N   H2   sing N N 215 
PHE CA  C    sing N N 216 
PHE CA  CB   sing N N 217 
PHE CA  HA   sing N N 218 
PHE C   O    doub N N 219 
PHE C   OXT  sing N N 220 
PHE CB  CG   sing N N 221 
PHE CB  HB2  sing N N 222 
PHE CB  HB3  sing N N 223 
PHE CG  CD1  doub Y N 224 
PHE CG  CD2  sing Y N 225 
PHE CD1 CE1  sing Y N 226 
PHE CD1 HD1  sing N N 227 
PHE CD2 CE2  doub Y N 228 
PHE CD2 HD2  sing N N 229 
PHE CE1 CZ   doub Y N 230 
PHE CE1 HE1  sing N N 231 
PHE CE2 CZ   sing Y N 232 
PHE CE2 HE2  sing N N 233 
PHE CZ  HZ   sing N N 234 
PHE OXT HXT  sing N N 235 
PRO N   CA   sing N N 236 
PRO N   CD   sing N N 237 
PRO N   H    sing N N 238 
PRO CA  C    sing N N 239 
PRO CA  CB   sing N N 240 
PRO CA  HA   sing N N 241 
PRO C   O    doub N N 242 
PRO C   OXT  sing N N 243 
PRO CB  CG   sing N N 244 
PRO CB  HB2  sing N N 245 
PRO CB  HB3  sing N N 246 
PRO CG  CD   sing N N 247 
PRO CG  HG2  sing N N 248 
PRO CG  HG3  sing N N 249 
PRO CD  HD2  sing N N 250 
PRO CD  HD3  sing N N 251 
PRO OXT HXT  sing N N 252 
SER N   CA   sing N N 253 
SER N   H    sing N N 254 
SER N   H2   sing N N 255 
SER CA  C    sing N N 256 
SER CA  CB   sing N N 257 
SER CA  HA   sing N N 258 
SER C   O    doub N N 259 
SER C   OXT  sing N N 260 
SER CB  OG   sing N N 261 
SER CB  HB2  sing N N 262 
SER CB  HB3  sing N N 263 
SER OG  HG   sing N N 264 
SER OXT HXT  sing N N 265 
THR N   CA   sing N N 266 
THR N   H    sing N N 267 
THR N   H2   sing N N 268 
THR CA  C    sing N N 269 
THR CA  CB   sing N N 270 
THR CA  HA   sing N N 271 
THR C   O    doub N N 272 
THR C   OXT  sing N N 273 
THR CB  OG1  sing N N 274 
THR CB  CG2  sing N N 275 
THR CB  HB   sing N N 276 
THR OG1 HG1  sing N N 277 
THR CG2 HG21 sing N N 278 
THR CG2 HG22 sing N N 279 
THR CG2 HG23 sing N N 280 
THR OXT HXT  sing N N 281 
TRP N   CA   sing N N 282 
TRP N   H    sing N N 283 
TRP N   H2   sing N N 284 
TRP CA  C    sing N N 285 
TRP CA  CB   sing N N 286 
TRP CA  HA   sing N N 287 
TRP C   O    doub N N 288 
TRP C   OXT  sing N N 289 
TRP CB  CG   sing N N 290 
TRP CB  HB2  sing N N 291 
TRP CB  HB3  sing N N 292 
TRP CG  CD1  doub Y N 293 
TRP CG  CD2  sing Y N 294 
TRP CD1 NE1  sing Y N 295 
TRP CD1 HD1  sing N N 296 
TRP CD2 CE2  doub Y N 297 
TRP CD2 CE3  sing Y N 298 
TRP NE1 CE2  sing Y N 299 
TRP NE1 HE1  sing N N 300 
TRP CE2 CZ2  sing Y N 301 
TRP CE3 CZ3  doub Y N 302 
TRP CE3 HE3  sing N N 303 
TRP CZ2 CH2  doub Y N 304 
TRP CZ2 HZ2  sing N N 305 
TRP CZ3 CH2  sing Y N 306 
TRP CZ3 HZ3  sing N N 307 
TRP CH2 HH2  sing N N 308 
TRP OXT HXT  sing N N 309 
TYR N   CA   sing N N 310 
TYR N   H    sing N N 311 
TYR N   H2   sing N N 312 
TYR CA  C    sing N N 313 
TYR CA  CB   sing N N 314 
TYR CA  HA   sing N N 315 
TYR C   O    doub N N 316 
TYR C   OXT  sing N N 317 
TYR CB  CG   sing N N 318 
TYR CB  HB2  sing N N 319 
TYR CB  HB3  sing N N 320 
TYR CG  CD1  doub Y N 321 
TYR CG  CD2  sing Y N 322 
TYR CD1 CE1  sing Y N 323 
TYR CD1 HD1  sing N N 324 
TYR CD2 CE2  doub Y N 325 
TYR CD2 HD2  sing N N 326 
TYR CE1 CZ   doub Y N 327 
TYR CE1 HE1  sing N N 328 
TYR CE2 CZ   sing Y N 329 
TYR CE2 HE2  sing N N 330 
TYR CZ  OH   sing N N 331 
TYR OH  HH   sing N N 332 
TYR OXT HXT  sing N N 333 
VAL N   CA   sing N N 334 
VAL N   H    sing N N 335 
VAL N   H2   sing N N 336 
VAL CA  C    sing N N 337 
VAL CA  CB   sing N N 338 
VAL CA  HA   sing N N 339 
VAL C   O    doub N N 340 
VAL C   OXT  sing N N 341 
VAL CB  CG1  sing N N 342 
VAL CB  CG2  sing N N 343 
VAL CB  HB   sing N N 344 
VAL CG1 HG11 sing N N 345 
VAL CG1 HG12 sing N N 346 
VAL CG1 HG13 sing N N 347 
VAL CG2 HG21 sing N N 348 
VAL CG2 HG22 sing N N 349 
VAL CG2 HG23 sing N N 350 
VAL OXT HXT  sing N N 351 
# 
loop_
_pdbx_entity_nonpoly.entity_id 
_pdbx_entity_nonpoly.name 
_pdbx_entity_nonpoly.comp_id 
2 'ZINC ION' ZN  
3 water      HOH 
# 
_pdbx_initial_refinement_model.id               1 
_pdbx_initial_refinement_model.entity_id_list   ? 
_pdbx_initial_refinement_model.type             'experimental model' 
_pdbx_initial_refinement_model.source_name      PDB 
_pdbx_initial_refinement_model.accession_code   2FR5 
_pdbx_initial_refinement_model.details          ? 
# 
